data_6K4Q
#
_entry.id   6K4Q
#
_cell.length_a   177.840
_cell.length_b   69.669
_cell.length_c   189.513
_cell.angle_alpha   90.00
_cell.angle_beta   109.35
_cell.angle_gamma   90.00
#
_symmetry.space_group_name_H-M   'C 1 2 1'
#
loop_
_entity.id
_entity.type
_entity.pdbx_description
1 polymer sgRNA
2 polymer 'DNA (28-MER)'
3 polymer "DNA (5'-D(*AP*AP*AP*CP*GP*GP*TP*AP*TP*TP*G)-3')"
4 polymer 'CRISPR-associated endonuclease Cas9/Csn1'
5 non-polymer 'PHOSPHATE ION'
6 water water
#
loop_
_entity_poly.entity_id
_entity_poly.type
_entity_poly.pdbx_seq_one_letter_code
_entity_poly.pdbx_strand_id
1 'polyribonucleotide'
;GGAUAACUCAAUUUGUAAAAAAGUUUUAGAGCUAGAAAUAGCAAGUUAAAAUAAGGCUAGUCCGUUAUCAACUUGAAAAA
GUG
;
A
2 'polydeoxyribonucleotide'
;(DC)(DA)(DA)(DT)(DA)(DC)(DC)(DG)(DT)(DT)(DT)(DT)(DT)(DT)(DA)(DC)(DA)(DA)(DA)(DT)
(DT)(DG)(DA)(DG)(DT)(DT)(DA)(DT)
;
C
3 'polydeoxyribonucleotide' (DA)(DA)(DA)(DA)(DC)(DG)(DG)(DT)(DA)(DT)(DT)(DG) D
4 'polypeptide(L)'
;MDKKYSIGLAIGTNSVGWAVITDEYKVPSKKFKVLGNTDRHSIKKNLIGALLFDSGETAEATRLKRTARRRYTRRKNRIL
YLQEIFSNEMAKVDDSFFHRLEESFLVEEDKKHERHPIFGNIVDEVAYHEKYPTIYHLRKKLVDSTDKADLRLIYLALAH
MIKFRGHFLIEGDLNPDNSDVDKLFIQLVQTYNQLFEENPINASGVDAKAILSARLSKSRRLENLIAQLPGEKKNGLFGN
LIALSLGLTPNFKSNFDLAEDTKLQLSKDTYDDDLDNLLAQIGDQYADLFLAAKNLSDAILLSDILRVNTEITKAPLSAS
MIKLYDEHHQDLTLLKALVRQQLPEKYKEIFFDQSKNGYAGYIDGGASQEEFYKFIKPILEKMDGTEELLVKLNREDLLR
KQRTFDNGIIPHQIHLGELHAILRRQEDFYPFLKDNREKIEKILTFRIPYYVGPLARGNSRFAWMTRKSEETITPWNFEK
VVDKGASAQSFIERMTNFDKNLPNEKVLPKHSLLYEYFTVYNELTKVKYVTEGMRKPAFLSGDQKKAIVDLLFKTNRKVT
VKQLKEDYFKKIEEFDSVEISGVEDRFNASLGTYHDLLKIIKDKDFLDNEENEDILEDIVLTLTLFEDREMIEERLKTYA
HLFDDKVMKQLKRRRYTGWGRLSRKLINGIRDKQSGKTILDFLKSDGFANRNFIQLIHDDSLTFKEDIQKAQVSGQGDSL
HEHIANLAGSPAIKKGILQTVKVVDELVKVMGRHKPENIVIEMARENQTTQKGQKNSRERMKRIEEGIKELGSQILKEHP
VENTQLQNEKLYLYYLQNGRDMYVDQELDINRLSDYDVDAIVPQSFLKDDSIDNKVLTRSDKNRGKSDNVPSEEVVKKMK
NYWRQLLNAKLITQRKFDNLTKAERGGLSELDKAGFIKRQLVETRQITKHVAQILDSRMNTKYDENDKLIREVKVITLKS
KLVSDFRKDFQFYKVREINNYHHAHDAYLNAVVGTALIKKYPKLESEFVYGDYKVYDVRKMIAKSEQEIGKATAKYFFYS
NIMNFFKTEITLANGEIRKRPLIETNGETGEIVWDKGRDFATVRKVLSMPQVNIVKKTEVQTGGFSKESILPKRNSDKLI
ARKKDWDPKKYGGFDSPTVAYSVLVVAKVEKGKSKKLKSVKELLGITIMERSSFEKNPIDFLEAKGYKEVKKDLIIKLPK
YSLFELENGRKRMLASAGVLQKGNELALPSKYVNFLYLASHYEKLKGSPEDNEQKQLFVEQHKHYLDEIIEQISEFSKRV
ILADANLDKVLSAYNKHRDKPIREQAENIIHLFTLTNLGAPAAFKYFDTTIDRKRYTSTKEVLDATLIHQSITGLYETRI
DLSQLGGD
;
B
#
loop_
_chem_comp.id
_chem_comp.type
_chem_comp.name
_chem_comp.formula
A RNA linking ADENOSINE-5'-MONOPHOSPHATE 'C10 H14 N5 O7 P'
C RNA linking CYTIDINE-5'-MONOPHOSPHATE 'C9 H14 N3 O8 P'
DA DNA linking 2'-DEOXYADENOSINE-5'-MONOPHOSPHATE 'C10 H14 N5 O6 P'
DC DNA linking 2'-DEOXYCYTIDINE-5'-MONOPHOSPHATE 'C9 H14 N3 O7 P'
DG DNA linking 2'-DEOXYGUANOSINE-5'-MONOPHOSPHATE 'C10 H14 N5 O7 P'
DT DNA linking THYMIDINE-5'-MONOPHOSPHATE 'C10 H15 N2 O8 P'
G RNA linking GUANOSINE-5'-MONOPHOSPHATE 'C10 H14 N5 O8 P'
PO4 non-polymer 'PHOSPHATE ION' 'O4 P -3'
U RNA linking URIDINE-5'-MONOPHOSPHATE 'C9 H13 N2 O9 P'
#
# COMPACT_ATOMS: atom_id res chain seq x y z
N LYS D 3 -37.11 -22.33 -22.17
CA LYS D 3 -37.00 -20.88 -22.64
C LYS D 3 -36.28 -20.05 -21.57
N LYS D 4 -37.01 -19.70 -20.50
CA LYS D 4 -36.54 -18.97 -19.28
C LYS D 4 -35.17 -19.53 -18.80
N TYR D 5 -34.32 -18.69 -18.23
CA TYR D 5 -33.01 -19.12 -17.67
C TYR D 5 -32.48 -18.05 -16.72
N SER D 6 -31.55 -18.45 -15.83
CA SER D 6 -30.78 -17.54 -14.98
C SER D 6 -29.26 -17.72 -15.16
N ILE D 7 -28.48 -16.71 -14.77
CA ILE D 7 -26.99 -16.75 -14.78
C ILE D 7 -26.49 -16.64 -13.34
N GLY D 8 -25.48 -17.45 -13.03
CA GLY D 8 -24.67 -17.40 -11.80
C GLY D 8 -23.22 -16.99 -12.11
N LEU D 9 -22.64 -16.15 -11.26
CA LEU D 9 -21.27 -15.60 -11.40
C LEU D 9 -20.58 -15.66 -10.04
N ALA D 10 -19.31 -16.06 -10.06
CA ALA D 10 -18.38 -16.01 -8.92
C ALA D 10 -17.20 -15.16 -9.36
N ILE D 11 -17.10 -13.94 -8.81
CA ILE D 11 -16.21 -12.86 -9.32
C ILE D 11 -15.00 -12.80 -8.38
N GLY D 12 -13.81 -13.22 -8.84
CA GLY D 12 -12.58 -13.22 -8.03
C GLY D 12 -11.52 -12.35 -8.69
N THR D 13 -10.34 -12.25 -8.09
CA THR D 13 -9.25 -11.49 -8.73
C THR D 13 -8.56 -12.32 -9.81
N ASN D 14 -8.63 -13.65 -9.79
CA ASN D 14 -7.88 -14.49 -10.75
C ASN D 14 -8.82 -15.32 -11.58
N SER D 15 -10.15 -15.10 -11.45
CA SER D 15 -11.19 -15.87 -12.18
C SER D 15 -12.59 -15.27 -12.08
N VAL D 16 -13.37 -15.58 -13.12
CA VAL D 16 -14.85 -15.44 -13.18
C VAL D 16 -15.45 -16.81 -13.42
N GLY D 17 -16.15 -17.33 -12.41
CA GLY D 17 -17.02 -18.51 -12.58
C GLY D 17 -18.38 -18.08 -13.11
N TRP D 18 -18.91 -18.82 -14.07
CA TRP D 18 -20.27 -18.60 -14.60
C TRP D 18 -20.97 -19.95 -14.86
N ALA D 19 -22.29 -19.88 -14.88
CA ALA D 19 -23.20 -21.01 -15.09
C ALA D 19 -24.55 -20.48 -15.56
N VAL D 20 -25.12 -21.14 -16.56
CA VAL D 20 -26.53 -20.96 -17.01
C VAL D 20 -27.36 -22.08 -16.41
N ILE D 21 -28.49 -21.72 -15.78
CA ILE D 21 -29.53 -22.70 -15.30
C ILE D 21 -30.95 -22.31 -15.75
N THR D 22 -31.80 -23.33 -15.77
CA THR D 22 -33.20 -23.33 -16.22
C THR D 22 -34.09 -23.62 -15.02
N ASP D 23 -35.42 -23.68 -15.26
CA ASP D 23 -36.54 -23.95 -14.30
C ASP D 23 -36.10 -24.88 -13.15
N GLU D 24 -35.59 -26.09 -13.45
CA GLU D 24 -35.34 -27.14 -12.42
C GLU D 24 -33.87 -27.16 -11.98
N TYR D 25 -33.21 -26.02 -11.94
CA TYR D 25 -31.79 -25.87 -11.52
C TYR D 25 -30.86 -26.77 -12.38
N LYS D 26 -31.20 -27.02 -13.64
CA LYS D 26 -30.34 -27.81 -14.56
C LYS D 26 -29.44 -26.85 -15.33
N VAL D 27 -28.31 -27.37 -15.81
CA VAL D 27 -27.34 -26.57 -16.60
C VAL D 27 -27.50 -27.08 -18.02
N PRO D 28 -28.00 -26.27 -18.95
CA PRO D 28 -28.25 -26.77 -20.29
C PRO D 28 -26.91 -27.02 -20.97
N SER D 29 -26.93 -27.81 -22.04
CA SER D 29 -25.85 -28.00 -23.02
C SER D 29 -26.37 -27.59 -24.39
N LYS D 30 -25.50 -27.14 -25.31
CA LYS D 30 -25.87 -26.99 -26.74
C LYS D 30 -24.71 -27.41 -27.64
N LYS D 31 -25.04 -27.54 -28.94
CA LYS D 31 -24.06 -27.64 -30.05
C LYS D 31 -23.67 -26.23 -30.53
N PHE D 32 -22.37 -25.97 -30.54
CA PHE D 32 -21.77 -24.70 -31.01
C PHE D 32 -20.97 -25.01 -32.26
N LYS D 33 -21.02 -24.13 -33.26
CA LYS D 33 -20.09 -24.19 -34.40
C LYS D 33 -18.65 -24.20 -33.88
N VAL D 34 -17.82 -24.87 -34.68
CA VAL D 34 -16.36 -24.95 -34.53
C VAL D 34 -15.80 -24.49 -35.85
N LEU D 35 -15.41 -23.22 -35.91
CA LEU D 35 -14.77 -22.60 -37.11
C LEU D 35 -13.34 -23.12 -37.26
N GLY D 36 -12.72 -22.81 -38.39
CA GLY D 36 -11.30 -23.11 -38.63
C GLY D 36 -11.16 -24.06 -39.79
N ASN D 37 -10.05 -24.81 -39.79
CA ASN D 37 -9.60 -25.60 -40.97
C ASN D 37 -9.56 -27.09 -40.60
N THR D 38 -10.03 -27.53 -39.43
CA THR D 38 -10.14 -28.97 -39.03
C THR D 38 -11.40 -29.61 -39.63
N ASP D 39 -11.56 -30.93 -39.43
CA ASP D 39 -12.68 -31.75 -39.98
C ASP D 39 -13.83 -31.87 -38.95
N ARG D 40 -13.69 -31.28 -37.76
CA ARG D 40 -14.79 -31.12 -36.78
C ARG D 40 -15.52 -29.80 -37.05
N HIS D 41 -16.82 -29.87 -37.39
CA HIS D 41 -17.63 -28.66 -37.72
C HIS D 41 -18.43 -28.21 -36.50
N SER D 42 -18.47 -28.97 -35.40
CA SER D 42 -19.34 -28.61 -34.25
C SER D 42 -19.00 -29.43 -33.01
N ILE D 43 -19.60 -29.09 -31.88
CA ILE D 43 -19.29 -29.76 -30.59
C ILE D 43 -20.35 -29.43 -29.55
N LYS D 44 -20.65 -30.40 -28.70
CA LYS D 44 -21.54 -30.27 -27.55
C LYS D 44 -20.76 -29.56 -26.46
N LYS D 45 -21.38 -28.61 -25.76
CA LYS D 45 -20.82 -27.98 -24.54
C LYS D 45 -21.92 -27.76 -23.50
N ASN D 46 -21.59 -28.08 -22.25
CA ASN D 46 -22.36 -27.69 -21.04
C ASN D 46 -22.16 -26.19 -20.85
N LEU D 47 -23.18 -25.44 -20.43
CA LEU D 47 -23.07 -23.98 -20.14
C LEU D 47 -22.68 -23.79 -18.67
N ILE D 48 -21.53 -24.31 -18.32
CA ILE D 48 -20.83 -24.02 -17.04
C ILE D 48 -19.35 -23.78 -17.37
N GLY D 49 -18.70 -22.88 -16.63
CA GLY D 49 -17.32 -22.50 -16.97
C GLY D 49 -16.62 -21.57 -16.00
N ALA D 50 -15.38 -21.26 -16.30
CA ALA D 50 -14.61 -20.19 -15.63
C ALA D 50 -13.57 -19.58 -16.59
N LEU D 51 -13.57 -18.26 -16.73
CA LEU D 51 -12.38 -17.46 -17.13
C LEU D 51 -11.34 -17.38 -16.01
N LEU D 52 -10.12 -17.85 -16.28
CA LEU D 52 -8.91 -17.67 -15.44
C LEU D 52 -8.04 -16.55 -16.05
N PHE D 53 -7.35 -15.77 -15.22
CA PHE D 53 -6.51 -14.63 -15.68
C PHE D 53 -5.53 -14.23 -14.57
N ASP D 54 -4.39 -13.72 -15.02
CA ASP D 54 -3.36 -13.08 -14.14
C ASP D 54 -3.96 -11.80 -13.57
N SER D 55 -3.64 -11.52 -12.30
CA SER D 55 -4.02 -10.29 -11.57
C SER D 55 -3.65 -9.08 -12.39
N GLY D 56 -4.59 -8.14 -12.53
CA GLY D 56 -4.34 -6.72 -12.77
C GLY D 56 -3.46 -6.19 -11.66
N GLU D 57 -2.48 -5.36 -12.03
CA GLU D 57 -1.52 -4.77 -11.07
C GLU D 57 -1.88 -3.30 -10.84
N THR D 58 -1.44 -2.78 -9.68
CA THR D 58 -1.58 -1.34 -9.35
C THR D 58 -0.60 -0.55 -10.21
N ALA D 59 -0.74 0.78 -10.18
CA ALA D 59 0.00 1.71 -11.04
C ALA D 59 1.32 2.11 -10.37
N GLU D 60 1.60 1.61 -9.16
CA GLU D 60 2.64 2.05 -8.21
C GLU D 60 4.06 1.81 -8.76
N ALA D 61 4.42 0.54 -8.93
CA ALA D 61 5.66 0.14 -9.64
C ALA D 61 5.85 1.09 -10.85
N THR D 62 4.86 1.21 -11.69
CA THR D 62 4.97 2.10 -12.87
C THR D 62 5.33 3.52 -12.43
N ARG D 63 4.82 3.99 -11.28
CA ARG D 63 4.97 5.42 -10.85
C ARG D 63 6.37 5.64 -10.21
N LEU D 64 6.90 4.65 -9.48
CA LEU D 64 8.18 4.76 -8.76
C LEU D 64 9.36 4.70 -9.75
N LYS D 65 9.17 3.95 -10.86
CA LYS D 65 10.03 3.94 -12.08
C LYS D 65 9.99 5.30 -12.77
N ARG D 66 8.80 5.87 -12.94
CA ARG D 66 8.55 7.11 -13.73
C ARG D 66 9.24 8.27 -13.01
N THR D 67 9.11 8.34 -11.70
CA THR D 67 9.57 9.51 -10.93
C THR D 67 11.10 9.41 -10.80
N ALA D 68 11.65 8.20 -10.74
CA ALA D 68 13.11 8.00 -10.62
C ALA D 68 13.72 8.37 -11.97
N ARG D 69 13.00 8.08 -13.03
CA ARG D 69 13.50 8.39 -14.38
C ARG D 69 13.74 9.88 -14.48
N ARG D 70 12.77 10.66 -14.02
CA ARG D 70 12.77 12.12 -14.03
C ARG D 70 13.90 12.63 -13.14
N ARG D 71 14.08 12.07 -11.94
CA ARG D 71 15.28 12.28 -11.09
C ARG D 71 16.54 12.06 -11.95
N TYR D 72 16.68 10.91 -12.61
CA TYR D 72 17.90 10.70 -13.43
C TYR D 72 18.02 11.84 -14.47
N THR D 73 16.96 12.29 -15.15
CA THR D 73 17.27 13.14 -16.31
C THR D 73 17.75 14.51 -15.79
N ARG D 74 17.25 14.90 -14.63
CA ARG D 74 17.40 16.23 -13.99
C ARG D 74 18.80 16.31 -13.38
N ARG D 75 19.23 15.28 -12.65
CA ARG D 75 20.61 15.19 -12.16
C ARG D 75 21.59 15.35 -13.34
N LYS D 76 21.32 14.72 -14.48
CA LYS D 76 22.19 14.90 -15.66
C LYS D 76 22.22 16.39 -16.00
N ASN D 77 21.04 16.99 -16.07
CA ASN D 77 20.93 18.43 -16.40
C ASN D 77 21.71 19.25 -15.36
N ARG D 78 21.73 18.84 -14.11
CA ARG D 78 22.42 19.60 -13.05
C ARG D 78 23.89 19.70 -13.43
N ILE D 79 24.52 18.56 -13.62
CA ILE D 79 25.92 18.53 -14.09
C ILE D 79 26.05 19.34 -15.38
N LEU D 80 25.12 19.26 -16.33
CA LEU D 80 25.26 19.95 -17.65
C LEU D 80 25.11 21.46 -17.45
N TYR D 81 24.43 21.93 -16.40
CA TYR D 81 24.36 23.37 -16.08
C TYR D 81 25.76 23.85 -15.63
N LEU D 82 26.37 23.15 -14.67
CA LEU D 82 27.73 23.43 -14.14
C LEU D 82 28.79 23.37 -15.28
N GLN D 83 28.79 22.32 -16.10
CA GLN D 83 29.85 22.20 -17.15
C GLN D 83 29.71 23.42 -18.08
N GLU D 84 28.47 23.86 -18.38
CA GLU D 84 28.16 24.98 -19.31
C GLU D 84 28.75 26.30 -18.74
N ILE D 85 28.53 26.56 -17.46
CA ILE D 85 29.25 27.64 -16.75
C ILE D 85 30.78 27.49 -16.95
N PHE D 86 31.36 26.30 -16.74
CA PHE D 86 32.83 26.10 -16.72
C PHE D 86 33.39 26.12 -18.15
N SER D 87 32.58 25.75 -19.14
CA SER D 87 32.96 25.55 -20.58
C SER D 87 34.07 26.48 -21.07
N ASN D 88 33.79 27.78 -21.15
CA ASN D 88 34.77 28.83 -21.57
C ASN D 88 36.13 28.66 -20.88
N GLU D 89 36.22 28.78 -19.55
CA GLU D 89 37.52 28.79 -18.87
C GLU D 89 38.08 27.37 -18.83
N MET D 90 37.26 26.33 -18.91
CA MET D 90 37.85 24.96 -18.97
C MET D 90 38.61 24.78 -20.30
N ALA D 91 38.03 25.23 -21.41
CA ALA D 91 38.65 25.20 -22.76
C ALA D 91 40.10 25.76 -22.77
N LYS D 92 40.44 26.65 -21.82
CA LYS D 92 41.81 27.26 -21.73
C LYS D 92 42.73 26.39 -20.86
N VAL D 93 42.23 25.72 -19.84
CA VAL D 93 43.08 24.81 -19.03
C VAL D 93 43.22 23.48 -19.80
N ASP D 94 42.12 22.92 -20.25
CA ASP D 94 42.18 21.53 -20.76
C ASP D 94 40.89 21.27 -21.53
N ASP D 95 40.97 21.37 -22.86
CA ASP D 95 39.81 21.48 -23.80
C ASP D 95 39.28 20.09 -24.18
N SER D 96 39.78 19.02 -23.56
CA SER D 96 39.22 17.67 -23.72
C SER D 96 38.72 17.12 -22.37
N PHE D 97 38.74 17.92 -21.29
CA PHE D 97 38.44 17.44 -19.91
C PHE D 97 36.98 16.94 -19.82
N PHE D 98 36.01 17.72 -20.25
CA PHE D 98 34.59 17.30 -20.16
C PHE D 98 34.39 16.05 -21.05
N HIS D 99 35.10 15.94 -22.18
CA HIS D 99 34.95 14.77 -23.08
C HIS D 99 35.45 13.50 -22.37
N ARG D 100 36.64 13.57 -21.77
CA ARG D 100 37.27 12.38 -21.16
C ARG D 100 36.36 11.86 -20.06
N LEU D 101 35.63 12.75 -19.40
CA LEU D 101 34.70 12.37 -18.31
C LEU D 101 33.49 11.67 -18.93
N GLU D 102 32.90 12.24 -19.95
CA GLU D 102 31.72 11.62 -20.59
C GLU D 102 32.10 10.25 -21.13
N GLU D 103 33.36 10.03 -21.51
CA GLU D 103 33.72 8.70 -22.07
C GLU D 103 34.48 7.83 -21.04
N SER D 104 34.40 8.16 -19.75
CA SER D 104 35.12 7.39 -18.69
C SER D 104 34.70 5.93 -18.75
N PHE D 105 33.45 5.64 -19.15
CA PHE D 105 32.87 4.27 -19.16
C PHE D 105 33.54 3.44 -20.26
N LEU D 106 33.86 4.05 -21.39
CA LEU D 106 34.26 3.30 -22.61
C LEU D 106 35.60 2.61 -22.38
N VAL D 107 35.79 1.40 -22.87
CA VAL D 107 37.13 0.75 -22.83
C VAL D 107 38.09 1.60 -23.68
N GLU D 108 39.39 1.36 -23.51
CA GLU D 108 40.45 2.19 -24.14
C GLU D 108 40.27 2.17 -25.66
N GLU D 109 40.06 1.01 -26.24
CA GLU D 109 39.96 0.91 -27.73
C GLU D 109 38.75 1.71 -28.26
N ASP D 110 37.74 2.09 -27.47
CA ASP D 110 36.63 2.92 -28.00
C ASP D 110 36.77 4.38 -27.55
N LYS D 111 37.69 4.69 -26.65
CA LYS D 111 37.93 6.08 -26.13
C LYS D 111 38.56 6.97 -27.23
N LYS D 112 38.12 8.22 -27.38
CA LYS D 112 38.67 9.15 -28.39
C LYS D 112 39.92 9.82 -27.82
N HIS D 113 40.00 9.98 -26.50
CA HIS D 113 41.08 10.75 -25.83
C HIS D 113 41.86 9.84 -24.88
N GLU D 114 42.90 10.36 -24.25
CA GLU D 114 43.83 9.60 -23.40
C GLU D 114 43.02 9.04 -22.23
N ARG D 115 43.39 7.86 -21.73
CA ARG D 115 42.49 7.03 -20.88
C ARG D 115 42.41 7.56 -19.43
N HIS D 116 43.31 8.43 -19.00
CA HIS D 116 43.31 9.03 -17.63
C HIS D 116 42.41 10.25 -17.63
N PRO D 117 41.20 10.19 -17.02
CA PRO D 117 40.21 11.25 -17.25
C PRO D 117 40.61 12.65 -16.75
N ILE D 118 41.24 12.78 -15.59
CA ILE D 118 41.31 14.12 -14.91
C ILE D 118 42.36 14.98 -15.60
N PHE D 119 43.59 14.47 -15.77
CA PHE D 119 44.74 15.21 -16.37
C PHE D 119 45.22 14.62 -17.70
N GLY D 120 44.68 13.53 -18.21
CA GLY D 120 45.01 13.07 -19.56
C GLY D 120 46.46 12.61 -19.68
N ASN D 121 47.09 12.22 -18.57
CA ASN D 121 48.38 11.49 -18.56
C ASN D 121 48.57 10.72 -17.24
N ILE D 122 49.40 9.68 -17.28
CA ILE D 122 49.50 8.66 -16.19
C ILE D 122 50.26 9.22 -14.96
N VAL D 123 51.28 10.05 -15.13
CA VAL D 123 52.12 10.47 -13.95
C VAL D 123 51.25 11.41 -13.11
N ASP D 124 50.63 12.40 -13.73
CA ASP D 124 49.69 13.32 -13.06
C ASP D 124 48.48 12.57 -12.47
N GLU D 125 48.01 11.48 -13.08
CA GLU D 125 46.81 10.85 -12.50
C GLU D 125 47.19 10.00 -11.30
N VAL D 126 48.30 9.28 -11.36
CA VAL D 126 48.79 8.52 -10.18
C VAL D 126 49.05 9.51 -9.04
N ALA D 127 49.62 10.67 -9.34
CA ALA D 127 49.98 11.67 -8.31
C ALA D 127 48.70 12.18 -7.63
N TYR D 128 47.66 12.51 -8.41
CA TYR D 128 46.33 12.95 -7.89
C TYR D 128 45.79 11.93 -6.88
N HIS D 129 45.78 10.65 -7.22
CA HIS D 129 45.18 9.60 -6.34
C HIS D 129 46.01 9.43 -5.07
N GLU D 130 47.34 9.52 -5.15
CA GLU D 130 48.18 9.35 -3.94
C GLU D 130 47.93 10.51 -2.98
N LYS D 131 47.67 11.70 -3.52
CA LYS D 131 47.45 12.94 -2.73
C LYS D 131 46.00 13.08 -2.30
N TYR D 132 45.07 12.51 -3.04
CA TYR D 132 43.64 12.68 -2.73
C TYR D 132 42.95 11.30 -2.79
N PRO D 133 43.37 10.32 -1.95
CA PRO D 133 42.74 8.98 -1.95
C PRO D 133 41.20 8.93 -2.08
N THR D 134 40.50 9.88 -1.46
CA THR D 134 39.04 10.10 -1.67
C THR D 134 38.77 11.54 -2.14
N ILE D 135 37.58 11.74 -2.71
CA ILE D 135 37.10 13.06 -3.19
C ILE D 135 36.97 13.99 -1.98
N TYR D 136 36.69 13.42 -0.81
CA TYR D 136 36.53 14.21 0.44
C TYR D 136 37.88 14.80 0.80
N HIS D 137 38.98 14.07 0.61
CA HIS D 137 40.32 14.67 0.81
C HIS D 137 40.45 15.91 -0.08
N LEU D 138 40.06 15.85 -1.36
CA LEU D 138 40.08 17.04 -2.28
C LEU D 138 39.08 18.14 -1.85
N ARG D 139 37.89 17.73 -1.40
CA ARG D 139 36.84 18.67 -0.98
C ARG D 139 37.33 19.47 0.23
N LYS D 140 37.85 18.80 1.26
CA LYS D 140 38.41 19.52 2.43
C LYS D 140 39.52 20.47 1.99
N LYS D 141 40.46 19.97 1.19
CA LYS D 141 41.57 20.82 0.72
C LYS D 141 40.98 22.06 0.06
N LEU D 142 40.05 21.93 -0.87
CA LEU D 142 39.62 23.14 -1.63
C LEU D 142 38.83 24.09 -0.72
N VAL D 143 38.28 23.60 0.39
CA VAL D 143 37.53 24.48 1.34
C VAL D 143 38.55 25.32 2.14
N ASP D 144 39.57 24.66 2.70
CA ASP D 144 40.46 25.23 3.76
C ASP D 144 41.62 25.97 3.09
N SER D 145 42.39 25.37 2.21
CA SER D 145 43.51 26.01 1.47
C SER D 145 43.08 27.37 0.89
N THR D 146 44.01 28.33 0.83
CA THR D 146 43.84 29.64 0.15
C THR D 146 44.54 29.70 -1.20
N ASP D 147 45.21 28.64 -1.64
CA ASP D 147 46.01 28.64 -2.89
C ASP D 147 45.10 28.53 -4.10
N LYS D 148 45.48 29.16 -5.19
CA LYS D 148 44.81 28.94 -6.47
C LYS D 148 44.81 27.44 -6.73
N ALA D 149 43.67 26.91 -7.16
CA ALA D 149 43.52 25.46 -7.42
C ALA D 149 43.37 25.32 -8.91
N ASP D 150 43.63 24.11 -9.37
CA ASP D 150 43.39 23.67 -10.77
C ASP D 150 41.87 23.65 -10.99
N LEU D 151 41.42 24.20 -12.09
CA LEU D 151 39.99 24.35 -12.40
C LEU D 151 39.39 22.95 -12.47
N ARG D 152 40.13 21.98 -12.95
CA ARG D 152 39.59 20.61 -13.06
C ARG D 152 39.27 20.16 -11.65
N LEU D 153 40.16 20.46 -10.71
CA LEU D 153 39.97 19.94 -9.34
C LEU D 153 38.75 20.65 -8.71
N ILE D 154 38.60 21.95 -8.98
CA ILE D 154 37.47 22.79 -8.51
C ILE D 154 36.17 22.15 -9.04
N TYR D 155 36.10 21.90 -10.36
CA TYR D 155 34.93 21.33 -11.05
C TYR D 155 34.53 20.01 -10.40
N LEU D 156 35.47 19.09 -10.19
CA LEU D 156 35.23 17.72 -9.64
C LEU D 156 34.66 17.81 -8.22
N ALA D 157 35.16 18.70 -7.37
CA ALA D 157 34.61 18.91 -6.01
C ALA D 157 33.17 19.47 -6.10
N LEU D 158 32.88 20.39 -7.00
CA LEU D 158 31.54 20.99 -7.04
C LEU D 158 30.59 19.96 -7.70
N ALA D 159 30.96 19.42 -8.85
CA ALA D 159 30.18 18.37 -9.53
C ALA D 159 29.81 17.25 -8.54
N HIS D 160 30.67 16.80 -7.62
CA HIS D 160 30.33 15.69 -6.67
C HIS D 160 29.31 16.16 -5.62
N MET D 161 29.41 17.43 -5.24
CA MET D 161 28.49 18.01 -4.26
C MET D 161 27.14 18.28 -4.93
N ILE D 162 27.14 18.60 -6.22
CA ILE D 162 25.90 18.90 -6.99
C ILE D 162 25.25 17.58 -7.41
N LYS D 163 26.06 16.53 -7.55
CA LYS D 163 25.54 15.25 -8.07
C LYS D 163 24.90 14.46 -6.91
N PHE D 164 25.59 14.35 -5.79
CA PHE D 164 25.15 13.66 -4.55
C PHE D 164 25.00 14.71 -3.46
N ARG D 165 23.93 15.49 -3.60
CA ARG D 165 23.68 16.75 -2.88
C ARG D 165 22.86 16.62 -1.60
N GLY D 166 22.49 15.43 -1.14
CA GLY D 166 21.75 15.19 0.13
C GLY D 166 20.30 15.70 0.12
N HIS D 167 19.60 15.70 1.28
CA HIS D 167 18.10 15.73 1.32
C HIS D 167 17.49 17.13 1.49
N PHE D 168 16.18 17.27 1.32
CA PHE D 168 15.49 18.59 1.39
C PHE D 168 14.47 18.56 2.52
N LEU D 169 14.74 17.80 3.57
CA LEU D 169 13.82 17.59 4.71
C LEU D 169 13.90 18.71 5.75
N ILE D 170 14.98 19.46 5.87
CA ILE D 170 15.06 20.55 6.89
C ILE D 170 14.88 21.89 6.18
N GLU D 171 14.17 22.83 6.80
CA GLU D 171 13.89 24.13 6.13
C GLU D 171 14.98 25.15 6.57
N GLY D 172 15.33 26.05 5.67
CA GLY D 172 16.29 27.15 5.94
C GLY D 172 17.71 26.65 6.14
N ASP D 173 18.49 27.42 6.88
CA ASP D 173 19.97 27.49 6.81
C ASP D 173 20.57 26.65 7.96
N LEU D 174 21.72 26.01 7.73
CA LEU D 174 22.43 25.20 8.74
C LEU D 174 23.94 25.54 8.78
N ASN D 175 24.38 26.17 9.87
CA ASN D 175 25.81 26.27 10.33
C ASN D 175 26.09 25.10 11.28
N PRO D 176 27.16 24.30 11.07
CA PRO D 176 27.74 23.54 12.17
C PRO D 176 28.09 24.37 13.42
N ASP D 177 27.46 24.01 14.55
CA ASP D 177 27.81 24.39 15.96
C ASP D 177 27.97 23.11 16.79
N ASN D 178 29.22 22.64 16.90
CA ASN D 178 29.63 21.58 17.86
C ASN D 178 30.76 22.13 18.75
N SER D 179 31.01 23.45 18.71
CA SER D 179 32.07 24.18 19.46
C SER D 179 31.77 24.19 20.96
N ASP D 180 30.50 24.02 21.38
CA ASP D 180 30.06 24.24 22.78
C ASP D 180 29.05 23.18 23.23
N VAL D 181 29.21 21.89 22.88
CA VAL D 181 28.40 20.79 23.48
C VAL D 181 28.94 20.48 24.89
N ASP D 182 30.16 20.94 25.21
CA ASP D 182 30.77 20.84 26.57
C ASP D 182 30.18 21.94 27.46
N LYS D 183 29.51 22.93 26.88
CA LYS D 183 28.94 24.04 27.67
C LYS D 183 27.47 24.29 27.27
N LEU D 184 27.14 24.30 25.99
CA LEU D 184 25.70 24.50 25.79
C LEU D 184 25.02 23.65 26.86
N PHE D 185 25.52 22.42 27.04
CA PHE D 185 24.85 21.53 28.03
C PHE D 185 24.85 22.19 29.41
N ILE D 186 25.93 22.90 29.74
CA ILE D 186 26.05 23.50 31.11
C ILE D 186 25.51 24.95 31.14
N GLN D 187 24.94 25.48 30.04
CA GLN D 187 24.08 26.71 30.08
C GLN D 187 22.67 26.31 30.51
N LEU D 188 22.21 25.09 30.17
CA LEU D 188 20.86 24.52 30.47
C LEU D 188 20.85 23.84 31.86
N VAL D 189 21.97 23.27 32.32
CA VAL D 189 22.11 22.72 33.72
C VAL D 189 21.93 23.87 34.74
N GLN D 190 22.39 25.08 34.41
CA GLN D 190 22.25 26.30 35.28
C GLN D 190 20.84 26.91 35.09
N THR D 191 20.27 27.02 33.85
CA THR D 191 18.91 27.62 33.67
C THR D 191 17.87 26.72 34.35
N TYR D 192 18.02 25.40 34.28
CA TYR D 192 17.19 24.43 35.04
C TYR D 192 17.58 24.41 36.53
N ASN D 193 18.82 24.72 36.94
CA ASN D 193 19.23 24.63 38.37
C ASN D 193 18.87 25.91 39.14
N GLN D 194 18.27 26.93 38.48
CA GLN D 194 17.76 28.20 39.10
C GLN D 194 16.32 27.98 39.59
N LEU D 195 15.47 27.41 38.73
CA LEU D 195 14.03 27.12 38.96
C LEU D 195 13.92 26.00 40.00
N PHE D 196 14.41 24.79 39.66
CA PHE D 196 14.49 23.61 40.58
C PHE D 196 15.70 23.79 41.52
N GLU D 197 15.71 24.91 42.27
CA GLU D 197 16.76 25.33 43.25
C GLU D 197 16.63 24.54 44.55
N GLU D 198 15.58 23.70 44.72
CA GLU D 198 15.34 22.84 45.91
C GLU D 198 15.68 21.38 45.61
N ASN D 199 16.30 21.10 44.45
CA ASN D 199 16.83 19.77 44.04
C ASN D 199 17.84 20.00 42.89
N PRO D 200 19.02 20.60 43.16
CA PRO D 200 19.88 21.11 42.10
C PRO D 200 20.76 20.00 41.54
N ILE D 201 20.93 19.93 40.21
CA ILE D 201 21.69 18.88 39.48
C ILE D 201 23.18 19.16 39.54
N ASN D 202 23.96 18.24 40.10
CA ASN D 202 25.45 18.29 40.14
C ASN D 202 25.98 18.03 38.72
N ALA D 203 26.35 19.07 37.96
CA ALA D 203 26.91 18.97 36.59
C ALA D 203 28.31 18.34 36.62
N SER D 204 29.10 18.60 37.68
CA SER D 204 30.46 18.06 37.98
C SER D 204 31.35 18.09 36.73
N GLY D 205 31.28 19.19 35.96
CA GLY D 205 31.93 19.36 34.65
C GLY D 205 31.95 18.07 33.84
N VAL D 206 30.81 17.34 33.81
CA VAL D 206 30.65 15.95 33.24
C VAL D 206 30.68 16.04 31.71
N ASP D 207 31.36 15.08 31.09
CA ASP D 207 31.70 15.02 29.64
C ASP D 207 30.44 14.71 28.79
N ALA D 208 29.52 15.66 28.69
CA ALA D 208 28.36 15.63 27.75
C ALA D 208 28.86 15.61 26.29
N LYS D 209 30.03 16.19 26.06
CA LYS D 209 30.62 16.20 24.70
C LYS D 209 30.69 14.75 24.24
N ALA D 210 31.16 13.87 25.12
CA ALA D 210 31.30 12.45 24.74
C ALA D 210 29.95 11.75 24.70
N ILE D 211 29.36 11.56 25.89
CA ILE D 211 28.14 10.72 26.13
C ILE D 211 27.03 10.91 25.11
N LEU D 212 26.37 12.06 25.10
CA LEU D 212 25.22 12.23 24.19
C LEU D 212 25.55 11.75 22.77
N SER D 213 26.72 12.15 22.30
CA SER D 213 27.20 12.04 20.90
C SER D 213 28.43 11.12 20.83
N ALA D 214 28.24 9.83 21.16
CA ALA D 214 29.28 8.76 21.10
C ALA D 214 29.17 8.00 19.76
N ARG D 215 29.87 6.86 19.64
CA ARG D 215 29.65 5.80 18.59
C ARG D 215 28.16 5.41 18.59
N LEU D 216 27.62 5.24 19.80
CA LEU D 216 26.27 4.72 20.13
C LEU D 216 25.15 5.59 19.54
N SER D 217 23.90 5.23 19.89
CA SER D 217 22.60 5.82 19.47
C SER D 217 22.24 7.10 20.24
N LYS D 218 21.07 7.67 19.92
CA LYS D 218 20.37 8.71 20.71
C LYS D 218 19.69 8.02 21.92
N SER D 219 18.71 7.15 21.67
CA SER D 219 17.85 6.48 22.67
C SER D 219 18.64 6.12 23.94
N ARG D 220 19.73 5.35 23.77
CA ARG D 220 20.63 4.91 24.87
C ARG D 220 21.33 6.12 25.51
N ARG D 221 21.91 7.01 24.67
CA ARG D 221 22.82 8.14 25.03
C ARG D 221 22.20 9.02 26.13
N LEU D 222 20.86 9.12 26.17
CA LEU D 222 20.09 9.75 27.27
C LEU D 222 20.43 9.03 28.58
N GLU D 223 20.19 7.72 28.60
CA GLU D 223 20.35 6.82 29.77
C GLU D 223 21.73 7.12 30.37
N ASN D 224 22.76 7.12 29.52
CA ASN D 224 24.20 7.21 29.90
C ASN D 224 24.55 8.58 30.51
N LEU D 225 23.90 9.67 30.04
CA LEU D 225 24.02 11.03 30.63
C LEU D 225 23.36 11.06 32.01
N ILE D 226 22.21 10.39 32.17
CA ILE D 226 21.37 10.53 33.40
C ILE D 226 21.84 9.57 34.50
N ALA D 227 22.61 8.54 34.12
CA ALA D 227 23.45 7.71 35.02
C ALA D 227 24.59 8.56 35.59
N GLN D 228 25.12 9.50 34.80
CA GLN D 228 26.22 10.41 35.21
C GLN D 228 25.66 11.63 35.97
N LEU D 229 24.38 11.60 36.35
CA LEU D 229 23.73 12.63 37.22
C LEU D 229 23.03 11.94 38.38
N PRO D 230 23.60 11.99 39.62
CA PRO D 230 22.94 11.36 40.77
C PRO D 230 21.56 11.99 41.07
N GLY D 231 20.51 11.16 41.13
CA GLY D 231 19.17 11.54 41.67
C GLY D 231 18.27 12.22 40.66
N GLU D 232 18.04 11.56 39.54
CA GLU D 232 17.32 12.13 38.38
C GLU D 232 16.73 10.96 37.59
N LYS D 233 15.41 10.74 37.72
CA LYS D 233 14.73 9.67 36.97
C LYS D 233 14.95 10.05 35.49
N LYS D 234 15.43 9.09 34.70
CA LYS D 234 15.76 9.22 33.24
C LYS D 234 14.52 9.64 32.42
N ASN D 235 13.30 9.55 32.98
CA ASN D 235 12.03 10.12 32.45
C ASN D 235 11.53 11.19 33.43
N GLY D 236 12.46 11.92 34.09
CA GLY D 236 12.23 13.14 34.91
C GLY D 236 12.35 14.42 34.08
N LEU D 237 12.01 15.59 34.63
CA LEU D 237 11.87 16.87 33.85
C LEU D 237 13.15 17.21 33.07
N PHE D 238 14.34 16.93 33.64
CA PHE D 238 15.65 17.21 32.97
C PHE D 238 15.94 16.09 31.98
N GLY D 239 15.53 14.86 32.31
CA GLY D 239 15.71 13.69 31.43
C GLY D 239 14.74 13.76 30.29
N ASN D 240 13.58 14.39 30.54
CA ASN D 240 12.55 14.66 29.50
C ASN D 240 13.07 15.74 28.55
N LEU D 241 13.49 16.89 29.09
CA LEU D 241 14.17 17.96 28.31
C LEU D 241 15.30 17.32 27.50
N ILE D 242 16.22 16.61 28.15
CA ILE D 242 17.42 15.99 27.52
C ILE D 242 16.96 15.00 26.45
N ALA D 243 15.88 14.23 26.67
CA ALA D 243 15.29 13.39 25.60
C ALA D 243 15.11 14.28 24.36
N LEU D 244 14.37 15.38 24.51
CA LEU D 244 14.00 16.30 23.40
C LEU D 244 15.27 16.76 22.68
N SER D 245 16.27 17.27 23.41
CA SER D 245 17.53 17.90 22.88
C SER D 245 18.28 16.92 21.97
N LEU D 246 18.10 15.62 22.22
CA LEU D 246 18.37 14.50 21.28
C LEU D 246 17.27 14.55 20.20
N GLY D 247 16.06 14.08 20.52
CA GLY D 247 14.96 13.92 19.54
C GLY D 247 14.14 12.71 19.89
N LEU D 248 13.20 12.86 20.81
CA LEU D 248 12.22 11.80 21.19
C LEU D 248 11.00 12.56 21.73
N THR D 249 9.84 11.90 21.81
CA THR D 249 8.55 12.54 22.19
C THR D 249 8.13 11.99 23.56
N PRO D 250 8.48 12.69 24.67
CA PRO D 250 8.06 12.27 26.01
C PRO D 250 6.60 12.72 26.32
N ASN D 251 5.99 12.15 27.38
CA ASN D 251 4.59 12.43 27.77
C ASN D 251 4.48 13.82 28.39
N PHE D 252 5.57 14.32 29.02
CA PHE D 252 5.67 15.61 29.77
C PHE D 252 4.48 15.76 30.73
N LYS D 253 3.62 14.74 30.82
CA LYS D 253 2.24 14.84 31.38
C LYS D 253 2.35 14.94 32.91
N SER D 254 3.07 14.00 33.55
CA SER D 254 3.21 13.85 35.02
C SER D 254 4.28 14.81 35.52
N ASN D 255 5.31 15.07 34.70
CA ASN D 255 6.27 16.18 34.91
C ASN D 255 5.48 17.32 35.57
N PHE D 256 4.36 17.74 34.99
CA PHE D 256 3.54 18.89 35.47
C PHE D 256 2.12 18.46 35.92
N ASP D 257 1.72 17.17 35.80
CA ASP D 257 0.41 16.58 36.23
C ASP D 257 -0.79 17.33 35.62
N LEU D 258 -0.97 17.26 34.29
CA LEU D 258 -1.97 18.04 33.49
C LEU D 258 -3.15 17.12 33.05
N ALA D 259 -3.57 17.21 31.77
CA ALA D 259 -4.57 16.33 31.09
C ALA D 259 -4.00 15.71 29.79
N GLU D 260 -4.27 14.42 29.54
CA GLU D 260 -3.82 13.60 28.37
C GLU D 260 -2.27 13.48 28.34
N ASP D 261 -1.61 13.80 27.21
CA ASP D 261 -0.13 13.65 26.98
C ASP D 261 0.34 14.82 26.12
N THR D 262 1.43 15.49 26.49
CA THR D 262 1.95 16.72 25.82
C THR D 262 3.36 16.44 25.27
N LYS D 263 3.52 15.41 24.42
CA LYS D 263 4.79 15.13 23.69
C LYS D 263 5.09 16.34 22.82
N LEU D 264 6.37 16.65 22.61
CA LEU D 264 6.86 17.67 21.63
C LEU D 264 7.85 17.00 20.67
N GLN D 265 8.57 17.79 19.85
CA GLN D 265 9.69 17.29 18.98
C GLN D 265 10.32 18.49 18.28
N LEU D 266 11.55 18.88 18.68
CA LEU D 266 12.16 20.21 18.35
C LEU D 266 12.25 20.42 16.82
N SER D 267 12.31 19.35 16.00
CA SER D 267 12.50 19.41 14.51
C SER D 267 11.18 19.61 13.75
N LYS D 268 10.04 19.09 14.26
CA LYS D 268 8.65 19.30 13.73
C LYS D 268 8.32 20.81 13.82
N ASP D 269 7.47 21.32 12.90
CA ASP D 269 7.16 22.78 12.78
C ASP D 269 6.06 23.16 13.78
N THR D 270 5.26 22.15 14.15
CA THR D 270 4.23 22.20 15.22
C THR D 270 4.84 22.89 16.48
N TYR D 271 6.18 22.91 16.63
CA TYR D 271 6.93 23.09 17.91
C TYR D 271 6.97 24.55 18.37
N ASP D 272 7.30 25.54 17.52
CA ASP D 272 7.22 26.97 17.92
C ASP D 272 5.88 27.18 18.66
N ASP D 273 4.75 26.82 18.01
CA ASP D 273 3.34 27.04 18.45
C ASP D 273 2.97 26.06 19.59
N ASP D 274 3.39 24.79 19.52
CA ASP D 274 3.14 23.72 20.53
C ASP D 274 3.68 24.03 21.93
N LEU D 275 4.90 24.59 22.03
CA LEU D 275 5.56 24.84 23.35
C LEU D 275 4.69 25.80 24.17
N ASP D 276 4.06 26.83 23.60
CA ASP D 276 3.15 27.71 24.38
C ASP D 276 1.83 26.98 24.72
N ASN D 277 1.49 25.85 24.09
CA ASN D 277 0.37 24.96 24.53
C ASN D 277 0.71 24.33 25.89
N LEU D 278 1.99 24.07 26.14
CA LEU D 278 2.47 23.59 27.46
C LEU D 278 2.78 24.80 28.34
N LEU D 279 3.32 25.89 27.76
CA LEU D 279 3.78 27.10 28.50
C LEU D 279 2.56 27.94 28.93
N ALA D 280 1.46 27.94 28.16
CA ALA D 280 0.17 28.58 28.51
C ALA D 280 -0.57 27.72 29.55
N GLN D 281 0.09 26.68 30.07
CA GLN D 281 -0.37 25.88 31.24
C GLN D 281 0.56 26.12 32.44
N ILE D 282 1.88 26.12 32.25
CA ILE D 282 2.90 26.22 33.34
C ILE D 282 3.54 27.62 33.38
N GLY D 283 3.19 28.50 32.43
CA GLY D 283 3.55 29.94 32.41
C GLY D 283 4.80 30.23 31.60
N ASP D 284 4.92 31.45 31.03
CA ASP D 284 6.07 31.88 30.19
C ASP D 284 7.39 31.72 30.98
N GLN D 285 7.35 31.55 32.32
CA GLN D 285 8.51 31.53 33.27
C GLN D 285 9.43 30.31 33.07
N TYR D 286 9.15 29.40 32.12
CA TYR D 286 9.83 28.07 31.98
C TYR D 286 10.30 27.81 30.53
N ALA D 287 10.22 28.77 29.59
CA ALA D 287 10.69 28.63 28.16
C ALA D 287 12.16 29.12 27.99
N ASP D 288 12.88 29.42 29.10
CA ASP D 288 14.37 29.59 29.24
C ASP D 288 15.04 28.23 29.55
N LEU D 289 14.23 27.22 29.93
CA LEU D 289 14.58 25.79 30.15
C LEU D 289 14.35 25.02 28.84
N PHE D 290 13.57 25.56 27.89
CA PHE D 290 13.41 25.04 26.50
C PHE D 290 14.28 25.84 25.48
N LEU D 291 14.52 27.14 25.75
CA LEU D 291 15.42 28.04 24.94
C LEU D 291 16.88 27.82 25.33
N ALA D 292 17.18 26.96 26.33
CA ALA D 292 18.53 26.39 26.63
C ALA D 292 18.58 24.91 26.19
N ALA D 293 17.46 24.39 25.68
CA ALA D 293 17.24 23.00 25.22
C ALA D 293 16.79 22.95 23.74
N LYS D 294 16.66 24.10 23.08
CA LYS D 294 16.83 24.19 21.60
C LYS D 294 18.34 24.40 21.33
N ASN D 295 19.02 25.20 22.19
CA ASN D 295 20.43 25.67 22.06
C ASN D 295 21.45 24.49 22.20
N LEU D 296 20.97 23.28 22.55
CA LEU D 296 21.70 21.98 22.41
C LEU D 296 20.94 21.03 21.44
N SER D 297 19.67 21.30 21.08
CA SER D 297 18.89 20.51 20.07
C SER D 297 19.55 20.67 18.69
N ASP D 298 20.47 21.64 18.61
CA ASP D 298 21.34 21.95 17.44
C ASP D 298 22.42 20.86 17.31
N ALA D 299 23.56 21.04 18.00
CA ALA D 299 24.76 20.18 17.94
C ALA D 299 24.39 18.68 17.93
N ILE D 300 23.35 18.26 18.67
CA ILE D 300 22.88 16.83 18.74
C ILE D 300 22.30 16.39 17.39
N LEU D 301 21.63 17.32 16.66
CA LEU D 301 21.10 17.12 15.27
C LEU D 301 22.23 16.54 14.40
N LEU D 302 23.36 17.25 14.32
CA LEU D 302 24.43 17.04 13.30
C LEU D 302 25.40 15.93 13.74
N SER D 303 25.58 15.77 15.05
CA SER D 303 26.63 14.95 15.72
C SER D 303 26.89 13.58 15.06
N ASP D 304 25.85 12.84 14.67
CA ASP D 304 25.99 11.40 14.32
C ASP D 304 26.72 11.30 12.97
N ILE D 305 26.52 12.29 12.08
CA ILE D 305 27.27 12.49 10.81
C ILE D 305 28.66 13.06 11.08
N LEU D 306 28.73 14.24 11.70
CA LEU D 306 29.97 15.06 11.75
C LEU D 306 30.97 14.48 12.76
N ARG D 307 30.80 14.62 14.07
CA ARG D 307 31.83 14.14 15.06
C ARG D 307 33.27 14.46 14.59
N VAL D 308 33.54 15.73 14.25
CA VAL D 308 34.90 16.35 14.07
C VAL D 308 34.82 17.83 14.50
N ASN D 309 35.60 18.27 15.49
CA ASN D 309 35.71 19.70 15.88
C ASN D 309 35.52 20.63 14.66
N THR D 310 34.47 21.45 14.65
CA THR D 310 34.09 22.33 13.50
C THR D 310 34.81 23.69 13.51
N GLU D 311 35.49 24.09 14.59
CA GLU D 311 36.26 25.37 14.59
C GLU D 311 37.72 25.11 14.13
N ILE D 312 38.01 24.01 13.39
CA ILE D 312 39.33 23.79 12.69
C ILE D 312 39.15 23.40 11.22
N THR D 313 37.95 23.48 10.65
CA THR D 313 37.69 23.18 9.21
C THR D 313 36.34 23.79 8.90
N LYS D 314 36.14 24.37 7.74
CA LYS D 314 34.78 24.73 7.30
C LYS D 314 34.17 23.52 6.61
N ALA D 315 34.92 22.41 6.47
CA ALA D 315 34.47 21.18 5.79
C ALA D 315 34.37 20.02 6.78
N PRO D 316 33.56 20.17 7.86
CA PRO D 316 33.36 19.12 8.86
C PRO D 316 32.91 17.84 8.21
N LEU D 317 31.99 17.90 7.23
CA LEU D 317 31.57 16.63 6.57
C LEU D 317 32.78 15.91 5.99
N SER D 318 33.48 16.49 5.00
CA SER D 318 34.60 15.82 4.29
C SER D 318 35.66 15.36 5.31
N ALA D 319 35.87 16.15 6.36
CA ALA D 319 36.87 15.82 7.39
C ALA D 319 36.48 14.54 8.11
N SER D 320 35.20 14.35 8.36
CA SER D 320 34.64 13.18 9.06
C SER D 320 34.84 11.94 8.19
N MET D 321 34.52 12.09 6.90
CA MET D 321 34.81 11.12 5.79
C MET D 321 36.30 10.73 5.78
N ILE D 322 37.21 11.70 5.79
CA ILE D 322 38.67 11.43 5.91
C ILE D 322 38.97 10.66 7.20
N LYS D 323 38.21 10.92 8.28
CA LYS D 323 38.43 10.20 9.55
C LYS D 323 38.11 8.73 9.29
N LEU D 324 37.03 8.43 8.58
CA LEU D 324 36.70 7.02 8.27
C LEU D 324 37.80 6.44 7.38
N TYR D 325 38.36 7.23 6.47
CA TYR D 325 39.37 6.72 5.52
C TYR D 325 40.62 6.29 6.30
N ASP D 326 41.13 7.15 7.18
CA ASP D 326 42.37 6.93 7.97
C ASP D 326 42.17 5.76 8.92
N GLU D 327 41.08 5.77 9.66
CA GLU D 327 40.75 4.67 10.60
C GLU D 327 40.72 3.38 9.79
N HIS D 328 40.02 3.36 8.68
CA HIS D 328 39.94 2.15 7.82
C HIS D 328 41.37 1.66 7.51
N HIS D 329 42.27 2.59 7.18
CA HIS D 329 43.66 2.33 6.73
C HIS D 329 44.44 1.65 7.84
N GLN D 330 44.34 2.23 9.04
CA GLN D 330 45.07 1.79 10.27
C GLN D 330 44.58 0.39 10.68
N ASP D 331 43.27 0.31 10.87
CA ASP D 331 42.60 -0.93 11.31
C ASP D 331 42.97 -2.07 10.37
N LEU D 332 43.18 -1.81 9.08
CA LEU D 332 43.42 -2.88 8.08
C LEU D 332 44.90 -3.27 8.09
N THR D 333 45.82 -2.32 8.11
CA THR D 333 47.25 -2.68 8.31
C THR D 333 47.36 -3.47 9.62
N LEU D 334 46.53 -3.17 10.63
CA LEU D 334 46.55 -3.93 11.91
C LEU D 334 45.91 -5.30 11.69
N LEU D 335 44.64 -5.38 11.29
CA LEU D 335 43.97 -6.69 11.00
C LEU D 335 44.88 -7.61 10.17
N LYS D 336 45.74 -7.05 9.30
CA LYS D 336 46.66 -7.82 8.41
C LYS D 336 47.81 -8.43 9.23
N ALA D 337 48.51 -7.60 10.02
CA ALA D 337 49.55 -8.03 11.00
C ALA D 337 49.00 -9.13 11.93
N LEU D 338 47.77 -8.95 12.46
CA LEU D 338 47.12 -9.82 13.50
C LEU D 338 46.56 -11.11 12.88
N VAL D 339 46.42 -11.16 11.56
CA VAL D 339 46.09 -12.43 10.88
C VAL D 339 47.41 -13.16 10.60
N ARG D 340 48.48 -12.42 10.32
CA ARG D 340 49.78 -13.03 9.94
C ARG D 340 50.41 -13.67 11.18
N GLN D 341 50.47 -12.94 12.30
CA GLN D 341 51.08 -13.42 13.57
C GLN D 341 50.23 -14.51 14.24
N GLN D 342 48.92 -14.66 13.96
CA GLN D 342 48.01 -15.51 14.80
C GLN D 342 47.05 -16.44 14.03
N LEU D 343 46.90 -16.33 12.70
CA LEU D 343 45.89 -17.12 11.92
C LEU D 343 46.30 -17.19 10.45
N PRO D 344 47.61 -17.21 10.12
CA PRO D 344 48.09 -16.89 8.77
C PRO D 344 47.58 -17.83 7.66
N GLU D 345 47.06 -19.00 8.03
CA GLU D 345 46.53 -19.98 7.06
C GLU D 345 45.22 -19.44 6.45
N LYS D 346 44.63 -18.39 7.03
CA LYS D 346 43.28 -17.91 6.62
C LYS D 346 43.39 -16.63 5.76
N TYR D 347 44.47 -15.86 5.88
CA TYR D 347 44.76 -14.57 5.16
C TYR D 347 44.25 -14.59 3.73
N LYS D 348 44.66 -15.54 2.91
CA LYS D 348 44.24 -15.58 1.49
C LYS D 348 42.71 -15.50 1.44
N GLU D 349 42.00 -16.32 2.22
CA GLU D 349 40.51 -16.35 2.22
C GLU D 349 39.98 -14.94 2.48
N ILE D 350 40.49 -14.27 3.52
CA ILE D 350 39.99 -12.96 4.03
C ILE D 350 40.36 -11.83 3.06
N PHE D 351 41.53 -11.92 2.40
CA PHE D 351 42.13 -10.79 1.65
C PHE D 351 42.28 -11.04 0.14
N PHE D 352 41.92 -12.22 -0.39
CA PHE D 352 42.05 -12.54 -1.84
C PHE D 352 40.76 -13.18 -2.38
N ASP D 353 39.99 -13.86 -1.55
CA ASP D 353 38.81 -14.62 -2.03
C ASP D 353 37.55 -13.75 -1.98
N GLN D 354 37.03 -13.41 -3.16
CA GLN D 354 35.86 -12.51 -3.32
C GLN D 354 34.57 -13.26 -3.02
N SER D 355 34.50 -14.56 -3.36
CA SER D 355 33.32 -15.45 -3.17
C SER D 355 32.92 -15.45 -1.68
N LYS D 356 33.88 -15.28 -0.78
CA LYS D 356 33.67 -15.31 0.69
C LYS D 356 33.73 -13.89 1.24
N ASN D 357 32.80 -13.58 2.14
CA ASN D 357 32.49 -12.26 2.76
C ASN D 357 33.58 -11.82 3.76
N GLY D 358 34.86 -11.96 3.40
CA GLY D 358 35.97 -11.26 4.09
C GLY D 358 36.17 -9.85 3.52
N TYR D 359 37.37 -9.29 3.64
CA TYR D 359 37.70 -7.96 3.07
C TYR D 359 37.60 -8.02 1.54
N ALA D 360 38.20 -9.03 0.90
CA ALA D 360 38.08 -9.21 -0.57
C ALA D 360 36.60 -9.16 -0.99
N GLY D 361 35.72 -9.75 -0.19
CA GLY D 361 34.28 -9.78 -0.48
C GLY D 361 33.65 -8.40 -0.29
N TYR D 362 34.10 -7.69 0.73
CA TYR D 362 33.61 -6.35 1.12
C TYR D 362 34.02 -5.40 0.00
N ILE D 363 35.29 -5.48 -0.40
CA ILE D 363 35.89 -4.45 -1.29
C ILE D 363 35.59 -4.76 -2.75
N ASP D 364 35.76 -6.01 -3.19
CA ASP D 364 35.74 -6.32 -4.64
C ASP D 364 34.69 -7.36 -4.98
N GLY D 365 34.17 -8.10 -3.99
CA GLY D 365 33.01 -9.01 -4.15
C GLY D 365 31.68 -8.33 -3.87
N GLY D 366 30.62 -9.09 -3.64
CA GLY D 366 29.27 -8.53 -3.47
C GLY D 366 28.86 -8.41 -2.00
N ALA D 367 29.83 -8.32 -1.08
CA ALA D 367 29.57 -8.46 0.36
C ALA D 367 29.32 -7.10 0.97
N SER D 368 28.30 -7.01 1.82
CA SER D 368 27.80 -5.80 2.48
C SER D 368 28.58 -5.50 3.77
N GLN D 369 28.44 -4.30 4.35
CA GLN D 369 29.03 -3.96 5.68
C GLN D 369 28.55 -4.97 6.72
N GLU D 370 27.27 -5.36 6.67
CA GLU D 370 26.67 -6.34 7.61
C GLU D 370 27.29 -7.73 7.39
N GLU D 371 27.24 -8.24 6.15
CA GLU D 371 27.76 -9.58 5.75
C GLU D 371 29.25 -9.67 6.05
N PHE D 372 29.97 -8.55 6.00
CA PHE D 372 31.44 -8.53 6.26
C PHE D 372 31.65 -8.72 7.76
N TYR D 373 31.03 -7.83 8.55
CA TYR D 373 31.03 -7.79 10.04
C TYR D 373 30.66 -9.17 10.56
N LYS D 374 29.60 -9.80 10.02
CA LYS D 374 29.06 -11.12 10.43
C LYS D 374 30.16 -12.17 10.30
N PHE D 375 30.92 -12.10 9.21
CA PHE D 375 31.95 -13.09 8.81
C PHE D 375 33.13 -13.08 9.81
N ILE D 376 33.71 -11.91 10.11
CA ILE D 376 35.05 -11.79 10.79
C ILE D 376 34.91 -11.55 12.30
N LYS D 377 33.70 -11.38 12.83
CA LYS D 377 33.49 -11.33 14.31
C LYS D 377 34.06 -12.62 14.90
N PRO D 378 33.61 -13.84 14.47
CA PRO D 378 34.27 -15.08 14.89
C PRO D 378 35.80 -14.97 14.90
N ILE D 379 36.36 -14.62 13.74
CA ILE D 379 37.83 -14.62 13.50
C ILE D 379 38.51 -13.67 14.48
N LEU D 380 38.01 -12.44 14.55
CA LEU D 380 38.62 -11.30 15.29
C LEU D 380 38.63 -11.59 16.80
N GLU D 381 37.63 -12.34 17.30
CA GLU D 381 37.52 -12.75 18.75
C GLU D 381 38.26 -14.08 18.95
N LYS D 382 38.19 -15.03 17.99
CA LYS D 382 39.07 -16.22 18.00
C LYS D 382 40.56 -15.81 17.82
N MET D 383 40.99 -14.63 18.35
CA MET D 383 42.43 -14.18 18.44
C MET D 383 42.57 -12.97 19.40
N ASP D 384 43.56 -13.00 20.28
CA ASP D 384 43.72 -11.87 21.19
C ASP D 384 44.49 -10.78 20.46
N GLY D 385 44.35 -9.56 20.96
CA GLY D 385 45.00 -8.32 20.46
C GLY D 385 43.98 -7.47 19.73
N THR D 386 43.01 -8.15 19.17
CA THR D 386 41.89 -7.64 18.38
C THR D 386 40.83 -7.14 19.35
N GLU D 387 41.24 -6.45 20.41
CA GLU D 387 40.19 -5.94 21.32
C GLU D 387 39.53 -4.68 20.73
N GLU D 388 40.31 -3.59 20.62
CA GLU D 388 39.82 -2.24 20.19
C GLU D 388 39.17 -2.28 18.80
N LEU D 389 39.55 -3.27 17.98
CA LEU D 389 38.97 -3.57 16.63
C LEU D 389 37.52 -4.04 16.78
N LEU D 390 37.22 -4.75 17.86
CA LEU D 390 35.88 -5.36 18.04
C LEU D 390 34.95 -4.36 18.74
N VAL D 391 35.53 -3.43 19.52
CA VAL D 391 34.74 -2.29 20.09
C VAL D 391 34.03 -1.65 18.90
N LYS D 392 34.79 -1.39 17.82
CA LYS D 392 34.33 -0.69 16.59
C LYS D 392 33.34 -1.57 15.83
N LEU D 393 33.59 -2.86 15.67
CA LEU D 393 32.68 -3.74 14.87
C LEU D 393 31.27 -3.68 15.45
N ASN D 394 31.14 -3.57 16.76
CA ASN D 394 29.80 -3.63 17.41
C ASN D 394 29.13 -2.27 17.19
N ARG D 395 29.95 -1.19 17.21
CA ARG D 395 29.55 0.23 17.00
C ARG D 395 29.30 0.52 15.49
N GLU D 396 29.57 -0.43 14.58
CA GLU D 396 29.42 -0.20 13.12
C GLU D 396 30.33 0.96 12.70
N ASP D 397 31.59 0.94 13.15
CA ASP D 397 32.62 1.99 12.94
C ASP D 397 33.94 1.36 12.44
N LEU D 398 33.95 0.11 11.96
CA LEU D 398 35.21 -0.67 11.82
C LEU D 398 35.96 -0.27 10.53
N LEU D 399 35.52 -0.79 9.40
CA LEU D 399 36.29 -0.64 8.14
C LEU D 399 35.28 -0.03 7.18
N ARG D 400 34.91 1.18 7.52
CA ARG D 400 33.82 1.89 6.83
C ARG D 400 34.23 2.46 5.48
N LYS D 401 33.34 2.29 4.52
CA LYS D 401 33.45 3.01 3.25
C LYS D 401 32.96 4.44 3.55
N GLN D 402 33.11 5.36 2.59
CA GLN D 402 32.62 6.73 2.71
C GLN D 402 31.22 6.77 2.11
N ARG D 403 31.02 6.10 0.97
CA ARG D 403 29.72 6.07 0.25
C ARG D 403 28.99 4.78 0.68
N THR D 404 27.96 4.92 1.51
CA THR D 404 27.27 3.81 2.23
C THR D 404 25.78 4.11 2.40
N PHE D 405 25.01 3.11 2.82
CA PHE D 405 23.54 3.21 3.08
C PHE D 405 23.25 4.42 4.00
N ASP D 406 24.09 4.73 4.98
CA ASP D 406 23.64 5.64 6.05
C ASP D 406 23.86 7.12 5.71
N ASN D 407 24.46 7.50 4.58
CA ASN D 407 24.58 8.95 4.21
C ASN D 407 23.22 9.54 3.86
N GLY D 408 22.20 8.70 3.79
CA GLY D 408 20.79 9.14 3.73
C GLY D 408 20.49 10.37 4.58
N ILE D 409 21.09 10.51 5.77
CA ILE D 409 20.70 11.57 6.75
C ILE D 409 21.32 12.93 6.38
N ILE D 410 22.34 12.94 5.54
CA ILE D 410 23.06 14.20 5.25
C ILE D 410 22.13 15.13 4.50
N PRO D 411 21.81 16.32 5.09
CA PRO D 411 20.99 17.33 4.43
C PRO D 411 21.76 18.13 3.36
N HIS D 412 21.12 18.59 2.28
CA HIS D 412 21.82 19.30 1.20
C HIS D 412 22.58 20.50 1.77
N GLN D 413 22.16 21.03 2.91
CA GLN D 413 22.75 22.28 3.48
C GLN D 413 24.22 22.05 3.83
N ILE D 414 24.62 20.86 4.29
CA ILE D 414 26.04 20.52 4.59
C ILE D 414 26.87 20.58 3.29
N HIS D 415 26.37 19.95 2.24
CA HIS D 415 27.10 19.92 0.97
C HIS D 415 27.23 21.35 0.51
N LEU D 416 26.16 22.11 0.64
CA LEU D 416 26.13 23.51 0.17
C LEU D 416 27.19 24.31 0.90
N GLY D 417 27.46 24.00 2.18
CA GLY D 417 28.46 24.68 2.99
C GLY D 417 29.84 24.60 2.33
N GLU D 418 30.24 23.41 1.91
CA GLU D 418 31.54 23.18 1.27
C GLU D 418 31.45 23.85 -0.11
N LEU D 419 30.36 23.66 -0.86
CA LEU D 419 30.19 24.29 -2.19
C LEU D 419 30.42 25.81 -2.10
N HIS D 420 29.80 26.43 -1.10
CA HIS D 420 29.91 27.87 -0.85
C HIS D 420 31.42 28.19 -0.58
N ALA D 421 32.02 27.50 0.39
CA ALA D 421 33.40 27.71 0.86
C ALA D 421 34.36 27.71 -0.34
N ILE D 422 34.28 26.62 -1.11
CA ILE D 422 35.19 26.39 -2.26
C ILE D 422 35.01 27.56 -3.22
N LEU D 423 33.75 27.94 -3.49
CA LEU D 423 33.46 29.08 -4.40
C LEU D 423 34.06 30.38 -3.84
N ARG D 424 34.23 30.54 -2.53
CA ARG D 424 34.71 31.81 -1.93
C ARG D 424 36.21 31.90 -2.02
N ARG D 425 36.85 30.76 -1.78
CA ARG D 425 38.28 30.56 -2.06
C ARG D 425 38.58 30.95 -3.51
N GLN D 426 38.08 30.22 -4.51
CA GLN D 426 38.68 30.28 -5.88
C GLN D 426 38.11 31.49 -6.65
N GLU D 427 36.98 32.05 -6.24
CA GLU D 427 36.44 33.26 -6.92
C GLU D 427 37.51 34.36 -6.87
N ASP D 428 38.39 34.31 -5.86
CA ASP D 428 39.49 35.29 -5.70
C ASP D 428 40.43 35.23 -6.92
N PHE D 429 40.52 34.07 -7.60
CA PHE D 429 41.41 33.79 -8.75
C PHE D 429 40.61 33.65 -10.04
N TYR D 430 39.31 33.36 -9.97
CA TYR D 430 38.54 33.01 -11.18
C TYR D 430 37.35 33.95 -11.29
N PRO D 431 37.50 35.06 -12.05
CA PRO D 431 36.43 36.05 -12.18
C PRO D 431 35.07 35.40 -12.52
N PHE D 432 35.07 34.34 -13.31
CA PHE D 432 33.82 33.64 -13.74
C PHE D 432 33.13 32.99 -12.54
N LEU D 433 33.88 32.46 -11.58
CA LEU D 433 33.30 31.86 -10.35
C LEU D 433 32.67 32.95 -9.49
N LYS D 434 33.29 34.11 -9.33
CA LYS D 434 32.69 35.24 -8.55
C LYS D 434 31.37 35.59 -9.21
N ASP D 435 31.35 35.70 -10.54
CA ASP D 435 30.16 36.17 -11.28
C ASP D 435 29.01 35.14 -11.27
N ASN D 436 29.32 33.84 -11.27
CA ASN D 436 28.39 32.71 -11.33
C ASN D 436 28.38 31.98 -10.00
N ARG D 437 28.80 32.61 -8.91
CA ARG D 437 28.76 31.93 -7.59
C ARG D 437 27.32 31.59 -7.25
N GLU D 438 26.40 32.52 -7.50
CA GLU D 438 24.98 32.36 -7.07
C GLU D 438 24.30 31.37 -8.02
N LYS D 439 24.65 31.44 -9.30
CA LYS D 439 24.13 30.49 -10.29
C LYS D 439 24.44 29.07 -9.82
N ILE D 440 25.70 28.81 -9.49
CA ILE D 440 26.18 27.45 -9.17
C ILE D 440 25.48 26.95 -7.91
N GLU D 441 25.52 27.75 -6.84
CA GLU D 441 24.87 27.45 -5.54
C GLU D 441 23.40 27.07 -5.77
N LYS D 442 22.75 27.75 -6.69
CA LYS D 442 21.34 27.52 -7.09
C LYS D 442 21.19 26.16 -7.78
N ILE D 443 22.16 25.72 -8.58
CA ILE D 443 22.06 24.35 -9.13
C ILE D 443 22.02 23.37 -7.95
N LEU D 444 22.76 23.56 -6.88
CA LEU D 444 22.66 22.59 -5.78
C LEU D 444 21.30 22.70 -5.05
N THR D 445 20.83 23.92 -4.87
CA THR D 445 19.69 24.29 -4.02
C THR D 445 18.31 24.10 -4.65
N PHE D 446 18.17 24.39 -5.92
CA PHE D 446 16.89 24.35 -6.64
C PHE D 446 16.27 22.97 -6.64
N ARG D 447 14.95 22.97 -6.59
CA ARG D 447 14.15 21.74 -6.53
C ARG D 447 12.79 22.11 -7.02
N ILE D 448 12.32 21.52 -8.10
CA ILE D 448 10.90 21.75 -8.49
C ILE D 448 10.00 21.43 -7.29
N PRO D 449 9.11 22.36 -6.92
CA PRO D 449 8.16 22.11 -5.85
C PRO D 449 7.21 20.99 -6.26
N TYR D 450 6.83 20.15 -5.31
CA TYR D 450 5.95 18.97 -5.54
C TYR D 450 4.62 19.48 -6.09
N TYR D 451 4.25 20.72 -5.76
CA TYR D 451 2.96 21.29 -6.17
C TYR D 451 3.07 21.90 -7.56
N VAL D 452 4.23 21.80 -8.25
CA VAL D 452 4.42 22.28 -9.66
C VAL D 452 4.40 21.10 -10.61
N GLY D 453 5.13 20.03 -10.30
CA GLY D 453 5.09 18.83 -11.15
C GLY D 453 5.87 18.98 -12.46
N PRO D 454 5.78 18.05 -13.41
CA PRO D 454 6.67 18.10 -14.56
C PRO D 454 6.61 19.47 -15.23
N LEU D 455 7.77 19.95 -15.70
CA LEU D 455 7.98 21.26 -16.39
C LEU D 455 7.74 21.03 -17.89
N ALA D 456 6.50 20.62 -18.20
CA ALA D 456 6.02 20.13 -19.50
C ALA D 456 5.42 21.26 -20.32
N ARG D 457 5.15 20.94 -21.58
CA ARG D 457 4.66 21.86 -22.63
C ARG D 457 3.57 21.07 -23.37
N GLY D 458 2.55 20.69 -22.59
CA GLY D 458 1.31 20.03 -23.03
C GLY D 458 1.57 18.83 -23.89
N ASN D 459 2.47 17.95 -23.47
CA ASN D 459 2.61 16.55 -23.92
C ASN D 459 2.92 15.70 -22.71
N SER D 460 2.37 16.00 -21.54
CA SER D 460 2.49 15.10 -20.38
C SER D 460 1.10 14.91 -19.81
N ARG D 461 0.53 13.73 -19.94
CA ARG D 461 -0.77 13.43 -19.28
C ARG D 461 -0.65 13.67 -17.78
N PHE D 462 0.57 13.81 -17.20
CA PHE D 462 0.74 14.03 -15.72
C PHE D 462 0.88 15.52 -15.39
N ALA D 463 1.17 16.35 -16.38
CA ALA D 463 1.55 17.75 -16.10
C ALA D 463 0.29 18.57 -15.77
N TRP D 464 0.43 19.68 -15.02
CA TRP D 464 -0.61 20.71 -14.78
C TRP D 464 -0.04 22.12 -14.62
N MET D 465 1.30 22.32 -14.65
CA MET D 465 1.86 23.63 -14.30
C MET D 465 1.56 24.58 -15.46
N THR D 466 1.65 25.89 -15.22
CA THR D 466 1.23 27.03 -16.07
C THR D 466 2.48 27.88 -16.26
N ARG D 467 2.73 28.42 -17.46
CA ARG D 467 3.84 29.38 -17.68
C ARG D 467 3.34 30.84 -17.72
N LYS D 468 4.06 31.76 -17.09
CA LYS D 468 3.93 33.21 -17.39
C LYS D 468 4.52 33.47 -18.77
N SER D 469 5.45 32.65 -19.22
CA SER D 469 6.30 32.98 -20.39
C SER D 469 6.64 31.71 -21.13
N GLU D 470 6.36 31.63 -22.43
CA GLU D 470 6.73 30.43 -23.24
C GLU D 470 8.22 30.56 -23.56
N GLU D 471 9.05 29.62 -23.07
CA GLU D 471 10.54 29.73 -23.00
C GLU D 471 11.08 28.74 -21.95
N THR D 472 12.33 28.31 -22.12
CA THR D 472 12.94 27.22 -21.33
C THR D 472 13.05 27.67 -19.88
N ILE D 473 12.65 26.77 -18.98
CA ILE D 473 12.68 26.92 -17.50
C ILE D 473 14.06 26.43 -17.05
N THR D 474 14.62 27.08 -16.05
CA THR D 474 15.97 26.80 -15.52
C THR D 474 15.90 27.04 -14.04
N PRO D 475 16.88 26.58 -13.25
CA PRO D 475 16.83 26.84 -11.81
C PRO D 475 16.78 28.36 -11.60
N TRP D 476 17.32 29.12 -12.56
CA TRP D 476 17.51 30.59 -12.40
C TRP D 476 16.24 31.33 -12.81
N ASN D 477 15.61 31.00 -13.94
CA ASN D 477 14.48 31.82 -14.47
C ASN D 477 13.14 31.26 -13.95
N PHE D 478 13.17 30.26 -13.05
CA PHE D 478 11.97 29.48 -12.65
C PHE D 478 10.85 30.39 -12.16
N GLU D 479 11.10 31.20 -11.12
CA GLU D 479 10.08 32.14 -10.57
C GLU D 479 9.59 33.04 -11.72
N LYS D 480 10.46 33.52 -12.61
CA LYS D 480 10.01 34.49 -13.64
C LYS D 480 9.21 33.76 -14.75
N VAL D 481 9.26 32.41 -14.87
CA VAL D 481 8.60 31.68 -16.00
C VAL D 481 7.47 30.71 -15.55
N VAL D 482 7.69 29.92 -14.51
CA VAL D 482 6.55 29.17 -13.91
C VAL D 482 5.67 30.20 -13.19
N ASP D 483 4.35 30.13 -13.37
CA ASP D 483 3.38 30.78 -12.46
C ASP D 483 3.15 29.84 -11.25
N LYS D 484 3.95 29.96 -10.20
CA LYS D 484 3.91 29.01 -9.06
C LYS D 484 2.52 28.96 -8.44
N GLY D 485 1.82 30.09 -8.37
CA GLY D 485 0.49 30.21 -7.73
C GLY D 485 -0.57 29.45 -8.52
N ALA D 486 -0.75 29.78 -9.80
CA ALA D 486 -1.65 29.06 -10.72
C ALA D 486 -1.38 27.57 -10.61
N SER D 487 -0.11 27.17 -10.60
CA SER D 487 0.33 25.76 -10.62
C SER D 487 0.03 25.13 -9.25
N ALA D 488 0.29 25.81 -8.13
CA ALA D 488 0.01 25.26 -6.77
C ALA D 488 -1.50 24.99 -6.57
N GLN D 489 -2.32 25.84 -7.17
CA GLN D 489 -3.79 25.79 -7.05
C GLN D 489 -4.30 24.57 -7.84
N SER D 490 -3.90 24.46 -9.14
CA SER D 490 -4.30 23.31 -10.02
C SER D 490 -3.91 22.02 -9.32
N PHE D 491 -2.71 21.96 -8.74
CA PHE D 491 -2.22 20.75 -8.03
C PHE D 491 -3.34 20.25 -7.08
N ILE D 492 -4.04 21.16 -6.41
CA ILE D 492 -5.17 20.76 -5.53
C ILE D 492 -6.45 20.66 -6.35
N GLU D 493 -6.81 21.71 -7.07
CA GLU D 493 -8.15 21.85 -7.72
C GLU D 493 -8.41 20.69 -8.68
N ARG D 494 -7.41 20.25 -9.41
CA ARG D 494 -7.56 19.17 -10.40
C ARG D 494 -7.80 17.86 -9.65
N MET D 495 -7.63 17.81 -8.34
CA MET D 495 -7.91 16.57 -7.58
C MET D 495 -9.19 16.70 -6.76
N THR D 496 -9.77 17.89 -6.62
CA THR D 496 -10.87 18.11 -5.65
C THR D 496 -12.25 17.86 -6.29
N ASN D 497 -13.21 17.55 -5.42
CA ASN D 497 -14.63 17.33 -5.78
C ASN D 497 -15.39 18.61 -6.09
N PHE D 498 -16.38 18.43 -6.96
CA PHE D 498 -17.49 19.39 -7.17
C PHE D 498 -18.63 18.96 -6.26
N ASP D 499 -19.50 19.89 -5.96
CA ASP D 499 -20.67 19.67 -5.08
C ASP D 499 -21.61 18.77 -5.86
N LYS D 500 -21.82 17.51 -5.42
CA LYS D 500 -22.73 16.58 -6.15
C LYS D 500 -24.10 17.22 -6.43
N ASN D 501 -24.54 18.24 -5.69
CA ASN D 501 -25.90 18.81 -5.85
C ASN D 501 -25.89 19.98 -6.85
N LEU D 502 -24.85 20.82 -6.84
CA LEU D 502 -24.59 21.89 -7.86
C LEU D 502 -23.25 21.61 -8.55
N PRO D 503 -23.22 20.65 -9.49
CA PRO D 503 -21.98 19.98 -9.86
C PRO D 503 -20.95 20.84 -10.65
N ASN D 504 -21.23 22.10 -10.90
CA ASN D 504 -20.23 22.98 -11.54
C ASN D 504 -19.59 23.87 -10.45
N GLU D 505 -20.17 23.90 -9.26
CA GLU D 505 -19.66 24.63 -8.07
C GLU D 505 -18.61 23.78 -7.36
N LYS D 506 -17.46 24.32 -6.97
CA LYS D 506 -16.45 23.46 -6.31
C LYS D 506 -16.79 23.46 -4.82
N VAL D 507 -16.42 22.39 -4.11
CA VAL D 507 -16.64 22.28 -2.64
C VAL D 507 -15.78 23.32 -1.93
N LEU D 508 -16.27 23.73 -0.76
CA LEU D 508 -15.58 24.67 0.15
C LEU D 508 -14.48 23.93 0.91
N PRO D 509 -13.43 24.65 1.33
CA PRO D 509 -12.45 24.08 2.24
C PRO D 509 -13.16 23.58 3.51
N LYS D 510 -12.85 22.38 3.94
CA LYS D 510 -13.43 21.78 5.17
C LYS D 510 -13.41 22.81 6.32
N HIS D 511 -12.42 23.67 6.41
CA HIS D 511 -12.21 24.54 7.60
C HIS D 511 -12.74 25.96 7.39
N SER D 512 -13.44 26.24 6.28
CA SER D 512 -14.16 27.51 6.00
C SER D 512 -15.03 27.92 7.19
N LEU D 513 -15.07 29.19 7.59
CA LEU D 513 -15.97 29.59 8.72
C LEU D 513 -17.43 29.28 8.37
N LEU D 514 -17.80 29.53 7.13
CA LEU D 514 -19.14 29.25 6.59
C LEU D 514 -19.41 27.74 6.66
N TYR D 515 -18.39 26.91 6.34
CA TYR D 515 -18.63 25.46 6.28
C TYR D 515 -18.93 25.02 7.71
N GLU D 516 -18.22 25.61 8.68
CA GLU D 516 -18.28 25.14 10.09
C GLU D 516 -19.61 25.61 10.68
N TYR D 517 -20.08 26.81 10.30
CA TYR D 517 -21.41 27.37 10.63
C TYR D 517 -22.48 26.38 10.15
N PHE D 518 -22.42 26.00 8.88
CA PHE D 518 -23.31 24.97 8.30
C PHE D 518 -23.36 23.75 9.24
N THR D 519 -22.17 23.27 9.54
CA THR D 519 -21.88 22.02 10.29
C THR D 519 -22.56 22.11 11.65
N VAL D 520 -22.38 23.24 12.33
CA VAL D 520 -22.88 23.40 13.73
C VAL D 520 -24.39 23.54 13.69
N TYR D 521 -24.90 24.48 12.90
CA TYR D 521 -26.36 24.73 12.84
C TYR D 521 -27.05 23.44 12.42
N ASN D 522 -26.49 22.63 11.53
CA ASN D 522 -27.20 21.40 11.10
C ASN D 522 -27.39 20.46 12.29
N GLU D 523 -26.38 20.31 13.13
CA GLU D 523 -26.48 19.41 14.30
C GLU D 523 -27.45 20.04 15.30
N LEU D 524 -27.33 21.36 15.47
CA LEU D 524 -27.92 22.19 16.57
C LEU D 524 -29.44 22.34 16.37
N THR D 525 -29.89 22.51 15.13
CA THR D 525 -31.33 22.65 14.77
C THR D 525 -32.06 21.31 14.90
N LYS D 526 -31.37 20.21 15.27
CA LYS D 526 -32.10 18.98 15.71
C LYS D 526 -31.85 18.64 17.19
N VAL D 527 -31.11 19.44 17.96
CA VAL D 527 -31.13 19.27 19.44
C VAL D 527 -32.54 19.64 19.91
N LYS D 528 -33.12 18.79 20.77
CA LYS D 528 -34.42 19.00 21.47
C LYS D 528 -34.16 18.81 22.96
N TYR D 529 -34.87 19.59 23.80
CA TYR D 529 -34.74 19.71 25.28
C TYR D 529 -36.11 19.57 25.94
N VAL D 530 -36.07 19.29 27.26
CA VAL D 530 -37.24 19.28 28.19
C VAL D 530 -36.70 19.59 29.59
N THR D 531 -37.46 20.40 30.36
CA THR D 531 -37.29 20.64 31.83
C THR D 531 -38.63 20.51 32.57
N GLU D 532 -39.05 21.61 33.21
CA GLU D 532 -39.88 21.58 34.43
C GLU D 532 -41.27 21.02 34.06
N GLY D 533 -42.18 21.88 33.58
CA GLY D 533 -43.58 21.54 33.23
C GLY D 533 -43.84 21.73 31.75
N MET D 534 -43.02 21.13 30.89
CA MET D 534 -43.19 21.06 29.41
C MET D 534 -43.74 19.67 29.06
N ARG D 535 -44.86 19.59 28.34
CA ARG D 535 -45.53 18.33 27.90
C ARG D 535 -44.49 17.41 27.23
N LYS D 536 -43.95 17.81 26.07
CA LYS D 536 -42.94 17.05 25.26
C LYS D 536 -41.63 17.82 25.28
N PRO D 537 -40.53 17.22 24.74
CA PRO D 537 -39.32 17.99 24.46
C PRO D 537 -39.56 18.83 23.20
N ALA D 538 -38.89 19.98 23.08
CA ALA D 538 -39.04 20.94 21.97
C ALA D 538 -37.69 21.22 21.28
N PHE D 539 -37.75 21.72 20.05
CA PHE D 539 -36.62 22.27 19.27
C PHE D 539 -36.07 23.53 19.95
N LEU D 540 -34.79 23.82 19.75
CA LEU D 540 -34.25 25.20 19.94
C LEU D 540 -34.90 26.13 18.90
N SER D 541 -35.03 27.42 19.20
CA SER D 541 -35.50 28.47 18.26
C SER D 541 -34.29 29.20 17.65
N GLY D 542 -34.56 30.05 16.65
CA GLY D 542 -33.61 31.02 16.09
C GLY D 542 -32.75 31.68 17.17
N ASP D 543 -33.37 32.58 17.96
CA ASP D 543 -32.72 33.39 19.03
C ASP D 543 -31.93 32.48 19.97
N GLN D 544 -32.53 31.33 20.31
CA GLN D 544 -31.93 30.33 21.23
C GLN D 544 -30.60 29.82 20.64
N LYS D 545 -30.61 29.50 19.34
CA LYS D 545 -29.43 28.97 18.61
C LYS D 545 -28.39 30.08 18.51
N LYS D 546 -28.82 31.31 18.20
CA LYS D 546 -27.89 32.48 18.13
C LYS D 546 -27.17 32.58 19.48
N ALA D 547 -27.92 32.65 20.60
CA ALA D 547 -27.32 32.81 21.95
C ALA D 547 -26.38 31.64 22.25
N ILE D 548 -26.77 30.42 21.86
CA ILE D 548 -25.97 29.17 22.13
C ILE D 548 -24.75 29.19 21.22
N VAL D 549 -24.90 29.66 19.99
CA VAL D 549 -23.74 29.81 19.07
C VAL D 549 -22.86 30.93 19.67
N ASP D 550 -23.44 32.11 19.90
CA ASP D 550 -22.72 33.35 20.31
C ASP D 550 -21.95 33.11 21.60
N LEU D 551 -22.62 32.57 22.63
CA LEU D 551 -22.08 32.41 24.01
C LEU D 551 -21.07 31.26 24.10
N LEU D 552 -21.42 30.05 23.65
CA LEU D 552 -20.62 28.80 23.82
C LEU D 552 -19.74 28.49 22.61
N PHE D 553 -20.32 28.40 21.41
CA PHE D 553 -19.58 27.86 20.23
C PHE D 553 -18.45 28.82 19.85
N LYS D 554 -18.67 30.12 20.02
CA LYS D 554 -17.67 31.17 19.68
C LYS D 554 -16.76 31.47 20.87
N THR D 555 -16.53 30.50 21.78
CA THR D 555 -15.65 30.65 22.98
C THR D 555 -14.82 29.39 23.30
N ASN D 556 -15.25 28.17 22.92
CA ASN D 556 -14.55 26.89 23.28
C ASN D 556 -14.68 25.85 22.14
N ARG D 557 -13.55 25.34 21.61
CA ARG D 557 -13.49 24.29 20.54
C ARG D 557 -14.67 23.33 20.64
N LYS D 558 -14.71 22.48 21.68
CA LYS D 558 -15.86 21.59 21.99
C LYS D 558 -16.85 22.39 22.84
N VAL D 559 -18.14 22.33 22.54
CA VAL D 559 -19.13 22.57 23.61
C VAL D 559 -19.65 21.18 23.98
N THR D 560 -19.80 20.93 25.29
CA THR D 560 -20.30 19.65 25.87
C THR D 560 -21.77 19.82 26.23
N VAL D 561 -22.50 18.70 26.22
CA VAL D 561 -23.90 18.64 26.71
C VAL D 561 -23.95 19.26 28.09
N LYS D 562 -22.91 19.02 28.91
CA LYS D 562 -22.82 19.64 30.26
C LYS D 562 -22.80 21.16 30.06
N GLN D 563 -21.82 21.68 29.32
CA GLN D 563 -21.75 23.13 29.00
C GLN D 563 -23.13 23.60 28.50
N LEU D 564 -23.83 22.86 27.65
CA LEU D 564 -25.16 23.33 27.18
C LEU D 564 -26.20 23.28 28.32
N LYS D 565 -26.02 22.42 29.33
CA LYS D 565 -26.94 22.33 30.50
C LYS D 565 -26.63 23.44 31.53
N GLU D 566 -25.34 23.48 31.96
CA GLU D 566 -24.80 24.25 33.11
C GLU D 566 -24.43 25.69 32.71
N ASP D 567 -23.77 25.92 31.57
CA ASP D 567 -23.33 27.27 31.08
C ASP D 567 -24.47 27.97 30.28
N TYR D 568 -25.47 27.25 29.75
CA TYR D 568 -26.61 27.90 29.05
C TYR D 568 -27.90 27.76 29.86
N PHE D 569 -28.55 26.58 29.86
CA PHE D 569 -29.95 26.40 30.35
C PHE D 569 -30.06 26.85 31.83
N LYS D 570 -29.09 26.44 32.67
CA LYS D 570 -28.93 26.81 34.10
C LYS D 570 -28.83 28.34 34.26
N LYS D 571 -28.03 29.05 33.46
CA LYS D 571 -27.65 30.47 33.70
C LYS D 571 -28.57 31.43 32.94
N ILE D 572 -28.97 31.15 31.69
CA ILE D 572 -29.82 32.12 30.93
C ILE D 572 -31.29 31.69 31.01
N GLU D 573 -31.61 30.39 30.84
CA GLU D 573 -33.01 29.88 30.83
C GLU D 573 -33.43 29.50 32.26
N GLU D 574 -32.49 29.55 33.21
CA GLU D 574 -32.69 29.31 34.67
C GLU D 574 -33.59 28.07 34.87
N PHE D 575 -33.05 26.89 34.55
CA PHE D 575 -33.59 25.55 34.90
C PHE D 575 -32.54 24.80 35.75
N ASP D 576 -33.01 23.90 36.63
CA ASP D 576 -32.18 23.19 37.65
C ASP D 576 -31.65 21.88 37.06
N SER D 577 -32.50 21.21 36.29
CA SER D 577 -32.16 20.00 35.51
C SER D 577 -32.80 20.12 34.13
N VAL D 578 -32.04 19.82 33.06
CA VAL D 578 -32.58 19.79 31.66
C VAL D 578 -32.12 18.51 30.95
N GLU D 579 -33.10 17.82 30.33
CA GLU D 579 -32.90 16.57 29.56
C GLU D 579 -32.91 16.92 28.06
N ILE D 580 -31.77 16.72 27.39
CA ILE D 580 -31.51 17.14 25.96
C ILE D 580 -31.30 15.89 25.10
N SER D 581 -31.74 15.93 23.85
CA SER D 581 -31.70 14.78 22.91
C SER D 581 -31.16 15.27 21.57
N GLY D 582 -30.40 14.41 20.89
CA GLY D 582 -29.81 14.70 19.56
C GLY D 582 -28.33 14.97 19.67
N VAL D 583 -27.80 15.06 20.88
CA VAL D 583 -26.34 15.22 21.12
C VAL D 583 -25.94 14.45 22.37
N GLU D 584 -24.86 13.67 22.30
CA GLU D 584 -24.37 12.82 23.42
C GLU D 584 -22.95 13.24 23.77
N ASP D 585 -22.67 13.56 25.03
CA ASP D 585 -21.34 14.04 25.53
C ASP D 585 -21.03 15.45 24.99
N ARG D 586 -20.71 15.56 23.71
CA ARG D 586 -20.26 16.80 23.05
C ARG D 586 -20.66 16.81 21.58
N PHE D 587 -20.86 18.03 21.06
CA PHE D 587 -21.20 18.33 19.64
C PHE D 587 -20.09 17.80 18.72
N ASN D 588 -20.50 17.01 17.72
CA ASN D 588 -19.56 16.50 16.68
C ASN D 588 -19.05 17.75 15.95
N ALA D 589 -19.95 18.64 15.55
CA ALA D 589 -19.65 19.94 14.90
C ALA D 589 -18.98 20.88 15.91
N SER D 590 -18.09 21.75 15.46
CA SER D 590 -17.41 22.76 16.30
C SER D 590 -16.95 23.90 15.42
N LEU D 591 -16.66 25.07 15.98
CA LEU D 591 -16.17 26.22 15.18
C LEU D 591 -14.65 26.35 15.30
N GLY D 592 -13.91 25.29 14.91
CA GLY D 592 -12.42 25.22 14.98
C GLY D 592 -11.71 26.45 14.45
N THR D 593 -12.09 26.90 13.26
CA THR D 593 -11.47 28.02 12.53
C THR D 593 -11.79 29.35 13.21
N TYR D 594 -13.01 29.54 13.69
CA TYR D 594 -13.38 30.73 14.49
C TYR D 594 -12.37 30.98 15.62
N HIS D 595 -12.00 29.98 16.44
CA HIS D 595 -11.10 30.17 17.61
C HIS D 595 -9.66 30.29 17.14
N ASP D 596 -9.25 29.44 16.18
CA ASP D 596 -7.90 29.50 15.56
C ASP D 596 -7.66 30.97 15.19
N LEU D 597 -8.63 31.56 14.49
CA LEU D 597 -8.54 32.93 13.92
C LEU D 597 -8.71 33.98 15.03
N LEU D 598 -9.46 33.70 16.10
CA LEU D 598 -9.56 34.64 17.25
C LEU D 598 -8.17 34.75 17.91
N LYS D 599 -7.51 33.63 18.26
CA LYS D 599 -6.15 33.64 18.85
C LYS D 599 -5.26 34.54 17.98
N ILE D 600 -5.19 34.39 16.66
CA ILE D 600 -4.17 35.14 15.86
C ILE D 600 -4.63 36.58 15.52
N ILE D 601 -5.84 36.83 15.01
CA ILE D 601 -6.38 38.23 14.88
C ILE D 601 -7.11 38.50 16.18
N LYS D 602 -6.70 39.51 16.94
CA LYS D 602 -7.20 39.68 18.34
C LYS D 602 -8.73 39.91 18.31
N ASP D 603 -9.25 40.73 17.40
CA ASP D 603 -10.58 41.35 17.60
C ASP D 603 -11.69 40.46 17.02
N LYS D 604 -12.71 40.17 17.85
CA LYS D 604 -13.89 39.31 17.59
C LYS D 604 -14.94 40.04 16.74
N ASP D 605 -14.97 41.38 16.78
CA ASP D 605 -15.94 42.20 16.01
C ASP D 605 -15.65 42.01 14.51
N PHE D 606 -14.39 41.77 14.17
CA PHE D 606 -13.95 41.57 12.77
C PHE D 606 -14.40 40.19 12.29
N LEU D 607 -14.27 39.19 13.15
CA LEU D 607 -14.80 37.84 12.84
C LEU D 607 -16.32 37.96 12.69
N ASP D 608 -17.02 38.66 13.59
CA ASP D 608 -18.50 38.59 13.75
C ASP D 608 -19.19 39.51 12.73
N ASN D 609 -18.45 40.48 12.17
CA ASN D 609 -18.95 41.45 11.16
C ASN D 609 -19.18 40.74 9.81
N GLU D 610 -20.42 40.46 9.48
CA GLU D 610 -20.83 39.83 8.19
C GLU D 610 -20.23 40.62 7.01
N GLU D 611 -20.08 41.94 7.10
CA GLU D 611 -19.69 42.82 5.96
C GLU D 611 -18.41 42.30 5.26
N ASN D 612 -17.59 41.48 5.93
CA ASN D 612 -16.19 41.12 5.50
C ASN D 612 -16.01 39.57 5.55
N GLU D 613 -17.13 38.86 5.35
CA GLU D 613 -17.30 37.38 5.23
C GLU D 613 -16.48 36.88 4.04
N ASP D 614 -16.52 37.61 2.91
CA ASP D 614 -15.80 37.25 1.66
C ASP D 614 -14.28 37.23 1.87
N ILE D 615 -13.75 38.20 2.61
CA ILE D 615 -12.29 38.32 2.91
C ILE D 615 -11.89 37.08 3.70
N LEU D 616 -12.70 36.73 4.69
CA LEU D 616 -12.40 35.66 5.66
C LEU D 616 -12.46 34.28 4.99
N GLU D 617 -13.34 34.10 4.00
CA GLU D 617 -13.49 32.83 3.25
C GLU D 617 -12.30 32.65 2.32
N ASP D 618 -11.83 33.75 1.68
CA ASP D 618 -10.64 33.75 0.80
C ASP D 618 -9.37 33.51 1.63
N ILE D 619 -9.27 34.02 2.86
CA ILE D 619 -8.08 33.75 3.69
C ILE D 619 -7.95 32.23 3.92
N VAL D 620 -9.02 31.59 4.39
CA VAL D 620 -8.97 30.16 4.74
C VAL D 620 -8.77 29.38 3.45
N LEU D 621 -9.30 29.85 2.32
CA LEU D 621 -9.17 29.16 1.00
C LEU D 621 -7.69 29.13 0.66
N THR D 622 -7.01 30.26 0.84
CA THR D 622 -5.55 30.43 0.69
C THR D 622 -4.83 29.48 1.67
N LEU D 623 -5.16 29.54 2.95
CA LEU D 623 -4.51 28.69 3.96
C LEU D 623 -4.79 27.22 3.66
N THR D 624 -5.85 26.88 2.91
CA THR D 624 -6.13 25.46 2.58
C THR D 624 -5.42 25.06 1.30
N LEU D 625 -5.50 25.88 0.26
CA LEU D 625 -4.99 25.61 -1.12
C LEU D 625 -3.49 25.34 -1.11
N PHE D 626 -2.71 26.13 -0.36
CA PHE D 626 -1.22 26.15 -0.36
C PHE D 626 -0.67 25.55 0.92
N GLU D 627 0.54 24.97 0.91
CA GLU D 627 1.27 24.71 2.19
C GLU D 627 2.67 25.34 2.17
N ASP D 628 2.97 26.20 1.21
CA ASP D 628 4.23 26.99 1.15
C ASP D 628 3.97 28.38 1.73
N ARG D 629 4.52 28.64 2.91
CA ARG D 629 4.24 29.84 3.76
C ARG D 629 4.63 31.12 3.00
N GLU D 630 5.58 31.04 2.07
CA GLU D 630 5.93 32.17 1.16
C GLU D 630 4.69 32.52 0.31
N MET D 631 4.22 31.55 -0.46
CA MET D 631 3.07 31.74 -1.36
C MET D 631 1.85 32.16 -0.53
N ILE D 632 1.71 31.65 0.70
CA ILE D 632 0.60 32.05 1.62
C ILE D 632 0.72 33.54 1.82
N GLU D 633 1.89 33.96 2.31
CA GLU D 633 2.22 35.36 2.64
C GLU D 633 1.98 36.24 1.40
N GLU D 634 2.40 35.80 0.21
CA GLU D 634 2.17 36.57 -1.05
C GLU D 634 0.67 36.74 -1.30
N ARG D 635 -0.13 35.65 -1.22
CA ARG D 635 -1.59 35.74 -1.47
C ARG D 635 -2.29 36.39 -0.27
N LEU D 636 -1.68 36.48 0.91
CA LEU D 636 -2.28 37.09 2.13
C LEU D 636 -1.96 38.60 2.28
N LYS D 637 -0.97 39.14 1.54
CA LYS D 637 -0.47 40.52 1.79
C LYS D 637 -1.47 41.56 1.27
N THR D 638 -2.39 41.18 0.38
CA THR D 638 -3.56 42.00 -0.01
C THR D 638 -4.48 42.35 1.18
N TYR D 639 -4.37 41.69 2.34
CA TYR D 639 -5.15 41.99 3.59
C TYR D 639 -4.22 42.55 4.68
N ALA D 640 -3.00 42.93 4.30
CA ALA D 640 -1.99 43.49 5.22
C ALA D 640 -2.34 44.95 5.53
N HIS D 641 -3.22 45.57 4.74
CA HIS D 641 -3.84 46.89 5.03
C HIS D 641 -4.79 46.74 6.24
N LEU D 642 -5.41 45.58 6.43
CA LEU D 642 -6.47 45.40 7.44
C LEU D 642 -5.90 44.66 8.67
N PHE D 643 -4.58 44.51 8.81
CA PHE D 643 -4.00 43.72 9.94
C PHE D 643 -2.62 44.23 10.37
N ASP D 644 -2.27 44.05 11.66
CA ASP D 644 -0.91 44.33 12.24
C ASP D 644 0.18 43.60 11.44
N ASP D 645 1.44 43.94 11.69
CA ASP D 645 2.64 43.19 11.26
C ASP D 645 2.65 41.85 12.03
N LYS D 646 2.54 41.92 13.37
CA LYS D 646 2.66 40.77 14.30
C LYS D 646 1.80 39.60 13.82
N VAL D 647 0.57 39.93 13.33
CA VAL D 647 -0.58 39.02 13.01
C VAL D 647 -0.44 38.36 11.61
N MET D 648 0.10 39.05 10.60
CA MET D 648 0.37 38.48 9.27
C MET D 648 1.44 37.39 9.38
N LYS D 649 2.25 37.41 10.44
CA LYS D 649 3.33 36.42 10.65
C LYS D 649 2.69 35.18 11.29
N GLN D 650 1.47 35.33 11.83
CA GLN D 650 0.72 34.27 12.56
C GLN D 650 -0.29 33.55 11.68
N LEU D 651 -0.95 34.30 10.77
CA LEU D 651 -1.80 33.75 9.68
C LEU D 651 -0.94 32.95 8.69
N LYS D 652 0.11 33.56 8.16
CA LYS D 652 1.17 32.91 7.33
C LYS D 652 1.46 31.52 7.89
N ARG D 653 1.20 31.24 9.16
CA ARG D 653 1.58 29.93 9.76
C ARG D 653 0.37 28.98 9.90
N ARG D 654 -0.86 29.48 9.85
CA ARG D 654 -2.11 28.78 10.26
C ARG D 654 -2.64 27.87 9.15
N ARG D 655 -1.88 26.86 8.71
CA ARG D 655 -2.26 26.05 7.52
C ARG D 655 -3.44 25.14 7.83
N TYR D 656 -4.15 24.75 6.78
CA TYR D 656 -5.34 23.86 6.85
C TYR D 656 -5.30 22.87 5.70
N THR D 657 -6.04 21.81 5.91
CA THR D 657 -6.04 20.57 5.10
C THR D 657 -7.50 20.12 5.05
N GLY D 658 -7.96 19.72 3.87
CA GLY D 658 -9.31 19.12 3.74
C GLY D 658 -10.30 20.00 3.01
N TRP D 659 -11.28 19.33 2.44
CA TRP D 659 -12.34 19.89 1.58
C TRP D 659 -13.71 19.40 2.04
N GLY D 660 -14.71 20.27 1.90
CA GLY D 660 -16.10 19.93 2.23
C GLY D 660 -16.64 18.96 1.21
N ARG D 661 -17.88 18.54 1.41
CA ARG D 661 -18.68 17.87 0.37
C ARG D 661 -19.61 18.88 -0.32
N LEU D 662 -19.67 20.12 0.16
CA LEU D 662 -20.68 21.12 -0.29
C LEU D 662 -20.00 22.43 -0.68
N SER D 663 -20.67 23.22 -1.51
CA SER D 663 -20.22 24.50 -2.07
C SER D 663 -20.82 25.67 -1.29
N ARG D 664 -20.19 26.82 -1.30
CA ARG D 664 -20.75 28.07 -0.77
C ARG D 664 -22.13 28.35 -1.37
N LYS D 665 -22.25 28.17 -2.67
CA LYS D 665 -23.49 28.43 -3.44
C LYS D 665 -24.64 27.67 -2.76
N LEU D 666 -24.46 26.36 -2.53
CA LEU D 666 -25.52 25.47 -1.98
C LEU D 666 -25.81 25.84 -0.53
N ILE D 667 -24.77 25.99 0.25
CA ILE D 667 -24.85 26.26 1.70
C ILE D 667 -25.55 27.61 1.93
N ASN D 668 -25.22 28.63 1.14
CA ASN D 668 -25.55 30.04 1.52
C ASN D 668 -25.63 30.99 0.29
N GLY D 669 -26.15 30.54 -0.83
CA GLY D 669 -26.36 31.45 -1.96
C GLY D 669 -27.72 31.22 -2.56
N ILE D 670 -27.99 29.99 -2.94
CA ILE D 670 -29.26 29.52 -3.54
C ILE D 670 -30.41 29.77 -2.55
N ARG D 671 -31.55 30.26 -3.06
CA ARG D 671 -32.67 30.83 -2.26
C ARG D 671 -33.95 30.06 -2.52
N ASP D 672 -34.65 29.70 -1.44
CA ASP D 672 -36.06 29.31 -1.55
C ASP D 672 -36.79 30.52 -2.14
N LYS D 673 -37.46 30.33 -3.30
CA LYS D 673 -38.08 31.44 -4.07
C LYS D 673 -39.04 32.19 -3.14
N GLN D 674 -40.02 31.48 -2.57
CA GLN D 674 -41.04 31.96 -1.60
C GLN D 674 -40.42 32.91 -0.54
N SER D 675 -39.62 32.35 0.39
CA SER D 675 -39.06 32.99 1.60
C SER D 675 -37.85 33.89 1.31
N GLY D 676 -37.24 33.74 0.11
CA GLY D 676 -35.93 34.32 -0.27
C GLY D 676 -34.80 33.87 0.64
N LYS D 677 -34.95 32.74 1.34
CA LYS D 677 -33.98 32.29 2.38
C LYS D 677 -33.07 31.20 1.78
N THR D 678 -31.78 31.27 2.13
CA THR D 678 -30.76 30.24 1.82
C THR D 678 -30.92 29.06 2.77
N ILE D 679 -30.27 27.95 2.46
CA ILE D 679 -30.24 26.75 3.34
C ILE D 679 -29.77 27.13 4.76
N LEU D 680 -28.59 27.73 4.91
CA LEU D 680 -28.02 28.20 6.21
C LEU D 680 -29.04 29.10 6.92
N ASP D 681 -29.82 29.86 6.14
CA ASP D 681 -30.85 30.79 6.65
C ASP D 681 -31.87 29.96 7.45
N PHE D 682 -32.37 28.87 6.84
CA PHE D 682 -33.30 27.90 7.46
C PHE D 682 -32.64 27.20 8.65
N LEU D 683 -31.40 26.75 8.50
CA LEU D 683 -30.69 26.04 9.58
C LEU D 683 -30.61 26.95 10.78
N LYS D 684 -30.55 28.26 10.57
CA LYS D 684 -30.45 29.25 11.65
C LYS D 684 -31.83 29.48 12.29
N SER D 685 -32.90 29.48 11.49
CA SER D 685 -34.28 29.74 11.97
C SER D 685 -35.27 29.14 10.97
N ASP D 686 -36.05 28.15 11.39
CA ASP D 686 -37.06 27.50 10.53
C ASP D 686 -38.31 27.29 11.39
N GLY D 687 -38.90 28.40 11.87
CA GLY D 687 -40.07 28.41 12.77
C GLY D 687 -39.96 27.37 13.88
N PHE D 688 -40.87 26.40 13.86
CA PHE D 688 -40.97 25.26 14.81
C PHE D 688 -40.79 23.91 14.08
N ALA D 689 -40.21 23.94 12.86
CA ALA D 689 -39.94 22.76 12.01
C ALA D 689 -38.47 22.32 12.17
N ASN D 690 -37.56 23.29 12.39
CA ASN D 690 -36.10 23.07 12.52
C ASN D 690 -35.65 21.96 11.55
N ARG D 691 -35.88 22.20 10.26
CA ARG D 691 -35.56 21.31 9.14
C ARG D 691 -34.05 21.23 8.94
N ASN D 692 -33.57 20.00 8.86
CA ASN D 692 -32.21 19.54 8.47
C ASN D 692 -31.80 20.10 7.11
N PHE D 693 -30.48 20.07 6.84
CA PHE D 693 -29.87 20.17 5.50
C PHE D 693 -30.55 19.18 4.55
N ILE D 694 -30.50 17.88 4.85
CA ILE D 694 -31.06 16.83 3.94
C ILE D 694 -32.59 16.93 3.87
N GLN D 695 -33.26 17.59 4.82
CA GLN D 695 -34.74 17.76 4.77
C GLN D 695 -35.06 18.78 3.68
N LEU D 696 -34.41 19.95 3.77
CA LEU D 696 -34.57 21.10 2.86
C LEU D 696 -34.30 20.61 1.43
N ILE D 697 -33.35 19.73 1.26
CA ILE D 697 -32.93 19.32 -0.10
C ILE D 697 -34.11 18.58 -0.72
N HIS D 698 -34.94 17.95 0.12
CA HIS D 698 -35.99 16.97 -0.31
C HIS D 698 -37.43 17.49 -0.06
N ASP D 699 -37.61 18.79 0.20
CA ASP D 699 -38.93 19.36 0.56
C ASP D 699 -39.62 19.89 -0.71
N ASP D 700 -40.79 19.36 -1.06
CA ASP D 700 -41.58 19.78 -2.24
C ASP D 700 -42.09 21.19 -1.97
N SER D 701 -42.23 21.60 -0.69
CA SER D 701 -42.78 22.94 -0.32
C SER D 701 -41.77 24.02 -0.69
N LEU D 702 -40.50 23.64 -0.88
CA LEU D 702 -39.34 24.55 -1.13
C LEU D 702 -38.73 24.30 -2.53
N THR D 703 -38.06 25.33 -3.07
CA THR D 703 -37.45 25.36 -4.43
C THR D 703 -36.07 24.66 -4.50
N PHE D 704 -35.38 24.40 -3.36
CA PHE D 704 -34.06 23.72 -3.35
C PHE D 704 -34.15 22.37 -4.07
N LYS D 705 -35.20 21.59 -3.87
CA LYS D 705 -35.28 20.25 -4.49
C LYS D 705 -35.15 20.36 -6.01
N GLU D 706 -35.85 21.31 -6.66
CA GLU D 706 -35.98 21.33 -8.14
C GLU D 706 -34.77 22.09 -8.73
N ASP D 707 -34.41 23.26 -8.18
CA ASP D 707 -33.16 24.00 -8.54
C ASP D 707 -31.90 23.11 -8.53
N ILE D 708 -31.85 22.09 -7.65
CA ILE D 708 -30.77 21.06 -7.63
C ILE D 708 -30.98 20.09 -8.80
N GLN D 709 -32.22 19.66 -9.05
CA GLN D 709 -32.59 18.74 -10.15
C GLN D 709 -32.11 19.38 -11.47
N LYS D 710 -32.43 20.68 -11.65
CA LYS D 710 -32.06 21.53 -12.82
C LYS D 710 -30.56 21.41 -13.07
N ALA D 711 -29.75 21.63 -12.04
CA ALA D 711 -28.27 21.68 -12.10
C ALA D 711 -27.66 20.30 -12.39
N GLN D 712 -28.39 19.19 -12.33
CA GLN D 712 -27.84 17.82 -12.56
C GLN D 712 -27.51 17.60 -14.04
N VAL D 713 -26.71 16.60 -14.36
CA VAL D 713 -26.16 16.34 -15.74
C VAL D 713 -25.89 14.83 -15.86
N SER D 714 -25.86 14.27 -17.07
CA SER D 714 -25.76 12.79 -17.30
C SER D 714 -24.51 12.20 -16.62
N SER D 719 -18.50 5.22 -21.12
CA SER D 719 -17.96 3.95 -21.66
C SER D 719 -17.80 2.91 -20.53
N LEU D 720 -17.89 1.61 -20.86
CA LEU D 720 -17.95 0.53 -19.83
C LEU D 720 -16.58 0.41 -19.17
N HIS D 721 -15.56 0.17 -20.00
CA HIS D 721 -14.11 0.11 -19.66
C HIS D 721 -13.77 1.33 -18.77
N GLU D 722 -14.20 2.52 -19.19
CA GLU D 722 -13.91 3.77 -18.44
C GLU D 722 -14.59 3.72 -17.08
N HIS D 723 -15.91 3.56 -17.11
CA HIS D 723 -16.82 3.43 -15.94
C HIS D 723 -16.18 2.49 -14.91
N ILE D 724 -15.87 1.27 -15.31
CA ILE D 724 -15.28 0.26 -14.38
C ILE D 724 -13.97 0.83 -13.84
N ALA D 725 -12.99 1.05 -14.72
CA ALA D 725 -11.64 1.54 -14.32
C ALA D 725 -11.74 2.74 -13.35
N ASN D 726 -12.85 3.51 -13.32
CA ASN D 726 -12.99 4.68 -12.40
C ASN D 726 -13.81 4.39 -11.15
N LEU D 727 -14.14 3.12 -10.87
CA LEU D 727 -14.72 2.72 -9.55
C LEU D 727 -13.58 2.77 -8.55
N ALA D 728 -13.92 2.85 -7.29
CA ALA D 728 -12.98 2.73 -6.17
C ALA D 728 -12.87 1.25 -5.87
N GLY D 729 -11.68 0.71 -5.87
CA GLY D 729 -11.38 -0.71 -5.60
C GLY D 729 -10.03 -1.07 -6.18
N SER D 730 -9.51 -2.24 -5.82
CA SER D 730 -8.19 -2.71 -6.30
C SER D 730 -8.25 -2.90 -7.81
N PRO D 731 -7.27 -2.40 -8.62
CA PRO D 731 -7.19 -2.77 -10.03
C PRO D 731 -7.41 -4.28 -10.25
N ALA D 732 -6.99 -5.13 -9.32
CA ALA D 732 -7.13 -6.60 -9.42
C ALA D 732 -8.62 -6.90 -9.52
N ILE D 733 -9.39 -6.38 -8.57
CA ILE D 733 -10.84 -6.67 -8.53
C ILE D 733 -11.53 -5.96 -9.71
N LYS D 734 -10.98 -4.88 -10.22
CA LYS D 734 -11.63 -4.15 -11.32
C LYS D 734 -11.49 -4.92 -12.62
N LYS D 735 -10.49 -5.79 -12.70
CA LYS D 735 -10.25 -6.63 -13.89
C LYS D 735 -11.29 -7.76 -13.89
N GLY D 736 -11.59 -8.35 -12.72
CA GLY D 736 -12.61 -9.41 -12.57
C GLY D 736 -13.96 -8.85 -12.99
N ILE D 737 -14.26 -7.63 -12.56
CA ILE D 737 -15.55 -6.95 -12.86
C ILE D 737 -15.67 -6.83 -14.36
N LEU D 738 -14.62 -6.43 -15.06
CA LEU D 738 -14.88 -6.06 -16.47
C LEU D 738 -15.14 -7.37 -17.21
N GLN D 739 -14.39 -8.39 -16.86
CA GLN D 739 -14.54 -9.73 -17.49
C GLN D 739 -15.98 -10.26 -17.21
N THR D 740 -16.49 -10.17 -15.97
CA THR D 740 -17.83 -10.74 -15.66
C THR D 740 -18.85 -10.04 -16.57
N VAL D 741 -18.72 -8.73 -16.77
CA VAL D 741 -19.66 -8.00 -17.68
C VAL D 741 -19.55 -8.58 -19.10
N LYS D 742 -18.35 -8.96 -19.55
CA LYS D 742 -18.11 -9.53 -20.92
C LYS D 742 -18.61 -10.97 -21.01
N VAL D 743 -18.57 -11.76 -19.93
CA VAL D 743 -19.12 -13.13 -20.02
C VAL D 743 -20.65 -12.98 -20.04
N VAL D 744 -21.20 -12.09 -19.23
CA VAL D 744 -22.69 -11.94 -19.24
C VAL D 744 -23.09 -11.57 -20.66
N ASP D 745 -22.33 -10.69 -21.32
CA ASP D 745 -22.76 -10.25 -22.66
C ASP D 745 -22.72 -11.44 -23.60
N GLU D 746 -21.71 -12.31 -23.48
CA GLU D 746 -21.61 -13.53 -24.30
C GLU D 746 -22.73 -14.50 -23.96
N LEU D 747 -23.00 -14.77 -22.68
CA LEU D 747 -24.05 -15.72 -22.27
C LEU D 747 -25.39 -15.26 -22.84
N VAL D 748 -25.65 -13.95 -22.93
CA VAL D 748 -26.91 -13.48 -23.54
C VAL D 748 -26.90 -13.85 -25.03
N LYS D 749 -25.81 -13.59 -25.73
CA LYS D 749 -25.74 -13.96 -27.17
C LYS D 749 -25.97 -15.46 -27.35
N VAL D 750 -25.39 -16.33 -26.53
CA VAL D 750 -25.52 -17.80 -26.77
C VAL D 750 -26.98 -18.21 -26.51
N MET D 751 -27.64 -17.50 -25.59
CA MET D 751 -29.03 -17.77 -25.17
C MET D 751 -29.98 -16.95 -26.04
N GLY D 752 -29.53 -16.57 -27.21
CA GLY D 752 -30.39 -16.17 -28.35
C GLY D 752 -30.83 -14.74 -28.23
N ARG D 753 -30.01 -13.92 -27.59
CA ARG D 753 -30.23 -12.49 -27.26
C ARG D 753 -31.39 -12.33 -26.26
N HIS D 754 -31.86 -13.42 -25.66
CA HIS D 754 -32.88 -13.44 -24.57
C HIS D 754 -32.19 -13.11 -23.24
N LYS D 755 -32.75 -12.21 -22.44
CA LYS D 755 -32.13 -11.78 -21.17
C LYS D 755 -32.44 -12.84 -20.13
N PRO D 756 -31.59 -13.05 -19.10
CA PRO D 756 -31.92 -14.00 -18.05
C PRO D 756 -33.04 -13.44 -17.18
N GLU D 757 -33.63 -14.33 -16.39
CA GLU D 757 -34.69 -14.01 -15.40
C GLU D 757 -33.93 -13.26 -14.33
N ASN D 758 -32.82 -13.83 -13.87
CA ASN D 758 -32.00 -13.25 -12.79
C ASN D 758 -30.54 -13.49 -13.11
N ILE D 759 -29.66 -12.68 -12.50
CA ILE D 759 -28.20 -12.88 -12.43
C ILE D 759 -27.84 -12.88 -10.95
N VAL D 760 -27.12 -13.88 -10.47
CA VAL D 760 -26.73 -13.97 -9.05
C VAL D 760 -25.21 -13.79 -8.99
N ILE D 761 -24.71 -12.63 -8.55
CA ILE D 761 -23.26 -12.42 -8.30
C ILE D 761 -22.95 -12.73 -6.83
N GLU D 762 -21.85 -13.39 -6.59
CA GLU D 762 -21.13 -13.37 -5.31
C GLU D 762 -19.69 -12.97 -5.70
N MET D 763 -18.92 -12.35 -4.82
CA MET D 763 -17.56 -11.90 -5.16
C MET D 763 -16.71 -11.95 -3.91
N ALA D 764 -15.51 -12.54 -4.01
CA ALA D 764 -14.69 -12.99 -2.87
C ALA D 764 -14.06 -11.80 -2.17
N ARG D 765 -13.60 -12.04 -0.93
CA ARG D 765 -12.83 -11.12 -0.04
C ARG D 765 -11.38 -11.07 -0.54
N GLN D 774 8.57 -10.49 4.64
CA GLN D 774 9.40 -9.38 5.18
C GLN D 774 8.54 -8.11 5.42
N LYS D 775 7.65 -7.74 4.48
CA LYS D 775 6.86 -6.46 4.48
C LYS D 775 5.75 -6.49 5.55
N ASN D 776 4.84 -7.49 5.53
CA ASN D 776 3.85 -7.78 6.61
C ASN D 776 4.60 -7.94 7.94
N SER D 777 5.76 -8.63 7.90
CA SER D 777 6.65 -8.96 9.05
C SER D 777 7.63 -7.83 9.43
N ARG D 778 7.67 -6.69 8.72
CA ARG D 778 8.54 -5.52 9.05
C ARG D 778 7.71 -4.41 9.68
N GLU D 779 6.47 -4.23 9.20
CA GLU D 779 5.45 -3.33 9.80
C GLU D 779 5.07 -3.80 11.20
N ARG D 780 4.83 -5.11 11.38
CA ARG D 780 4.51 -5.74 12.70
C ARG D 780 5.61 -5.43 13.72
N MET D 781 6.87 -5.70 13.37
CA MET D 781 8.07 -5.40 14.19
C MET D 781 8.12 -3.91 14.55
N LYS D 782 7.74 -3.04 13.59
CA LYS D 782 7.62 -1.58 13.79
C LYS D 782 6.49 -1.33 14.82
N ARG D 783 5.32 -1.95 14.62
CA ARG D 783 4.19 -1.88 15.60
C ARG D 783 4.70 -2.24 16.99
N ILE D 784 5.46 -3.33 17.07
CA ILE D 784 5.93 -3.96 18.34
C ILE D 784 6.95 -3.04 19.02
N GLU D 785 7.96 -2.58 18.26
CA GLU D 785 9.06 -1.70 18.76
C GLU D 785 8.44 -0.42 19.33
N GLU D 786 7.59 0.26 18.55
CA GLU D 786 7.08 1.59 18.94
C GLU D 786 6.16 1.49 20.16
N GLY D 787 5.28 0.49 20.19
CA GLY D 787 4.34 0.24 21.30
C GLY D 787 5.06 -0.02 22.63
N ILE D 788 6.13 -0.82 22.61
CA ILE D 788 6.92 -1.17 23.82
C ILE D 788 7.76 0.07 24.23
N LYS D 789 8.36 0.79 23.26
CA LYS D 789 9.06 2.09 23.51
C LYS D 789 8.07 3.01 24.24
N GLU D 790 6.84 3.15 23.74
CA GLU D 790 5.79 4.01 24.35
C GLU D 790 5.40 3.51 25.74
N LEU D 791 5.29 2.20 25.93
CA LEU D 791 4.95 1.62 27.25
C LEU D 791 6.17 1.78 28.16
N GLY D 792 7.36 1.85 27.57
CA GLY D 792 8.65 1.67 28.26
C GLY D 792 8.71 0.32 28.96
N SER D 793 8.74 -0.77 28.20
CA SER D 793 8.74 -2.19 28.69
C SER D 793 10.04 -2.85 28.24
N GLN D 794 10.74 -3.54 29.14
CA GLN D 794 12.02 -4.22 28.78
C GLN D 794 11.72 -5.66 28.28
N ILE D 795 10.49 -5.92 27.84
CA ILE D 795 10.00 -7.25 27.37
C ILE D 795 10.87 -7.70 26.19
N LEU D 796 11.38 -6.79 25.36
CA LEU D 796 12.18 -7.16 24.16
C LEU D 796 13.58 -7.66 24.56
N LYS D 797 14.18 -7.06 25.58
CA LYS D 797 15.49 -7.49 26.16
C LYS D 797 15.30 -8.86 26.82
N GLU D 798 14.16 -9.09 27.46
CA GLU D 798 13.76 -10.37 28.12
C GLU D 798 13.41 -11.47 27.11
N HIS D 799 12.71 -11.13 26.02
CA HIS D 799 12.25 -12.11 25.01
C HIS D 799 12.46 -11.54 23.59
N PRO D 800 13.70 -11.49 23.06
CA PRO D 800 13.95 -10.95 21.72
C PRO D 800 13.32 -11.77 20.58
N VAL D 801 12.94 -11.10 19.48
CA VAL D 801 12.17 -11.73 18.35
C VAL D 801 12.67 -11.23 16.99
N GLU D 802 13.04 -12.17 16.12
CA GLU D 802 13.19 -11.96 14.65
C GLU D 802 11.79 -11.65 14.07
N ASN D 803 11.72 -10.66 13.17
CA ASN D 803 10.53 -10.23 12.36
C ASN D 803 9.59 -11.41 12.05
N THR D 804 10.09 -12.44 11.39
CA THR D 804 9.32 -13.38 10.54
C THR D 804 8.57 -14.43 11.39
N GLN D 805 8.79 -14.48 12.72
CA GLN D 805 8.06 -15.38 13.67
C GLN D 805 6.94 -14.61 14.39
N LEU D 806 6.85 -13.30 14.15
CA LEU D 806 5.67 -12.44 14.43
C LEU D 806 4.58 -12.66 13.38
N GLN D 807 4.79 -13.51 12.37
CA GLN D 807 3.68 -13.92 11.48
C GLN D 807 3.01 -15.15 12.10
N ASN D 808 3.40 -15.56 13.32
CA ASN D 808 2.60 -16.50 14.14
C ASN D 808 1.60 -15.67 14.94
N GLU D 809 0.30 -16.00 14.84
CA GLU D 809 -0.83 -15.18 15.38
C GLU D 809 -0.71 -15.13 16.91
N LYS D 810 -0.30 -16.22 17.55
CA LYS D 810 -0.20 -16.31 19.04
C LYS D 810 0.97 -15.47 19.57
N LEU D 811 2.10 -15.45 18.86
CA LEU D 811 3.32 -14.72 19.32
C LEU D 811 3.12 -13.22 19.15
N TYR D 812 2.73 -12.74 17.97
CA TYR D 812 2.33 -11.33 17.71
C TYR D 812 1.32 -10.82 18.76
N LEU D 813 0.28 -11.60 19.09
CA LEU D 813 -0.76 -11.14 20.05
C LEU D 813 -0.12 -11.06 21.43
N TYR D 814 0.81 -11.96 21.75
CA TYR D 814 1.51 -12.01 23.06
C TYR D 814 2.28 -10.71 23.26
N TYR D 815 3.00 -10.31 22.22
CA TYR D 815 3.80 -9.06 22.16
C TYR D 815 2.88 -7.83 22.13
N LEU D 816 1.78 -7.87 21.38
CA LEU D 816 0.89 -6.68 21.32
C LEU D 816 0.16 -6.55 22.65
N GLN D 817 0.28 -7.55 23.53
CA GLN D 817 -0.44 -7.54 24.85
C GLN D 817 0.55 -7.29 26.00
N ASN D 818 1.81 -7.01 25.68
CA ASN D 818 2.87 -6.75 26.70
C ASN D 818 3.04 -7.96 27.63
N GLY D 819 2.89 -9.18 27.10
CA GLY D 819 3.08 -10.42 27.88
C GLY D 819 1.98 -10.69 28.88
N ARG D 820 0.87 -9.95 28.77
CA ARG D 820 -0.28 -10.04 29.73
C ARG D 820 -1.52 -10.64 29.07
N ASP D 821 -2.30 -11.36 29.89
CA ASP D 821 -3.68 -11.77 29.55
C ASP D 821 -4.50 -10.50 29.39
N MET D 822 -5.15 -10.39 28.24
CA MET D 822 -5.99 -9.24 27.84
C MET D 822 -7.31 -9.23 28.63
N TYR D 823 -7.63 -10.28 29.40
CA TYR D 823 -8.95 -10.39 30.10
C TYR D 823 -8.76 -10.58 31.61
N VAL D 824 -7.53 -10.68 32.13
CA VAL D 824 -7.38 -11.11 33.56
C VAL D 824 -6.40 -10.19 34.32
N ASP D 825 -5.37 -9.63 33.68
CA ASP D 825 -4.31 -8.88 34.42
C ASP D 825 -3.43 -9.92 35.13
N GLN D 826 -2.98 -10.90 34.36
CA GLN D 826 -1.94 -11.87 34.76
C GLN D 826 -0.95 -11.89 33.60
N GLU D 827 0.34 -11.98 33.91
CA GLU D 827 1.43 -12.17 32.92
C GLU D 827 1.24 -13.56 32.24
N LEU D 828 1.29 -13.62 30.92
CA LEU D 828 1.27 -14.89 30.12
C LEU D 828 2.69 -15.44 30.12
N ASP D 829 2.82 -16.77 30.24
CA ASP D 829 4.12 -17.49 30.07
C ASP D 829 4.27 -17.75 28.56
N ILE D 830 5.43 -17.35 28.01
CA ILE D 830 5.71 -17.33 26.54
C ILE D 830 5.98 -18.75 26.00
N ASN D 831 6.17 -19.74 26.88
CA ASN D 831 6.37 -21.15 26.46
C ASN D 831 5.05 -21.93 26.51
N ARG D 832 3.93 -21.28 26.83
CA ARG D 832 2.64 -21.96 27.11
C ARG D 832 1.57 -21.51 26.10
N LEU D 833 1.94 -20.76 25.04
CA LEU D 833 0.96 -20.20 24.07
C LEU D 833 0.04 -21.33 23.62
N SER D 834 0.61 -22.52 23.47
CA SER D 834 -0.07 -23.81 23.23
C SER D 834 -1.33 -23.99 24.08
N ASP D 835 -1.29 -23.67 25.39
CA ASP D 835 -2.42 -23.94 26.33
C ASP D 835 -3.37 -22.75 26.35
N TYR D 836 -3.12 -21.73 25.51
CA TYR D 836 -3.85 -20.43 25.53
C TYR D 836 -4.83 -20.36 24.34
N ASP D 837 -5.99 -19.75 24.60
CA ASP D 837 -7.07 -19.52 23.60
C ASP D 837 -6.91 -18.14 22.95
N VAL D 838 -7.21 -18.04 21.65
CA VAL D 838 -7.37 -16.77 20.86
C VAL D 838 -8.87 -16.49 20.73
N ASP D 839 -9.47 -15.82 21.70
CA ASP D 839 -10.91 -15.50 21.77
C ASP D 839 -11.18 -14.25 20.94
N ALA D 840 -12.20 -14.31 20.06
CA ALA D 840 -12.75 -13.16 19.33
C ALA D 840 -13.43 -12.23 20.34
N ILE D 841 -13.36 -10.91 20.10
CA ILE D 841 -13.95 -9.85 20.96
C ILE D 841 -15.45 -9.81 20.70
N VAL D 842 -15.85 -9.60 19.45
CA VAL D 842 -17.22 -9.96 18.98
C VAL D 842 -17.14 -11.42 18.58
N PRO D 843 -17.88 -12.32 19.24
CA PRO D 843 -17.82 -13.73 18.90
C PRO D 843 -18.04 -14.00 17.38
N GLN D 844 -17.33 -14.98 16.82
CA GLN D 844 -17.46 -15.39 15.39
C GLN D 844 -18.92 -15.68 15.07
N SER D 845 -19.68 -16.22 16.04
CA SER D 845 -21.12 -16.57 15.84
C SER D 845 -21.87 -15.34 15.30
N PHE D 846 -21.41 -14.12 15.56
CA PHE D 846 -22.02 -12.86 15.03
C PHE D 846 -21.22 -12.31 13.85
N LEU D 847 -19.89 -12.14 14.01
CA LEU D 847 -19.01 -11.42 13.05
C LEU D 847 -17.91 -12.36 12.55
N LYS D 848 -17.85 -12.55 11.23
CA LYS D 848 -16.84 -13.36 10.51
C LYS D 848 -15.63 -12.46 10.26
N ASP D 849 -14.90 -12.06 11.30
CA ASP D 849 -13.72 -11.15 11.20
C ASP D 849 -12.49 -11.84 11.79
N ASP D 850 -11.51 -12.24 10.97
CA ASP D 850 -10.31 -12.97 11.46
C ASP D 850 -9.13 -12.03 11.66
N SER D 851 -9.41 -10.76 11.90
CA SER D 851 -8.42 -9.65 12.02
C SER D 851 -7.83 -9.56 13.43
N ILE D 852 -6.65 -8.93 13.58
CA ILE D 852 -6.08 -8.73 14.94
C ILE D 852 -7.01 -7.76 15.68
N ASP D 853 -7.79 -7.00 14.91
CA ASP D 853 -8.73 -5.98 15.42
C ASP D 853 -9.83 -6.65 16.25
N ASN D 854 -10.18 -7.92 16.08
CA ASN D 854 -11.30 -8.54 16.85
C ASN D 854 -10.82 -9.83 17.52
N LYS D 855 -9.52 -10.12 17.43
CA LYS D 855 -8.88 -11.26 18.13
C LYS D 855 -8.08 -10.74 19.34
N VAL D 856 -7.97 -11.58 20.35
CA VAL D 856 -7.20 -11.31 21.60
C VAL D 856 -6.61 -12.63 22.11
N LEU D 857 -5.48 -12.58 22.83
CA LEU D 857 -4.82 -13.77 23.46
C LEU D 857 -5.17 -13.84 24.95
N THR D 858 -5.74 -14.96 25.40
CA THR D 858 -6.09 -15.15 26.82
C THR D 858 -5.71 -16.57 27.28
N ARG D 859 -5.53 -16.74 28.59
CA ARG D 859 -5.14 -18.01 29.26
C ARG D 859 -6.26 -19.01 28.92
N SER D 860 -7.49 -18.58 29.12
CA SER D 860 -8.74 -19.36 28.98
C SER D 860 -9.78 -18.44 28.36
N ASP D 861 -10.37 -18.80 27.20
CA ASP D 861 -11.38 -17.96 26.47
C ASP D 861 -12.54 -17.56 27.41
N LYS D 862 -12.83 -18.40 28.42
CA LYS D 862 -13.94 -18.28 29.40
C LYS D 862 -13.73 -17.09 30.36
N ASN D 863 -12.50 -16.59 30.47
CA ASN D 863 -12.17 -15.38 31.25
C ASN D 863 -12.97 -14.19 30.70
N ARG D 864 -13.45 -14.25 29.43
CA ARG D 864 -14.06 -13.10 28.70
C ARG D 864 -15.39 -12.71 29.36
N GLY D 865 -16.03 -13.66 30.04
CA GLY D 865 -17.43 -13.52 30.46
C GLY D 865 -18.23 -14.64 29.82
N LYS D 866 -19.49 -14.38 29.50
CA LYS D 866 -20.34 -15.37 28.77
C LYS D 866 -20.00 -15.29 27.28
N SER D 867 -20.16 -16.41 26.59
CA SER D 867 -19.83 -16.62 25.15
C SER D 867 -20.71 -15.75 24.23
N ASP D 868 -21.99 -15.57 24.58
CA ASP D 868 -23.06 -14.99 23.73
C ASP D 868 -23.03 -13.46 23.75
N ASN D 869 -21.88 -12.82 23.98
CA ASN D 869 -21.78 -11.34 23.92
C ASN D 869 -20.32 -10.88 23.82
N VAL D 870 -20.14 -9.55 23.73
CA VAL D 870 -18.87 -8.80 23.93
C VAL D 870 -18.44 -8.94 25.39
N PRO D 871 -17.12 -8.89 25.71
CA PRO D 871 -16.64 -9.12 27.09
C PRO D 871 -17.41 -8.43 28.22
N SER D 872 -17.50 -9.13 29.37
CA SER D 872 -18.24 -8.84 30.63
C SER D 872 -17.91 -7.42 31.15
N GLU D 873 -18.86 -6.72 31.78
CA GLU D 873 -18.59 -5.38 32.41
C GLU D 873 -17.53 -5.54 33.52
N GLU D 874 -17.64 -6.63 34.29
CA GLU D 874 -16.73 -7.06 35.40
C GLU D 874 -15.27 -6.95 34.91
N VAL D 875 -15.01 -7.59 33.77
CA VAL D 875 -13.71 -7.57 33.04
C VAL D 875 -13.41 -6.13 32.59
N VAL D 876 -14.29 -5.55 31.76
CA VAL D 876 -14.10 -4.18 31.17
C VAL D 876 -13.63 -3.26 32.29
N LYS D 877 -14.38 -3.26 33.40
CA LYS D 877 -14.11 -2.47 34.63
C LYS D 877 -12.66 -2.70 35.03
N LYS D 878 -12.24 -3.95 35.21
CA LYS D 878 -10.90 -4.30 35.78
C LYS D 878 -9.79 -4.11 34.74
N MET D 879 -10.07 -4.21 33.44
CA MET D 879 -8.97 -4.24 32.44
C MET D 879 -8.80 -2.88 31.76
N LYS D 880 -9.84 -2.03 31.79
CA LYS D 880 -9.95 -0.82 30.91
C LYS D 880 -8.63 -0.03 30.92
N ASN D 881 -8.25 0.45 32.10
CA ASN D 881 -7.04 1.28 32.17
C ASN D 881 -5.98 0.51 31.42
N TYR D 882 -6.17 -0.72 31.28
CA TYR D 882 -5.13 -1.43 30.51
C TYR D 882 -5.52 -1.39 29.04
N TRP D 883 -6.77 -1.38 28.69
CA TRP D 883 -6.88 -1.32 27.23
C TRP D 883 -6.41 0.04 26.72
N ARG D 884 -6.32 1.07 27.56
CA ARG D 884 -6.07 2.40 26.95
C ARG D 884 -4.58 2.71 27.00
N GLN D 885 -3.77 1.93 27.72
CA GLN D 885 -2.29 2.01 27.62
C GLN D 885 -1.89 1.50 26.24
N LEU D 886 -2.44 0.34 25.88
CA LEU D 886 -2.18 -0.29 24.56
C LEU D 886 -2.74 0.61 23.46
N LEU D 887 -3.91 1.22 23.67
CA LEU D 887 -4.49 2.14 22.67
C LEU D 887 -3.57 3.34 22.45
N ASN D 888 -3.07 3.96 23.52
CA ASN D 888 -2.22 5.17 23.45
C ASN D 888 -0.87 4.76 22.86
N ALA D 889 -0.65 3.45 22.69
CA ALA D 889 0.64 2.88 22.22
C ALA D 889 0.50 2.30 20.80
N LYS D 890 -0.70 2.34 20.20
CA LYS D 890 -0.97 1.83 18.82
C LYS D 890 -0.91 0.29 18.80
N LEU D 891 -0.98 -0.35 19.97
CA LEU D 891 -0.88 -1.83 20.16
C LEU D 891 -2.31 -2.40 20.16
N ILE D 892 -3.31 -1.52 20.17
CA ILE D 892 -4.66 -1.81 19.62
C ILE D 892 -5.12 -0.54 18.89
N THR D 893 -6.13 -0.70 18.06
CA THR D 893 -6.81 0.42 17.34
C THR D 893 -8.05 0.86 18.12
N GLN D 894 -8.47 2.11 17.93
CA GLN D 894 -9.73 2.67 18.51
C GLN D 894 -10.88 1.64 18.39
N ARG D 895 -10.91 0.87 17.29
CA ARG D 895 -12.02 -0.05 16.87
C ARG D 895 -12.04 -1.29 17.77
N LYS D 896 -10.84 -1.84 18.02
CA LYS D 896 -10.64 -2.95 18.97
C LYS D 896 -11.02 -2.43 20.35
N PHE D 897 -10.51 -1.24 20.70
CA PHE D 897 -10.78 -0.61 22.01
C PHE D 897 -12.31 -0.45 22.21
N ASP D 898 -12.99 0.17 21.24
CA ASP D 898 -14.45 0.42 21.36
C ASP D 898 -15.15 -0.95 21.52
N ASN D 899 -14.69 -1.98 20.83
CA ASN D 899 -15.35 -3.32 20.89
C ASN D 899 -15.04 -4.01 22.24
N LEU D 900 -13.83 -3.84 22.82
CA LEU D 900 -13.43 -4.45 24.13
C LEU D 900 -14.33 -3.93 25.26
N THR D 901 -14.57 -2.62 25.25
CA THR D 901 -15.22 -1.87 26.34
C THR D 901 -16.75 -1.88 26.16
N LYS D 902 -17.27 -2.36 25.04
CA LYS D 902 -18.67 -2.12 24.64
C LYS D 902 -19.66 -2.44 25.76
N ALA D 903 -19.40 -3.36 26.69
CA ALA D 903 -20.40 -3.80 27.70
C ALA D 903 -20.76 -2.64 28.66
N GLU D 904 -19.83 -1.69 28.82
CA GLU D 904 -20.00 -0.50 29.72
C GLU D 904 -21.01 0.47 29.08
N ARG D 905 -21.13 0.47 27.74
CA ARG D 905 -22.19 1.17 26.96
C ARG D 905 -23.34 0.22 26.67
N GLY D 906 -23.60 -0.77 27.53
CA GLY D 906 -24.77 -1.66 27.45
C GLY D 906 -24.41 -2.99 26.82
N GLY D 907 -23.58 -2.97 25.78
CA GLY D 907 -23.06 -4.20 25.15
C GLY D 907 -23.68 -4.44 23.78
N LEU D 908 -24.16 -5.66 23.55
CA LEU D 908 -24.76 -6.08 22.26
C LEU D 908 -26.27 -6.26 22.46
N SER D 909 -27.04 -5.26 22.01
CA SER D 909 -28.53 -5.23 21.96
C SER D 909 -29.00 -6.40 21.10
N GLU D 910 -30.18 -6.96 21.36
CA GLU D 910 -30.74 -8.02 20.48
C GLU D 910 -30.74 -7.48 19.04
N LEU D 911 -31.01 -6.18 18.85
CA LEU D 911 -30.99 -5.53 17.52
C LEU D 911 -29.55 -5.57 16.94
N ASP D 912 -28.51 -5.31 17.74
CA ASP D 912 -27.07 -5.38 17.32
C ASP D 912 -26.74 -6.76 16.73
N LYS D 913 -27.11 -7.80 17.47
CA LYS D 913 -26.86 -9.24 17.19
C LYS D 913 -27.55 -9.63 15.89
N ALA D 914 -28.80 -9.18 15.71
CA ALA D 914 -29.64 -9.45 14.52
C ALA D 914 -29.02 -8.77 13.29
N GLY D 915 -28.59 -7.51 13.47
CA GLY D 915 -27.81 -6.75 12.49
C GLY D 915 -26.66 -7.58 11.93
N PHE D 916 -25.90 -8.21 12.81
CA PHE D 916 -24.69 -8.98 12.43
C PHE D 916 -25.11 -10.24 11.67
N ILE D 917 -26.20 -10.92 12.05
CA ILE D 917 -26.64 -12.19 11.38
C ILE D 917 -27.08 -11.89 9.94
N LYS D 918 -27.70 -10.72 9.71
CA LYS D 918 -28.07 -10.16 8.38
C LYS D 918 -26.82 -9.92 7.53
N ARG D 919 -25.80 -9.21 8.04
CA ARG D 919 -24.52 -8.94 7.33
C ARG D 919 -23.92 -10.24 6.78
N GLN D 920 -24.08 -11.36 7.47
CA GLN D 920 -23.46 -12.66 7.05
C GLN D 920 -24.07 -13.17 5.75
N LEU D 921 -25.26 -12.67 5.39
CA LEU D 921 -26.07 -13.14 4.22
C LEU D 921 -26.25 -11.99 3.21
N VAL D 922 -26.48 -10.76 3.69
CA VAL D 922 -26.67 -9.54 2.86
C VAL D 922 -25.32 -8.84 2.61
N GLU D 923 -24.82 -8.93 1.39
CA GLU D 923 -23.65 -8.16 0.92
C GLU D 923 -23.98 -6.68 0.99
N THR D 924 -23.13 -5.90 1.66
CA THR D 924 -23.23 -4.42 1.79
C THR D 924 -22.01 -3.70 1.17
N ARG D 925 -20.90 -4.35 0.85
CA ARG D 925 -19.71 -3.65 0.28
C ARG D 925 -20.08 -2.78 -0.94
N GLN D 926 -19.60 -1.56 -0.94
CA GLN D 926 -19.90 -0.57 -2.00
C GLN D 926 -19.49 -1.14 -3.38
N ILE D 927 -18.38 -1.91 -3.46
CA ILE D 927 -17.78 -2.41 -4.74
C ILE D 927 -18.76 -3.36 -5.40
N THR D 928 -19.29 -4.31 -4.62
CA THR D 928 -20.10 -5.41 -5.18
C THR D 928 -21.42 -4.76 -5.56
N LYS D 929 -21.89 -3.78 -4.78
CA LYS D 929 -23.13 -3.06 -5.15
C LYS D 929 -22.98 -2.41 -6.54
N HIS D 930 -21.84 -1.77 -6.87
CA HIS D 930 -21.64 -1.12 -8.19
C HIS D 930 -21.73 -2.17 -9.30
N VAL D 931 -21.16 -3.34 -9.11
CA VAL D 931 -21.16 -4.44 -10.15
C VAL D 931 -22.61 -4.80 -10.46
N ALA D 932 -23.44 -4.89 -9.41
CA ALA D 932 -24.89 -5.15 -9.48
C ALA D 932 -25.51 -4.00 -10.26
N GLN D 933 -25.21 -2.78 -9.87
CA GLN D 933 -25.79 -1.59 -10.53
C GLN D 933 -25.40 -1.64 -12.03
N ILE D 934 -24.19 -2.07 -12.35
CA ILE D 934 -23.74 -2.00 -13.76
C ILE D 934 -24.58 -2.98 -14.56
N LEU D 935 -24.74 -4.18 -14.01
CA LEU D 935 -25.47 -5.29 -14.67
C LEU D 935 -26.96 -4.94 -14.73
N ASP D 936 -27.53 -4.37 -13.67
CA ASP D 936 -28.91 -3.87 -13.75
C ASP D 936 -29.01 -2.86 -14.90
N SER D 937 -28.13 -1.87 -14.99
CA SER D 937 -28.37 -0.75 -15.94
C SER D 937 -28.24 -1.28 -17.35
N ARG D 938 -27.43 -2.32 -17.51
CA ARG D 938 -27.07 -2.89 -18.82
C ARG D 938 -28.13 -3.89 -19.27
N MET D 939 -28.81 -4.59 -18.34
CA MET D 939 -29.87 -5.59 -18.66
C MET D 939 -31.22 -4.87 -18.75
N ASN D 940 -31.47 -3.88 -17.87
CA ASN D 940 -32.78 -3.21 -17.75
C ASN D 940 -32.71 -1.79 -18.35
N THR D 941 -33.13 -1.65 -19.60
CA THR D 941 -32.93 -0.44 -20.45
C THR D 941 -34.26 0.03 -21.03
N LYS D 942 -35.34 -0.70 -20.70
CA LYS D 942 -36.65 -0.61 -21.38
C LYS D 942 -37.62 0.12 -20.46
N TYR D 943 -38.50 0.93 -21.06
CA TYR D 943 -39.53 1.75 -20.36
C TYR D 943 -40.95 1.35 -20.84
N ASP D 944 -41.97 1.58 -20.02
CA ASP D 944 -43.37 1.20 -20.37
C ASP D 944 -44.07 2.44 -20.97
N GLU D 945 -45.33 2.23 -21.39
CA GLU D 945 -46.31 3.30 -21.75
C GLU D 945 -46.20 4.54 -20.83
N ASN D 946 -46.10 4.35 -19.52
CA ASN D 946 -46.10 5.43 -18.50
C ASN D 946 -44.68 5.97 -18.32
N ASP D 947 -43.69 5.32 -18.96
CA ASP D 947 -42.27 5.76 -19.00
C ASP D 947 -41.60 5.35 -17.67
N LYS D 948 -42.04 4.23 -17.09
CA LYS D 948 -41.41 3.58 -15.91
C LYS D 948 -40.40 2.52 -16.38
N LEU D 949 -39.23 2.42 -15.72
CA LEU D 949 -38.20 1.39 -16.05
C LEU D 949 -38.80 0.00 -15.80
N ILE D 950 -38.69 -0.86 -16.81
CA ILE D 950 -39.06 -2.30 -16.73
C ILE D 950 -37.79 -3.06 -16.29
N ARG D 951 -37.84 -3.61 -15.08
CA ARG D 951 -36.85 -4.57 -14.54
C ARG D 951 -37.15 -5.96 -15.13
N GLU D 952 -36.75 -6.20 -16.37
CA GLU D 952 -36.84 -7.53 -17.03
C GLU D 952 -35.91 -8.52 -16.37
N VAL D 953 -34.95 -8.03 -15.57
CA VAL D 953 -33.88 -8.90 -14.97
C VAL D 953 -33.66 -8.46 -13.55
N LYS D 954 -33.68 -9.39 -12.62
CA LYS D 954 -33.30 -9.12 -11.22
C LYS D 954 -31.82 -9.40 -11.09
N VAL D 955 -31.08 -8.49 -10.47
CA VAL D 955 -29.66 -8.76 -10.09
C VAL D 955 -29.60 -9.04 -8.59
N ILE D 956 -29.10 -10.21 -8.24
CA ILE D 956 -29.15 -10.80 -6.87
C ILE D 956 -27.73 -10.94 -6.31
N THR D 957 -27.50 -10.43 -5.10
CA THR D 957 -26.14 -10.44 -4.50
C THR D 957 -26.11 -11.34 -3.26
N LEU D 958 -25.28 -12.37 -3.31
CA LEU D 958 -25.04 -13.27 -2.15
C LEU D 958 -23.64 -13.03 -1.62
N LYS D 959 -23.45 -13.24 -0.32
CA LYS D 959 -22.12 -13.43 0.31
C LYS D 959 -21.79 -14.89 0.07
N SER D 960 -20.52 -15.22 0.17
CA SER D 960 -19.94 -16.55 -0.12
C SER D 960 -20.33 -17.56 0.96
N LYS D 961 -20.74 -17.08 2.12
CA LYS D 961 -21.09 -17.98 3.25
C LYS D 961 -22.21 -18.95 2.84
N LEU D 962 -23.22 -18.45 2.11
CA LEU D 962 -24.44 -19.20 1.71
C LEU D 962 -24.10 -20.46 0.91
N VAL D 963 -23.17 -20.36 -0.06
CA VAL D 963 -22.85 -21.52 -0.92
C VAL D 963 -21.84 -22.41 -0.20
N SER D 964 -20.96 -21.79 0.60
CA SER D 964 -20.01 -22.54 1.44
C SER D 964 -20.81 -23.38 2.45
N ASP D 965 -21.80 -22.77 3.12
CA ASP D 965 -22.70 -23.46 4.08
C ASP D 965 -23.45 -24.55 3.33
N PHE D 966 -24.08 -24.21 2.21
CA PHE D 966 -24.90 -25.14 1.40
C PHE D 966 -24.01 -26.29 0.96
N ARG D 967 -22.74 -26.02 0.66
CA ARG D 967 -21.76 -27.07 0.24
C ARG D 967 -21.52 -28.01 1.43
N LYS D 968 -21.20 -27.45 2.59
CA LYS D 968 -20.88 -28.22 3.82
C LYS D 968 -22.13 -28.99 4.27
N ASP D 969 -23.32 -28.40 4.13
CA ASP D 969 -24.63 -28.93 4.62
C ASP D 969 -25.19 -30.02 3.71
N PHE D 970 -24.69 -30.25 2.50
CA PHE D 970 -25.27 -31.32 1.65
C PHE D 970 -24.16 -32.10 0.96
N GLN D 971 -22.93 -31.96 1.47
CA GLN D 971 -21.76 -32.77 1.04
C GLN D 971 -21.46 -32.51 -0.45
N PHE D 972 -21.44 -31.24 -0.85
CA PHE D 972 -20.91 -30.72 -2.15
C PHE D 972 -19.57 -30.03 -1.86
N TYR D 973 -18.65 -30.81 -1.31
CA TYR D 973 -17.37 -30.28 -0.81
C TYR D 973 -16.55 -29.80 -1.98
N LYS D 974 -15.94 -28.63 -1.85
CA LYS D 974 -14.88 -28.19 -2.79
C LYS D 974 -13.55 -28.63 -2.18
N VAL D 975 -12.71 -29.23 -3.01
CA VAL D 975 -11.23 -29.29 -2.79
C VAL D 975 -10.60 -28.45 -3.90
N ARG D 976 -10.16 -27.24 -3.54
CA ARG D 976 -9.60 -26.18 -4.42
C ARG D 976 -8.64 -26.84 -5.41
N GLU D 977 -7.77 -27.71 -4.93
CA GLU D 977 -6.51 -28.00 -5.66
C GLU D 977 -6.68 -29.22 -6.60
N ILE D 978 -7.87 -29.81 -6.73
CA ILE D 978 -8.11 -30.88 -7.75
C ILE D 978 -8.00 -30.28 -9.17
N ASN D 979 -8.66 -29.16 -9.42
CA ASN D 979 -8.74 -28.48 -10.74
C ASN D 979 -9.37 -27.09 -10.56
N ASN D 980 -9.66 -26.41 -11.65
CA ASN D 980 -10.18 -25.04 -11.66
C ASN D 980 -11.71 -25.03 -11.65
N TYR D 981 -12.34 -26.21 -11.62
CA TYR D 981 -13.80 -26.36 -11.73
C TYR D 981 -14.50 -25.65 -10.56
N HIS D 982 -13.94 -25.61 -9.35
CA HIS D 982 -14.71 -25.12 -8.18
C HIS D 982 -15.26 -23.71 -8.42
N HIS D 983 -14.63 -22.83 -9.20
CA HIS D 983 -15.13 -21.44 -9.47
C HIS D 983 -16.44 -21.55 -10.23
N ALA D 984 -16.43 -22.36 -11.28
CA ALA D 984 -17.61 -22.70 -12.10
C ALA D 984 -18.69 -23.29 -11.20
N HIS D 985 -18.31 -24.29 -10.45
CA HIS D 985 -19.22 -24.94 -9.48
C HIS D 985 -19.84 -23.86 -8.57
N ASP D 986 -19.05 -23.04 -7.91
CA ASP D 986 -19.57 -21.99 -7.02
C ASP D 986 -20.60 -21.12 -7.78
N ALA D 987 -20.36 -20.74 -9.03
CA ALA D 987 -21.26 -19.86 -9.80
C ALA D 987 -22.60 -20.58 -10.04
N TYR D 988 -22.52 -21.87 -10.31
CA TYR D 988 -23.71 -22.72 -10.45
C TYR D 988 -24.52 -22.76 -9.13
N LEU D 989 -23.89 -23.15 -8.03
CA LEU D 989 -24.54 -23.17 -6.72
C LEU D 989 -25.04 -21.75 -6.35
N ASN D 990 -24.41 -20.66 -6.82
CA ASN D 990 -24.95 -19.31 -6.54
C ASN D 990 -26.27 -19.17 -7.31
N ALA D 991 -26.31 -19.57 -8.57
CA ALA D 991 -27.54 -19.43 -9.36
C ALA D 991 -28.65 -20.19 -8.64
N VAL D 992 -28.39 -21.37 -8.10
CA VAL D 992 -29.52 -22.22 -7.62
C VAL D 992 -29.93 -21.68 -6.26
N VAL D 993 -28.99 -21.46 -5.34
CA VAL D 993 -29.34 -20.95 -4.00
C VAL D 993 -29.93 -19.56 -4.20
N GLY D 994 -29.30 -18.72 -5.00
CA GLY D 994 -29.84 -17.41 -5.39
C GLY D 994 -31.31 -17.49 -5.74
N THR D 995 -31.66 -18.21 -6.81
CA THR D 995 -33.01 -18.17 -7.40
C THR D 995 -34.00 -18.87 -6.43
N ALA D 996 -33.61 -20.01 -5.86
CA ALA D 996 -34.41 -20.78 -4.89
C ALA D 996 -34.80 -19.88 -3.74
N LEU D 997 -33.84 -19.17 -3.16
CA LEU D 997 -34.01 -18.30 -1.96
C LEU D 997 -35.09 -17.24 -2.19
N ILE D 998 -35.16 -16.55 -3.31
CA ILE D 998 -36.19 -15.48 -3.48
C ILE D 998 -37.49 -16.06 -4.04
N LYS D 999 -37.51 -17.33 -4.46
CA LYS D 999 -38.76 -18.06 -4.83
C LYS D 999 -39.52 -18.48 -3.56
N LYS D 1000 -38.79 -18.86 -2.51
CA LYS D 1000 -39.35 -19.27 -1.20
C LYS D 1000 -39.78 -18.00 -0.45
N TYR D 1001 -38.96 -16.95 -0.50
CA TYR D 1001 -39.19 -15.67 0.23
C TYR D 1001 -39.06 -14.48 -0.71
N PRO D 1002 -40.12 -14.11 -1.43
CA PRO D 1002 -40.09 -12.87 -2.21
C PRO D 1002 -39.97 -11.62 -1.31
N LYS D 1003 -40.25 -11.76 0.00
CA LYS D 1003 -40.01 -10.69 1.01
C LYS D 1003 -38.56 -10.18 0.85
N LEU D 1004 -37.57 -11.05 0.61
CA LEU D 1004 -36.13 -10.72 0.71
C LEU D 1004 -35.59 -9.96 -0.51
N GLU D 1005 -36.41 -9.74 -1.54
CA GLU D 1005 -35.92 -8.99 -2.72
C GLU D 1005 -35.41 -7.64 -2.23
N SER D 1006 -36.03 -7.11 -1.19
CA SER D 1006 -35.62 -5.86 -0.53
C SER D 1006 -34.10 -5.86 -0.38
N GLU D 1007 -33.55 -6.94 0.18
CA GLU D 1007 -32.13 -7.06 0.65
C GLU D 1007 -31.20 -7.58 -0.47
N PHE D 1008 -31.63 -8.59 -1.23
CA PHE D 1008 -30.81 -9.40 -2.16
C PHE D 1008 -30.94 -8.92 -3.60
N VAL D 1009 -31.93 -8.12 -3.96
CA VAL D 1009 -32.09 -7.70 -5.38
C VAL D 1009 -31.75 -6.21 -5.54
N TYR D 1010 -30.84 -5.88 -6.42
CA TYR D 1010 -30.61 -4.49 -6.80
C TYR D 1010 -31.88 -3.91 -7.42
N GLY D 1011 -32.19 -2.66 -7.07
CA GLY D 1011 -33.11 -1.82 -7.87
C GLY D 1011 -33.89 -0.85 -7.01
N GLY D 1030 -37.94 -7.67 21.05
CA GLY D 1030 -38.69 -8.87 20.63
C GLY D 1030 -38.80 -8.97 19.12
N LYS D 1031 -38.62 -7.83 18.43
CA LYS D 1031 -38.62 -7.65 16.95
C LYS D 1031 -37.21 -7.93 16.39
N ALA D 1032 -36.17 -7.74 17.19
CA ALA D 1032 -34.79 -8.15 16.88
C ALA D 1032 -34.62 -9.66 17.09
N THR D 1033 -35.32 -10.25 18.08
CA THR D 1033 -35.25 -11.70 18.42
C THR D 1033 -35.82 -12.49 17.23
N ALA D 1034 -36.94 -12.01 16.66
CA ALA D 1034 -37.63 -12.62 15.49
C ALA D 1034 -36.75 -12.48 14.23
N LYS D 1035 -36.31 -11.26 13.92
CA LYS D 1035 -35.32 -10.99 12.84
C LYS D 1035 -34.15 -11.95 13.04
N TYR D 1036 -33.51 -11.91 14.21
CA TYR D 1036 -32.32 -12.74 14.58
C TYR D 1036 -32.61 -14.21 14.24
N PHE D 1037 -33.68 -14.80 14.80
CA PHE D 1037 -34.05 -16.23 14.59
C PHE D 1037 -34.28 -16.44 13.08
N PHE D 1038 -34.89 -15.45 12.42
CA PHE D 1038 -35.33 -15.55 11.00
C PHE D 1038 -34.14 -15.77 10.06
N TYR D 1039 -33.17 -14.85 10.07
CA TYR D 1039 -31.98 -14.87 9.18
C TYR D 1039 -31.08 -16.07 9.51
N SER D 1040 -30.94 -16.43 10.79
CA SER D 1040 -30.07 -17.57 11.19
C SER D 1040 -30.78 -18.89 10.86
N ASN D 1041 -32.03 -18.84 10.44
CA ASN D 1041 -32.85 -20.04 10.11
C ASN D 1041 -33.39 -19.98 8.65
N ILE D 1042 -33.19 -18.86 7.96
CA ILE D 1042 -33.61 -18.61 6.55
C ILE D 1042 -33.38 -19.81 5.63
N MET D 1043 -32.31 -20.59 5.86
CA MET D 1043 -31.78 -21.58 4.90
C MET D 1043 -32.30 -22.98 5.21
N ASN D 1044 -33.32 -23.06 6.07
CA ASN D 1044 -33.83 -24.33 6.65
C ASN D 1044 -34.69 -25.09 5.64
N PHE D 1045 -35.21 -24.40 4.61
CA PHE D 1045 -36.16 -24.96 3.62
C PHE D 1045 -35.48 -26.01 2.74
N PHE D 1046 -34.15 -25.97 2.65
CA PHE D 1046 -33.36 -26.99 1.91
C PHE D 1046 -33.31 -28.32 2.67
N LYS D 1047 -33.36 -28.29 4.01
CA LYS D 1047 -33.17 -29.45 4.94
C LYS D 1047 -34.52 -30.13 5.20
N THR D 1048 -34.51 -31.46 5.39
CA THR D 1048 -35.71 -32.30 5.67
C THR D 1048 -35.97 -32.38 7.18
N GLU D 1049 -34.94 -32.20 8.03
CA GLU D 1049 -35.11 -32.25 9.50
C GLU D 1049 -34.29 -31.16 10.22
N ILE D 1050 -34.81 -30.67 11.36
CA ILE D 1050 -34.31 -29.50 12.15
C ILE D 1050 -34.47 -29.82 13.64
N LYS D 1059 -38.98 -31.97 10.35
CA LYS D 1059 -40.32 -32.60 10.23
C LYS D 1059 -40.98 -32.17 8.90
N ARG D 1060 -40.27 -31.42 8.04
CA ARG D 1060 -40.86 -30.69 6.87
C ARG D 1060 -40.55 -31.45 5.58
N PRO D 1061 -41.29 -31.15 4.49
CA PRO D 1061 -41.57 -32.14 3.45
C PRO D 1061 -40.58 -32.12 2.26
N LEU D 1062 -40.72 -33.13 1.40
CA LEU D 1062 -39.92 -33.33 0.14
C LEU D 1062 -40.08 -32.10 -0.77
N ILE D 1063 -41.18 -31.98 -1.53
CA ILE D 1063 -41.51 -30.76 -2.31
C ILE D 1063 -41.63 -29.57 -1.35
N GLU D 1064 -41.06 -28.43 -1.72
CA GLU D 1064 -41.10 -27.15 -0.95
C GLU D 1064 -41.65 -26.06 -1.87
N THR D 1065 -42.49 -25.18 -1.32
CA THR D 1065 -43.41 -24.33 -2.10
C THR D 1065 -43.45 -22.90 -1.59
N ASN D 1066 -43.84 -21.98 -2.47
CA ASN D 1066 -44.16 -20.58 -2.14
C ASN D 1066 -45.60 -20.55 -1.62
N GLY D 1067 -45.81 -20.01 -0.42
CA GLY D 1067 -47.14 -19.91 0.21
C GLY D 1067 -48.11 -19.15 -0.67
N GLU D 1068 -47.81 -17.88 -0.97
CA GLU D 1068 -48.77 -16.99 -1.68
C GLU D 1068 -49.01 -17.50 -3.12
N THR D 1069 -47.97 -17.87 -3.88
CA THR D 1069 -48.11 -18.19 -5.33
C THR D 1069 -48.33 -19.70 -5.52
N GLY D 1070 -47.87 -20.55 -4.59
CA GLY D 1070 -47.94 -22.02 -4.73
C GLY D 1070 -46.97 -22.56 -5.77
N GLU D 1071 -45.83 -21.88 -5.96
CA GLU D 1071 -44.71 -22.22 -6.90
C GLU D 1071 -43.86 -23.35 -6.28
N ILE D 1072 -43.31 -24.29 -7.07
CA ILE D 1072 -42.31 -25.27 -6.56
C ILE D 1072 -40.97 -24.52 -6.44
N VAL D 1073 -40.32 -24.53 -5.28
CA VAL D 1073 -38.99 -23.90 -5.14
C VAL D 1073 -37.92 -24.98 -5.01
N TRP D 1074 -38.20 -26.14 -4.43
CA TRP D 1074 -37.17 -27.18 -4.17
C TRP D 1074 -37.80 -28.56 -3.99
N ASP D 1075 -37.63 -29.45 -4.98
CA ASP D 1075 -37.95 -30.90 -4.83
C ASP D 1075 -36.85 -31.60 -4.04
N LYS D 1076 -36.83 -31.34 -2.74
CA LYS D 1076 -35.81 -31.83 -1.79
C LYS D 1076 -35.38 -33.28 -2.08
N GLY D 1077 -36.21 -34.11 -2.74
CA GLY D 1077 -35.87 -35.52 -3.05
C GLY D 1077 -35.61 -35.73 -4.52
N ARG D 1078 -35.17 -34.70 -5.25
CA ARG D 1078 -34.75 -34.85 -6.68
C ARG D 1078 -33.83 -33.70 -7.12
N ASP D 1079 -34.00 -32.51 -6.53
CA ASP D 1079 -33.26 -31.28 -6.91
C ASP D 1079 -31.79 -31.41 -6.43
N PHE D 1080 -31.53 -32.09 -5.31
CA PHE D 1080 -30.17 -32.42 -4.82
C PHE D 1080 -29.46 -33.35 -5.80
N ALA D 1081 -30.22 -34.26 -6.41
CA ALA D 1081 -29.70 -35.22 -7.41
C ALA D 1081 -29.20 -34.42 -8.60
N THR D 1082 -29.94 -33.41 -9.08
CA THR D 1082 -29.53 -32.63 -10.27
C THR D 1082 -28.27 -31.83 -9.91
N VAL D 1083 -28.20 -31.26 -8.70
CA VAL D 1083 -26.96 -30.58 -8.20
C VAL D 1083 -25.79 -31.57 -8.20
N ARG D 1084 -25.97 -32.82 -7.74
CA ARG D 1084 -24.86 -33.81 -7.71
C ARG D 1084 -24.38 -34.09 -9.15
N LYS D 1085 -25.35 -34.21 -10.08
CA LYS D 1085 -25.15 -34.58 -11.51
C LYS D 1085 -24.41 -33.44 -12.22
N VAL D 1086 -24.78 -32.18 -11.95
CA VAL D 1086 -24.13 -30.99 -12.57
C VAL D 1086 -22.70 -30.93 -12.08
N LEU D 1087 -22.44 -31.16 -10.79
CA LEU D 1087 -21.08 -31.01 -10.22
C LEU D 1087 -20.16 -32.12 -10.70
N SER D 1088 -20.73 -33.21 -11.23
CA SER D 1088 -20.02 -34.44 -11.70
C SER D 1088 -19.63 -34.31 -13.16
N MET D 1089 -20.16 -33.33 -13.88
CA MET D 1089 -19.92 -33.31 -15.34
C MET D 1089 -18.43 -33.05 -15.56
N PRO D 1090 -17.75 -33.97 -16.28
CA PRO D 1090 -16.36 -33.75 -16.61
C PRO D 1090 -16.16 -32.55 -17.54
N GLN D 1091 -17.11 -32.21 -18.41
CA GLN D 1091 -16.85 -31.15 -19.43
C GLN D 1091 -17.30 -29.78 -18.93
N VAL D 1092 -16.41 -29.06 -18.25
CA VAL D 1092 -16.57 -27.66 -17.77
C VAL D 1092 -15.62 -26.77 -18.56
N ASN D 1093 -16.14 -25.72 -19.19
CA ASN D 1093 -15.39 -24.77 -20.05
C ASN D 1093 -14.46 -23.90 -19.18
N ILE D 1094 -13.17 -24.25 -19.12
CA ILE D 1094 -12.12 -23.47 -18.40
C ILE D 1094 -11.31 -22.71 -19.44
N VAL D 1095 -11.18 -21.40 -19.31
CA VAL D 1095 -10.51 -20.55 -20.33
C VAL D 1095 -9.47 -19.71 -19.64
N LYS D 1096 -8.22 -19.83 -20.04
CA LYS D 1096 -7.13 -18.94 -19.56
C LYS D 1096 -7.05 -17.76 -20.50
N LYS D 1097 -7.34 -16.59 -19.96
CA LYS D 1097 -7.27 -15.31 -20.70
C LYS D 1097 -5.88 -15.19 -21.33
N THR D 1098 -5.82 -15.18 -22.68
CA THR D 1098 -4.55 -15.08 -23.41
C THR D 1098 -4.10 -13.63 -23.27
N GLU D 1099 -2.81 -13.38 -23.02
CA GLU D 1099 -2.38 -11.98 -22.78
C GLU D 1099 -0.98 -11.71 -23.33
N VAL D 1100 -0.91 -10.68 -24.16
CA VAL D 1100 0.33 -9.95 -24.50
C VAL D 1100 0.95 -9.47 -23.18
N GLN D 1101 2.21 -9.79 -22.96
CA GLN D 1101 2.99 -9.33 -21.80
C GLN D 1101 3.56 -7.94 -22.08
N THR D 1102 3.56 -7.14 -21.02
CA THR D 1102 3.92 -5.71 -21.01
C THR D 1102 4.73 -5.50 -19.74
N GLY D 1103 5.47 -4.41 -19.63
CA GLY D 1103 6.35 -4.27 -18.45
C GLY D 1103 7.83 -4.04 -18.78
N GLY D 1104 8.66 -4.27 -17.77
CA GLY D 1104 10.11 -4.05 -17.86
C GLY D 1104 10.60 -4.87 -19.03
N PHE D 1105 11.45 -4.31 -19.87
CA PHE D 1105 12.10 -5.05 -20.97
C PHE D 1105 12.72 -6.38 -20.49
N SER D 1106 13.32 -6.45 -19.32
CA SER D 1106 14.06 -7.65 -18.89
C SER D 1106 14.23 -7.62 -17.39
N LYS D 1107 14.99 -8.54 -16.82
CA LYS D 1107 15.52 -8.29 -15.47
C LYS D 1107 16.43 -7.06 -15.55
N GLU D 1108 16.69 -6.49 -14.38
CA GLU D 1108 17.34 -5.17 -14.19
C GLU D 1108 18.80 -5.39 -13.78
N SER D 1109 19.15 -6.60 -13.31
CA SER D 1109 20.54 -6.87 -12.94
C SER D 1109 21.41 -6.53 -14.14
N ILE D 1110 22.29 -5.54 -13.97
CA ILE D 1110 23.32 -5.15 -14.97
C ILE D 1110 24.48 -6.13 -14.86
N LEU D 1111 24.54 -7.16 -15.69
CA LEU D 1111 25.51 -8.29 -15.51
C LEU D 1111 26.88 -7.90 -16.07
N PRO D 1112 27.94 -8.56 -15.54
CA PRO D 1112 29.31 -8.34 -16.03
C PRO D 1112 29.37 -8.82 -17.47
N LYS D 1113 30.47 -8.50 -18.13
CA LYS D 1113 30.67 -8.98 -19.50
C LYS D 1113 30.94 -10.49 -19.49
N ARG D 1114 30.41 -11.13 -20.52
CA ARG D 1114 30.59 -12.55 -20.85
C ARG D 1114 30.43 -12.69 -22.37
N ASN D 1115 31.02 -13.72 -22.95
CA ASN D 1115 30.85 -13.92 -24.41
C ASN D 1115 29.51 -14.63 -24.52
N SER D 1116 28.50 -13.97 -25.05
CA SER D 1116 27.17 -14.62 -25.02
C SER D 1116 26.10 -13.75 -25.67
N ASP D 1117 25.45 -14.31 -26.69
CA ASP D 1117 24.34 -13.74 -27.50
C ASP D 1117 23.18 -13.32 -26.55
N LYS D 1118 23.07 -13.91 -25.36
CA LYS D 1118 22.04 -13.52 -24.37
C LYS D 1118 22.18 -12.06 -23.91
N LEU D 1119 23.38 -11.53 -23.74
CA LEU D 1119 23.49 -10.18 -23.14
C LEU D 1119 22.87 -9.15 -24.08
N ILE D 1120 22.23 -8.14 -23.49
CA ILE D 1120 21.49 -7.08 -24.22
C ILE D 1120 22.16 -5.75 -23.91
N ALA D 1121 22.60 -5.01 -24.92
CA ALA D 1121 23.37 -3.76 -24.76
C ALA D 1121 22.57 -2.73 -23.95
N ARG D 1122 23.13 -2.19 -22.86
CA ARG D 1122 22.49 -1.07 -22.09
C ARG D 1122 22.46 0.28 -22.83
N LYS D 1123 23.01 0.38 -24.03
CA LYS D 1123 22.98 1.56 -24.96
C LYS D 1123 23.47 1.12 -26.36
N LYS D 1124 23.05 1.78 -27.44
CA LYS D 1124 23.45 1.40 -28.83
C LYS D 1124 24.93 0.98 -28.86
N ASP D 1125 25.84 1.81 -28.40
CA ASP D 1125 27.27 1.56 -28.74
C ASP D 1125 28.00 0.73 -27.66
N TRP D 1126 27.34 0.11 -26.68
CA TRP D 1126 28.03 -0.60 -25.59
C TRP D 1126 27.95 -2.11 -25.77
N ASP D 1127 28.73 -2.64 -26.71
CA ASP D 1127 28.82 -4.10 -26.97
C ASP D 1127 29.01 -4.83 -25.65
N PRO D 1128 28.04 -5.72 -25.32
CA PRO D 1128 28.01 -6.39 -24.02
C PRO D 1128 29.15 -7.36 -23.81
N LYS D 1129 29.86 -7.79 -24.86
CA LYS D 1129 31.09 -8.60 -24.72
C LYS D 1129 32.16 -7.75 -24.06
N LYS D 1130 32.07 -6.41 -24.18
CA LYS D 1130 33.03 -5.48 -23.55
C LYS D 1130 32.45 -4.85 -22.28
N TYR D 1131 31.12 -4.67 -22.18
CA TYR D 1131 30.57 -3.76 -21.14
C TYR D 1131 29.56 -4.40 -20.19
N GLY D 1132 29.25 -5.69 -20.38
CA GLY D 1132 28.13 -6.38 -19.72
C GLY D 1132 26.82 -5.81 -20.24
N GLY D 1133 25.76 -5.93 -19.46
CA GLY D 1133 24.39 -5.66 -19.96
C GLY D 1133 23.32 -6.59 -19.35
N PHE D 1134 22.14 -6.58 -19.94
CA PHE D 1134 20.94 -7.29 -19.44
C PHE D 1134 20.82 -8.74 -19.92
N ASP D 1135 20.18 -9.53 -19.06
CA ASP D 1135 19.85 -10.96 -19.29
C ASP D 1135 18.31 -11.07 -19.25
N SER D 1136 17.78 -12.17 -19.75
CA SER D 1136 16.35 -12.51 -19.53
C SER D 1136 15.33 -11.45 -19.94
N PRO D 1137 15.13 -11.16 -21.23
CA PRO D 1137 14.05 -10.31 -21.63
C PRO D 1137 12.71 -11.06 -21.55
N THR D 1138 11.63 -10.34 -21.28
CA THR D 1138 10.26 -10.86 -21.33
C THR D 1138 9.81 -10.88 -22.78
N VAL D 1139 9.26 -12.00 -23.24
CA VAL D 1139 8.58 -12.08 -24.56
C VAL D 1139 7.21 -11.48 -24.36
N ALA D 1140 6.90 -10.46 -25.16
CA ALA D 1140 5.56 -9.85 -25.21
C ALA D 1140 4.60 -10.84 -25.89
N TYR D 1141 5.06 -11.45 -26.97
CA TYR D 1141 4.33 -12.50 -27.72
C TYR D 1141 5.29 -13.23 -28.67
N SER D 1142 4.86 -14.44 -29.02
CA SER D 1142 5.60 -15.34 -29.92
C SER D 1142 4.92 -15.26 -31.28
N VAL D 1143 5.60 -15.65 -32.32
CA VAL D 1143 5.11 -15.41 -33.69
C VAL D 1143 5.56 -16.63 -34.49
N LEU D 1144 4.65 -17.28 -35.17
CA LEU D 1144 4.95 -18.48 -35.96
C LEU D 1144 5.54 -17.92 -37.23
N VAL D 1145 6.75 -18.37 -37.56
CA VAL D 1145 7.48 -17.93 -38.77
C VAL D 1145 7.58 -19.16 -39.67
N VAL D 1146 7.06 -19.09 -40.89
CA VAL D 1146 7.50 -20.07 -41.91
C VAL D 1146 8.26 -19.31 -43.01
N ALA D 1147 9.50 -19.75 -43.24
CA ALA D 1147 10.53 -19.06 -44.04
C ALA D 1147 11.61 -20.06 -44.50
N LYS D 1148 12.79 -19.52 -44.83
CA LYS D 1148 14.03 -20.26 -45.14
C LYS D 1148 15.21 -19.63 -44.36
N VAL D 1149 16.12 -20.47 -43.89
CA VAL D 1149 17.48 -20.01 -43.49
C VAL D 1149 18.53 -20.48 -44.54
N GLU D 1150 19.70 -19.84 -44.50
CA GLU D 1150 20.91 -20.20 -45.29
C GLU D 1150 21.69 -21.25 -44.51
N LYS D 1151 22.23 -22.28 -45.19
CA LYS D 1151 23.12 -23.33 -44.61
C LYS D 1151 24.33 -23.54 -45.52
N GLY D 1152 25.50 -23.70 -44.91
CA GLY D 1152 26.76 -24.04 -45.59
C GLY D 1152 27.55 -22.80 -45.96
N LYS D 1153 28.74 -23.04 -46.49
CA LYS D 1153 29.53 -22.10 -47.32
C LYS D 1153 28.63 -21.61 -48.47
N SER D 1154 27.87 -22.57 -49.04
CA SER D 1154 26.96 -22.49 -50.22
C SER D 1154 25.88 -21.41 -50.04
N LYS D 1155 25.32 -21.27 -48.82
CA LYS D 1155 24.07 -20.52 -48.48
C LYS D 1155 22.86 -21.13 -49.21
N LYS D 1156 22.76 -22.45 -49.32
CA LYS D 1156 21.54 -23.07 -49.90
C LYS D 1156 20.41 -22.83 -48.91
N LEU D 1157 19.28 -22.32 -49.41
CA LEU D 1157 18.10 -21.96 -48.59
C LEU D 1157 17.39 -23.24 -48.12
N LYS D 1158 17.19 -23.38 -46.81
CA LYS D 1158 16.54 -24.54 -46.12
C LYS D 1158 15.27 -24.10 -45.37
N SER D 1159 14.11 -24.68 -45.71
CA SER D 1159 12.77 -24.43 -45.09
C SER D 1159 12.79 -24.63 -43.56
N VAL D 1160 12.21 -23.66 -42.84
CA VAL D 1160 12.07 -23.70 -41.36
C VAL D 1160 10.65 -23.31 -41.02
N LYS D 1161 10.10 -23.92 -39.98
CA LYS D 1161 8.89 -23.44 -39.28
C LYS D 1161 9.25 -23.42 -37.80
N GLU D 1162 9.13 -22.30 -37.12
CA GLU D 1162 9.36 -22.26 -35.65
C GLU D 1162 8.72 -21.01 -35.01
N LEU D 1163 8.72 -20.98 -33.68
CA LEU D 1163 8.29 -19.75 -32.95
C LEU D 1163 9.50 -18.87 -32.68
N LEU D 1164 9.31 -17.57 -32.88
CA LEU D 1164 10.24 -16.54 -32.40
C LEU D 1164 9.50 -15.70 -31.39
N GLY D 1165 10.06 -15.59 -30.18
CA GLY D 1165 9.65 -14.63 -29.16
C GLY D 1165 10.05 -13.21 -29.54
N ILE D 1166 9.04 -12.36 -29.75
CA ILE D 1166 9.16 -10.88 -29.91
C ILE D 1166 9.20 -10.25 -28.52
N THR D 1167 10.33 -9.64 -28.15
CA THR D 1167 10.54 -9.08 -26.80
C THR D 1167 9.81 -7.76 -26.67
N ILE D 1168 9.52 -7.37 -25.44
CA ILE D 1168 8.84 -6.09 -25.18
C ILE D 1168 9.68 -4.98 -25.86
N MET D 1169 11.02 -5.03 -25.76
CA MET D 1169 11.87 -3.98 -26.36
C MET D 1169 11.73 -4.04 -27.88
N GLU D 1170 11.58 -5.23 -28.45
CA GLU D 1170 11.55 -5.44 -29.92
C GLU D 1170 10.19 -5.11 -30.54
N ARG D 1171 9.12 -5.16 -29.75
CA ARG D 1171 7.75 -5.37 -30.26
C ARG D 1171 7.42 -4.31 -31.29
N SER D 1172 7.82 -3.08 -30.98
CA SER D 1172 7.42 -1.89 -31.76
C SER D 1172 8.11 -1.85 -33.11
N SER D 1173 9.39 -2.24 -33.18
CA SER D 1173 10.09 -2.34 -34.49
C SER D 1173 9.58 -3.58 -35.25
N PHE D 1174 9.20 -4.66 -34.57
CA PHE D 1174 8.56 -5.85 -35.23
C PHE D 1174 7.25 -5.43 -35.89
N GLU D 1175 6.44 -4.59 -35.23
CA GLU D 1175 5.12 -4.19 -35.78
C GLU D 1175 5.31 -3.17 -36.89
N LYS D 1176 6.24 -2.22 -36.74
CA LYS D 1176 6.46 -1.19 -37.78
C LYS D 1176 6.65 -1.94 -39.10
N ASN D 1177 7.48 -2.99 -39.17
CA ASN D 1177 7.54 -3.84 -40.41
C ASN D 1177 7.96 -5.27 -40.08
N PRO D 1178 6.97 -6.19 -40.03
CA PRO D 1178 7.23 -7.58 -39.70
C PRO D 1178 8.39 -8.16 -40.51
N ILE D 1179 8.37 -7.95 -41.83
CA ILE D 1179 9.34 -8.58 -42.77
C ILE D 1179 10.76 -8.17 -42.38
N ASP D 1180 11.03 -6.87 -42.40
CA ASP D 1180 12.41 -6.33 -42.21
C ASP D 1180 12.97 -6.95 -40.94
N PHE D 1181 12.13 -7.06 -39.91
CA PHE D 1181 12.55 -7.53 -38.57
C PHE D 1181 13.01 -8.98 -38.67
N LEU D 1182 12.16 -9.83 -39.24
CA LEU D 1182 12.45 -11.28 -39.32
C LEU D 1182 13.66 -11.49 -40.25
N GLU D 1183 13.77 -10.69 -41.34
CA GLU D 1183 14.91 -10.72 -42.31
C GLU D 1183 16.24 -10.37 -41.64
N ALA D 1184 16.27 -9.35 -40.78
CA ALA D 1184 17.43 -9.03 -39.89
C ALA D 1184 17.75 -10.22 -38.97
N LYS D 1185 16.79 -11.12 -38.73
CA LYS D 1185 16.97 -12.22 -37.76
C LYS D 1185 17.56 -13.44 -38.49
N GLY D 1186 17.57 -13.42 -39.82
CA GLY D 1186 18.25 -14.43 -40.67
C GLY D 1186 17.29 -15.14 -41.60
N TYR D 1187 16.04 -14.70 -41.62
CA TYR D 1187 14.93 -15.43 -42.28
C TYR D 1187 14.93 -14.95 -43.74
N LYS D 1188 14.49 -15.79 -44.66
CA LYS D 1188 14.27 -15.40 -46.07
C LYS D 1188 12.87 -15.80 -46.50
N GLU D 1189 12.37 -15.21 -47.59
CA GLU D 1189 11.13 -15.63 -48.31
C GLU D 1189 10.03 -15.81 -47.27
N VAL D 1190 10.07 -15.00 -46.22
CA VAL D 1190 9.13 -15.16 -45.07
C VAL D 1190 7.73 -15.13 -45.66
N LYS D 1191 6.94 -16.16 -45.38
CA LYS D 1191 5.48 -16.19 -45.66
C LYS D 1191 4.79 -15.28 -44.64
N LYS D 1192 4.48 -14.05 -45.10
CA LYS D 1192 3.90 -12.93 -44.31
C LYS D 1192 2.45 -13.27 -43.93
N ASP D 1193 1.80 -14.15 -44.70
CA ASP D 1193 0.35 -14.45 -44.57
C ASP D 1193 0.11 -15.57 -43.56
N LEU D 1194 1.17 -16.22 -43.09
CA LEU D 1194 1.15 -17.32 -42.09
C LEU D 1194 1.82 -16.85 -40.79
N ILE D 1195 2.08 -15.56 -40.68
CA ILE D 1195 2.55 -15.02 -39.38
C ILE D 1195 1.33 -15.02 -38.46
N ILE D 1196 1.38 -15.75 -37.38
CA ILE D 1196 0.29 -15.75 -36.39
C ILE D 1196 0.85 -15.12 -35.11
N LYS D 1197 0.16 -14.12 -34.55
CA LYS D 1197 0.44 -13.62 -33.17
C LYS D 1197 0.11 -14.75 -32.18
N LEU D 1198 1.03 -15.15 -31.31
CA LEU D 1198 0.67 -16.15 -30.29
C LEU D 1198 0.97 -15.55 -28.94
N PRO D 1199 -0.04 -14.89 -28.35
CA PRO D 1199 0.13 -14.29 -27.03
C PRO D 1199 0.27 -15.39 -25.97
N LYS D 1200 0.67 -15.01 -24.76
CA LYS D 1200 0.87 -15.96 -23.63
C LYS D 1200 -0.46 -16.65 -23.32
N TYR D 1201 -0.41 -17.98 -23.12
CA TYR D 1201 -1.50 -18.95 -22.81
C TYR D 1201 -2.21 -19.46 -24.09
N SER D 1202 -1.79 -19.06 -25.28
CA SER D 1202 -2.28 -19.68 -26.54
C SER D 1202 -2.34 -21.21 -26.33
N LEU D 1203 -3.46 -21.83 -26.65
CA LEU D 1203 -3.79 -23.22 -26.23
C LEU D 1203 -3.72 -24.12 -27.45
N PHE D 1204 -3.08 -25.27 -27.31
CA PHE D 1204 -2.84 -26.22 -28.41
C PHE D 1204 -3.30 -27.60 -27.97
N GLU D 1205 -3.93 -28.31 -28.87
CA GLU D 1205 -4.35 -29.69 -28.59
C GLU D 1205 -3.46 -30.60 -29.44
N LEU D 1206 -2.95 -31.66 -28.83
CA LEU D 1206 -1.97 -32.59 -29.44
C LEU D 1206 -2.64 -33.95 -29.63
N GLU D 1207 -1.94 -35.04 -29.31
CA GLU D 1207 -2.50 -36.41 -29.41
C GLU D 1207 -3.24 -36.68 -28.09
N ASN D 1208 -4.30 -37.48 -28.17
CA ASN D 1208 -4.95 -38.15 -27.01
C ASN D 1208 -5.60 -37.11 -26.10
N GLY D 1209 -6.07 -35.98 -26.65
CA GLY D 1209 -6.67 -34.87 -25.86
C GLY D 1209 -5.66 -34.02 -25.10
N ARG D 1210 -4.37 -34.35 -25.19
CA ARG D 1210 -3.27 -33.62 -24.48
C ARG D 1210 -3.29 -32.16 -24.92
N LYS D 1211 -3.30 -31.22 -23.98
CA LYS D 1211 -3.28 -29.79 -24.34
C LYS D 1211 -2.05 -29.10 -23.74
N ARG D 1212 -1.54 -28.09 -24.45
CA ARG D 1212 -0.41 -27.27 -23.96
C ARG D 1212 -0.76 -25.79 -24.11
N MET D 1213 -0.41 -25.01 -23.10
CA MET D 1213 -0.56 -23.55 -23.11
C MET D 1213 0.82 -22.93 -23.34
N LEU D 1214 0.91 -21.97 -24.26
CA LEU D 1214 2.19 -21.28 -24.57
C LEU D 1214 2.59 -20.43 -23.36
N ALA D 1215 3.73 -20.72 -22.75
CA ALA D 1215 4.31 -19.84 -21.71
C ALA D 1215 5.19 -18.77 -22.37
N SER D 1216 5.73 -19.08 -23.53
CA SER D 1216 6.83 -18.32 -24.19
C SER D 1216 7.21 -18.97 -25.52
N ALA D 1217 8.16 -18.38 -26.23
CA ALA D 1217 8.55 -18.91 -27.55
C ALA D 1217 9.10 -20.34 -27.37
N GLY D 1218 9.79 -20.62 -26.25
CA GLY D 1218 10.44 -21.94 -26.04
C GLY D 1218 10.02 -22.66 -24.77
N VAL D 1219 8.82 -22.36 -24.23
CA VAL D 1219 8.32 -23.00 -22.98
C VAL D 1219 6.81 -23.16 -23.01
N LEU D 1220 6.30 -24.33 -22.65
CA LEU D 1220 4.85 -24.67 -22.66
C LEU D 1220 4.38 -24.85 -21.19
N GLN D 1221 3.07 -24.89 -20.97
CA GLN D 1221 2.46 -25.23 -19.65
C GLN D 1221 1.43 -26.33 -19.83
N LYS D 1222 1.18 -27.07 -18.76
CA LYS D 1222 0.08 -28.03 -18.63
C LYS D 1222 -1.22 -27.30 -19.00
N GLY D 1223 -1.96 -27.81 -20.01
CA GLY D 1223 -3.20 -27.22 -20.55
C GLY D 1223 -4.46 -28.06 -20.27
N ASN D 1224 -4.38 -29.16 -19.50
CA ASN D 1224 -5.51 -30.07 -19.21
C ASN D 1224 -6.01 -29.87 -17.77
N GLU D 1225 -7.33 -30.04 -17.55
CA GLU D 1225 -8.01 -30.20 -16.24
C GLU D 1225 -8.36 -31.66 -16.04
N LEU D 1226 -7.95 -32.20 -14.90
CA LEU D 1226 -8.28 -33.56 -14.40
C LEU D 1226 -9.68 -33.56 -13.74
N ALA D 1227 -10.65 -34.23 -14.38
CA ALA D 1227 -12.05 -34.31 -13.92
C ALA D 1227 -12.18 -35.53 -13.02
N LEU D 1228 -11.85 -35.38 -11.75
CA LEU D 1228 -11.96 -36.45 -10.73
C LEU D 1228 -13.41 -36.63 -10.35
N PRO D 1229 -13.95 -37.87 -10.36
CA PRO D 1229 -15.33 -38.11 -9.88
C PRO D 1229 -15.64 -37.58 -8.47
N SER D 1230 -16.88 -37.14 -8.22
CA SER D 1230 -17.34 -36.48 -6.95
C SER D 1230 -17.16 -37.40 -5.74
N LYS D 1231 -17.38 -38.72 -5.88
CA LYS D 1231 -17.27 -39.63 -4.72
C LYS D 1231 -15.84 -39.54 -4.15
N TYR D 1232 -14.84 -39.29 -5.00
CA TYR D 1232 -13.41 -39.18 -4.58
C TYR D 1232 -13.13 -37.80 -3.98
N VAL D 1233 -13.75 -36.76 -4.54
CA VAL D 1233 -13.60 -35.36 -4.04
C VAL D 1233 -14.06 -35.39 -2.58
N ASN D 1234 -15.23 -35.96 -2.31
CA ASN D 1234 -15.82 -35.99 -0.96
C ASN D 1234 -14.90 -36.78 -0.04
N PHE D 1235 -14.44 -37.92 -0.52
CA PHE D 1235 -13.59 -38.82 0.30
C PHE D 1235 -12.33 -38.05 0.71
N LEU D 1236 -11.68 -37.37 -0.24
CA LEU D 1236 -10.46 -36.58 0.03
C LEU D 1236 -10.76 -35.50 1.07
N TYR D 1237 -11.95 -34.92 1.03
CA TYR D 1237 -12.35 -33.78 1.89
C TYR D 1237 -12.37 -34.24 3.35
N LEU D 1238 -13.24 -35.21 3.61
CA LEU D 1238 -13.52 -35.75 4.97
C LEU D 1238 -12.25 -36.41 5.50
N ALA D 1239 -11.64 -37.32 4.72
CA ALA D 1239 -10.35 -37.96 5.07
C ALA D 1239 -9.43 -36.89 5.65
N SER D 1240 -9.15 -35.86 4.86
CA SER D 1240 -8.10 -34.84 5.15
C SER D 1240 -8.47 -34.05 6.40
N HIS D 1241 -9.73 -34.07 6.87
CA HIS D 1241 -10.06 -33.47 8.18
C HIS D 1241 -11.01 -34.37 8.98
N TYR D 1242 -10.45 -35.48 9.48
CA TYR D 1242 -10.98 -36.31 10.59
C TYR D 1242 -11.24 -35.40 11.80
N GLU D 1243 -10.48 -34.31 11.99
CA GLU D 1243 -10.79 -33.14 12.88
C GLU D 1243 -12.02 -32.35 12.38
N LYS D 1244 -13.24 -32.89 12.53
CA LYS D 1244 -14.51 -32.39 11.91
C LYS D 1244 -15.33 -31.57 12.91
N PRO D 1249 -21.42 -34.84 15.82
CA PRO D 1249 -21.92 -35.68 16.94
C PRO D 1249 -22.15 -37.16 16.54
N GLU D 1250 -23.42 -37.58 16.36
CA GLU D 1250 -23.82 -38.87 15.72
C GLU D 1250 -23.65 -38.74 14.19
N ASP D 1251 -23.62 -37.49 13.69
CA ASP D 1251 -23.32 -37.11 12.29
C ASP D 1251 -21.84 -37.43 11.95
N ASN D 1252 -20.90 -37.36 12.92
CA ASN D 1252 -19.45 -37.59 12.71
C ASN D 1252 -19.12 -39.09 12.87
N GLU D 1253 -20.13 -39.93 13.14
CA GLU D 1253 -20.04 -41.43 13.01
C GLU D 1253 -20.08 -41.75 11.52
N GLN D 1254 -21.24 -41.55 10.87
CA GLN D 1254 -21.45 -41.74 9.40
C GLN D 1254 -20.25 -41.16 8.64
N LYS D 1255 -19.73 -39.97 9.01
CA LYS D 1255 -18.60 -39.25 8.34
C LYS D 1255 -17.29 -40.06 8.46
N GLN D 1256 -16.83 -40.42 9.67
CA GLN D 1256 -15.51 -41.11 9.87
C GLN D 1256 -15.61 -42.58 9.41
N LEU D 1257 -16.80 -43.20 9.41
CA LEU D 1257 -17.08 -44.61 8.99
C LEU D 1257 -17.12 -44.74 7.45
N PHE D 1258 -17.49 -43.67 6.73
CA PHE D 1258 -17.47 -43.57 5.25
C PHE D 1258 -16.03 -43.62 4.74
N VAL D 1259 -15.16 -42.87 5.40
CA VAL D 1259 -13.70 -42.86 5.13
C VAL D 1259 -13.17 -44.29 5.31
N GLU D 1260 -13.41 -44.90 6.46
CA GLU D 1260 -12.75 -46.18 6.82
C GLU D 1260 -13.23 -47.26 5.85
N GLN D 1261 -14.52 -47.22 5.51
CA GLN D 1261 -15.22 -48.08 4.51
C GLN D 1261 -14.46 -48.01 3.19
N HIS D 1262 -14.34 -46.80 2.63
CA HIS D 1262 -13.87 -46.55 1.23
C HIS D 1262 -12.35 -46.18 1.23
N LYS D 1263 -11.51 -46.94 1.96
CA LYS D 1263 -10.03 -46.70 2.09
C LYS D 1263 -9.36 -47.08 0.79
N HIS D 1264 -9.95 -48.02 0.07
CA HIS D 1264 -9.58 -48.45 -1.31
C HIS D 1264 -9.82 -47.32 -2.33
N TYR D 1265 -10.49 -46.22 -1.97
CA TYR D 1265 -10.61 -45.00 -2.81
C TYR D 1265 -9.22 -44.37 -2.99
N LEU D 1266 -8.26 -44.72 -2.13
CA LEU D 1266 -6.88 -44.20 -2.20
C LEU D 1266 -6.21 -44.74 -3.48
N ASP D 1267 -6.14 -46.06 -3.63
CA ASP D 1267 -5.55 -46.67 -4.85
C ASP D 1267 -6.26 -46.08 -6.08
N GLU D 1268 -7.60 -46.04 -6.04
CA GLU D 1268 -8.45 -45.76 -7.23
C GLU D 1268 -8.13 -44.35 -7.74
N ILE D 1269 -7.82 -43.44 -6.80
CA ILE D 1269 -7.41 -42.02 -7.04
C ILE D 1269 -5.99 -41.99 -7.57
N ILE D 1270 -5.06 -42.67 -6.90
CA ILE D 1270 -3.68 -42.73 -7.44
C ILE D 1270 -3.76 -43.18 -8.90
N GLU D 1271 -4.66 -44.12 -9.22
CA GLU D 1271 -4.73 -44.72 -10.58
C GLU D 1271 -5.28 -43.66 -11.52
N GLN D 1272 -6.19 -42.82 -11.04
CA GLN D 1272 -6.85 -41.78 -11.87
C GLN D 1272 -5.81 -40.70 -12.23
N ILE D 1273 -4.90 -40.40 -11.29
CA ILE D 1273 -3.78 -39.41 -11.42
C ILE D 1273 -2.75 -39.94 -12.42
N SER D 1274 -2.43 -41.24 -12.37
CA SER D 1274 -1.43 -41.85 -13.27
C SER D 1274 -1.99 -41.97 -14.68
N GLU D 1275 -3.23 -42.39 -14.84
CA GLU D 1275 -3.80 -42.53 -16.21
C GLU D 1275 -3.76 -41.15 -16.88
N PHE D 1276 -4.23 -40.13 -16.17
CA PHE D 1276 -4.11 -38.70 -16.54
C PHE D 1276 -2.64 -38.31 -16.80
N SER D 1277 -1.79 -38.45 -15.79
CA SER D 1277 -0.38 -38.02 -15.88
C SER D 1277 0.33 -38.74 -17.04
N LYS D 1278 -0.03 -40.00 -17.34
CA LYS D 1278 0.61 -40.79 -18.42
C LYS D 1278 0.08 -40.36 -19.81
N ARG D 1279 -1.12 -39.83 -19.88
CA ARG D 1279 -1.65 -39.53 -21.23
C ARG D 1279 -1.44 -38.07 -21.60
N VAL D 1280 -1.15 -37.24 -20.63
CA VAL D 1280 -1.25 -35.77 -20.83
C VAL D 1280 -0.09 -35.00 -20.19
N ILE D 1281 0.49 -35.46 -19.09
CA ILE D 1281 1.58 -34.75 -18.36
C ILE D 1281 2.97 -35.11 -18.94
N LEU D 1282 3.24 -36.40 -19.12
CA LEU D 1282 4.46 -37.01 -19.74
C LEU D 1282 5.67 -36.60 -18.90
N ALA D 1283 5.56 -36.84 -17.59
CA ALA D 1283 6.62 -36.66 -16.58
C ALA D 1283 6.98 -38.05 -16.07
N ASP D 1284 7.50 -38.88 -16.97
CA ASP D 1284 7.76 -40.32 -16.73
C ASP D 1284 8.53 -40.49 -15.41
N ALA D 1285 9.63 -39.80 -15.21
CA ALA D 1285 10.47 -39.97 -14.01
C ALA D 1285 9.72 -39.47 -12.78
N ASN D 1286 9.06 -38.33 -12.85
CA ASN D 1286 8.33 -37.80 -11.67
C ASN D 1286 7.20 -38.74 -11.26
N LEU D 1287 6.52 -39.41 -12.19
CA LEU D 1287 5.40 -40.34 -11.82
C LEU D 1287 5.91 -41.51 -10.96
N ASP D 1288 7.01 -42.14 -11.39
CA ASP D 1288 7.69 -43.23 -10.65
C ASP D 1288 7.99 -42.76 -9.23
N LYS D 1289 8.40 -41.50 -9.07
CA LYS D 1289 8.75 -40.98 -7.73
C LYS D 1289 7.48 -40.87 -6.87
N VAL D 1290 6.32 -40.49 -7.43
CA VAL D 1290 5.05 -40.39 -6.64
C VAL D 1290 4.53 -41.80 -6.34
N LEU D 1291 4.60 -42.72 -7.30
CA LEU D 1291 4.15 -44.12 -7.10
C LEU D 1291 4.98 -44.79 -5.99
N SER D 1292 6.30 -44.71 -6.06
CA SER D 1292 7.18 -45.31 -5.03
C SER D 1292 6.79 -44.71 -3.67
N ALA D 1293 6.67 -43.38 -3.61
CA ALA D 1293 6.34 -42.67 -2.36
C ALA D 1293 4.99 -43.15 -1.81
N TYR D 1294 3.93 -43.11 -2.63
CA TYR D 1294 2.56 -43.56 -2.22
C TYR D 1294 2.67 -44.97 -1.60
N ASN D 1295 3.11 -45.95 -2.40
CA ASN D 1295 3.24 -47.36 -1.95
C ASN D 1295 4.10 -47.45 -0.68
N LYS D 1296 5.10 -46.59 -0.50
CA LYS D 1296 5.98 -46.64 0.71
C LYS D 1296 5.22 -46.12 1.94
N HIS D 1297 4.17 -45.32 1.80
CA HIS D 1297 3.54 -44.65 2.98
C HIS D 1297 2.14 -45.21 3.20
N ARG D 1298 1.90 -46.45 2.76
CA ARG D 1298 0.52 -47.01 2.73
C ARG D 1298 0.05 -47.31 4.16
N ASP D 1299 0.96 -47.72 5.06
CA ASP D 1299 0.66 -48.17 6.45
C ASP D 1299 0.49 -46.94 7.35
N LYS D 1300 0.73 -45.72 6.83
CA LYS D 1300 0.42 -44.43 7.50
C LYS D 1300 -1.10 -44.17 7.51
N PRO D 1301 -1.62 -43.32 8.42
CA PRO D 1301 -3.06 -43.12 8.54
C PRO D 1301 -3.69 -42.63 7.24
N ILE D 1302 -5.00 -42.88 7.08
CA ILE D 1302 -5.81 -42.48 5.89
C ILE D 1302 -5.77 -40.95 5.83
N ARG D 1303 -6.05 -40.27 6.94
CA ARG D 1303 -6.09 -38.79 6.98
C ARG D 1303 -4.80 -38.29 6.34
N GLU D 1304 -3.67 -38.85 6.77
CA GLU D 1304 -2.33 -38.30 6.46
C GLU D 1304 -1.99 -38.64 5.00
N GLN D 1305 -2.49 -39.75 4.47
CA GLN D 1305 -2.31 -40.09 3.03
C GLN D 1305 -3.13 -39.15 2.14
N ALA D 1306 -4.37 -38.80 2.54
CA ALA D 1306 -5.27 -37.90 1.78
C ALA D 1306 -4.70 -36.48 1.71
N GLU D 1307 -4.16 -35.93 2.81
CA GLU D 1307 -3.56 -34.56 2.80
C GLU D 1307 -2.48 -34.53 1.71
N ASN D 1308 -1.78 -35.65 1.55
CA ASN D 1308 -0.56 -35.76 0.73
C ASN D 1308 -0.93 -36.04 -0.72
N ILE D 1309 -2.06 -36.72 -0.94
CA ILE D 1309 -2.68 -36.88 -2.28
C ILE D 1309 -3.01 -35.48 -2.79
N ILE D 1310 -3.49 -34.61 -1.91
CA ILE D 1310 -3.96 -33.26 -2.29
C ILE D 1310 -2.77 -32.45 -2.79
N HIS D 1311 -1.55 -32.75 -2.31
CA HIS D 1311 -0.31 -32.15 -2.87
C HIS D 1311 -0.06 -32.70 -4.27
N LEU D 1312 -0.32 -34.00 -4.51
CA LEU D 1312 0.02 -34.68 -5.79
C LEU D 1312 -0.65 -34.02 -6.99
N PHE D 1313 -1.78 -33.35 -6.77
CA PHE D 1313 -2.56 -32.69 -7.85
C PHE D 1313 -1.71 -31.58 -8.49
N THR D 1314 -0.73 -31.04 -7.78
CA THR D 1314 0.08 -29.96 -8.37
C THR D 1314 0.79 -30.66 -9.52
N LEU D 1315 1.13 -31.93 -9.39
CA LEU D 1315 1.68 -32.64 -10.56
C LEU D 1315 0.79 -32.37 -11.76
N THR D 1316 -0.52 -32.41 -11.58
CA THR D 1316 -1.56 -32.48 -12.66
C THR D 1316 -2.18 -31.11 -13.02
N ASN D 1317 -2.16 -30.11 -12.13
CA ASN D 1317 -2.75 -28.75 -12.32
C ASN D 1317 -2.43 -28.15 -13.71
N LEU D 1318 -3.43 -27.52 -14.32
CA LEU D 1318 -3.29 -26.53 -15.43
C LEU D 1318 -2.23 -25.49 -15.02
N GLY D 1319 -1.41 -25.04 -15.97
CA GLY D 1319 -0.36 -24.03 -15.77
C GLY D 1319 1.04 -24.63 -15.58
N ALA D 1320 1.91 -23.87 -14.98
CA ALA D 1320 3.36 -24.11 -15.02
C ALA D 1320 3.68 -25.25 -14.07
N PRO D 1321 4.47 -26.25 -14.49
CA PRO D 1321 4.98 -27.28 -13.60
C PRO D 1321 5.63 -26.57 -12.41
N ALA D 1322 5.47 -27.13 -11.21
CA ALA D 1322 5.81 -26.53 -9.91
C ALA D 1322 6.21 -27.62 -8.94
N ALA D 1323 7.10 -27.37 -8.00
CA ALA D 1323 7.55 -28.41 -7.06
C ALA D 1323 6.47 -28.66 -6.00
N PHE D 1324 6.33 -29.91 -5.60
CA PHE D 1324 5.49 -30.30 -4.44
C PHE D 1324 6.21 -31.42 -3.73
N LYS D 1325 5.85 -31.58 -2.45
CA LYS D 1325 6.31 -32.67 -1.57
C LYS D 1325 5.24 -33.76 -1.53
N TYR D 1326 5.67 -35.02 -1.54
CA TYR D 1326 4.86 -36.16 -1.05
C TYR D 1326 5.45 -36.60 0.29
N PHE D 1327 4.72 -36.39 1.39
CA PHE D 1327 5.22 -36.60 2.77
C PHE D 1327 6.55 -35.87 2.90
N ASP D 1328 7.66 -36.54 2.65
CA ASP D 1328 9.00 -35.92 2.78
C ASP D 1328 9.71 -35.88 1.44
N THR D 1329 9.30 -36.69 0.45
CA THR D 1329 9.88 -36.64 -0.93
C THR D 1329 9.49 -35.32 -1.61
N THR D 1330 10.48 -34.60 -2.17
CA THR D 1330 10.27 -33.43 -3.07
C THR D 1330 10.31 -33.97 -4.50
N ILE D 1331 9.27 -33.68 -5.28
CA ILE D 1331 9.22 -34.00 -6.74
C ILE D 1331 9.44 -32.67 -7.44
N ASP D 1332 10.63 -32.49 -8.00
CA ASP D 1332 10.94 -31.24 -8.72
C ASP D 1332 10.16 -31.22 -10.02
N ARG D 1333 9.90 -30.00 -10.47
CA ARG D 1333 9.07 -29.76 -11.66
C ARG D 1333 9.71 -30.29 -12.92
N LYS D 1334 9.03 -31.23 -13.55
CA LYS D 1334 9.33 -31.58 -14.96
C LYS D 1334 8.76 -30.47 -15.86
N ARG D 1335 9.63 -29.75 -16.53
CA ARG D 1335 9.34 -28.52 -17.31
C ARG D 1335 9.26 -28.84 -18.79
N TYR D 1336 8.42 -28.16 -19.54
CA TYR D 1336 8.37 -28.34 -21.01
C TYR D 1336 9.17 -27.19 -21.62
N THR D 1337 10.31 -27.55 -22.23
CA THR D 1337 11.39 -26.62 -22.63
C THR D 1337 11.49 -26.56 -24.16
N SER D 1338 10.45 -26.89 -24.90
CA SER D 1338 10.41 -26.74 -26.37
C SER D 1338 8.97 -26.58 -26.82
N THR D 1339 8.75 -25.80 -27.85
CA THR D 1339 7.41 -25.50 -28.43
C THR D 1339 7.30 -26.16 -29.79
N LYS D 1340 8.23 -27.04 -30.15
CA LYS D 1340 8.21 -27.59 -31.52
C LYS D 1340 6.94 -28.43 -31.67
N GLU D 1341 6.62 -29.28 -30.71
CA GLU D 1341 5.48 -30.24 -30.87
C GLU D 1341 4.23 -29.43 -31.23
N VAL D 1342 4.07 -28.17 -30.79
CA VAL D 1342 2.79 -27.43 -31.06
C VAL D 1342 2.78 -26.90 -32.49
N LEU D 1343 3.92 -26.88 -33.16
CA LEU D 1343 4.01 -26.31 -34.53
C LEU D 1343 3.16 -27.16 -35.46
N ASP D 1344 2.95 -28.43 -35.13
CA ASP D 1344 2.17 -29.36 -35.99
C ASP D 1344 0.84 -29.71 -35.32
N ALA D 1345 0.62 -29.24 -34.10
CA ALA D 1345 -0.61 -29.46 -33.31
C ALA D 1345 -1.75 -28.53 -33.79
N THR D 1346 -2.87 -28.55 -33.08
CA THR D 1346 -4.09 -27.79 -33.36
C THR D 1346 -4.16 -26.56 -32.45
N LEU D 1347 -4.10 -25.37 -33.04
CA LEU D 1347 -4.30 -24.11 -32.27
C LEU D 1347 -5.80 -23.94 -32.01
N ILE D 1348 -6.18 -23.71 -30.76
CA ILE D 1348 -7.60 -23.49 -30.37
C ILE D 1348 -7.79 -22.06 -29.89
N HIS D 1349 -8.44 -21.23 -30.69
CA HIS D 1349 -8.86 -19.87 -30.34
C HIS D 1349 -10.20 -19.98 -29.61
N GLN D 1350 -10.25 -19.69 -28.32
CA GLN D 1350 -11.48 -19.80 -27.51
C GLN D 1350 -12.02 -18.39 -27.32
N SER D 1351 -13.34 -18.23 -27.40
CA SER D 1351 -14.11 -17.04 -26.95
C SER D 1351 -14.05 -16.98 -25.42
N ILE D 1352 -14.62 -15.95 -24.82
CA ILE D 1352 -14.34 -15.67 -23.39
C ILE D 1352 -14.94 -16.79 -22.54
N THR D 1353 -16.14 -17.22 -22.87
CA THR D 1353 -16.81 -18.36 -22.18
C THR D 1353 -16.21 -19.71 -22.59
N GLY D 1354 -15.48 -19.84 -23.68
CA GLY D 1354 -15.03 -21.15 -24.20
C GLY D 1354 -16.03 -21.77 -25.15
N LEU D 1355 -17.20 -21.17 -25.30
CA LEU D 1355 -18.29 -21.85 -26.04
C LEU D 1355 -18.00 -21.81 -27.55
N TYR D 1356 -17.44 -20.70 -28.02
CA TYR D 1356 -17.12 -20.57 -29.45
C TYR D 1356 -15.63 -20.83 -29.62
N GLU D 1357 -15.29 -21.71 -30.55
CA GLU D 1357 -13.88 -22.05 -30.79
C GLU D 1357 -13.60 -21.93 -32.28
N THR D 1358 -12.39 -21.47 -32.60
CA THR D 1358 -11.86 -21.54 -33.98
C THR D 1358 -10.66 -22.46 -33.87
N ARG D 1359 -10.69 -23.57 -34.57
CA ARG D 1359 -9.62 -24.59 -34.51
C ARG D 1359 -8.75 -24.55 -35.76
N ILE D 1360 -7.46 -24.34 -35.55
CA ILE D 1360 -6.46 -24.32 -36.65
C ILE D 1360 -5.49 -25.48 -36.43
N ASP D 1361 -5.35 -26.29 -37.48
CA ASP D 1361 -4.33 -27.33 -37.60
C ASP D 1361 -3.11 -26.69 -38.29
N LEU D 1362 -1.96 -26.67 -37.61
CA LEU D 1362 -0.74 -25.95 -38.08
C LEU D 1362 0.10 -26.91 -38.94
N SER D 1363 -0.25 -28.17 -39.03
CA SER D 1363 0.41 -29.11 -39.97
C SER D 1363 0.04 -28.72 -41.41
N GLN D 1364 -0.93 -27.81 -41.57
CA GLN D 1364 -1.51 -27.43 -42.89
C GLN D 1364 -0.97 -26.08 -43.39
N LEU D 1365 0.09 -25.52 -42.77
CA LEU D 1365 0.69 -24.21 -43.16
C LEU D 1365 2.14 -24.39 -43.60
N GLY D 1366 2.93 -25.12 -42.78
CA GLY D 1366 4.40 -25.28 -42.84
C GLY D 1366 4.92 -25.94 -44.10
N GLY D 1367 5.31 -25.12 -45.08
CA GLY D 1367 6.12 -25.52 -46.24
C GLY D 1367 7.38 -24.67 -46.34
P PO4 E . 27.41 4.85 -6.29
O1 PO4 E . 27.85 3.92 -7.44
O2 PO4 E . 27.37 6.30 -6.80
O3 PO4 E . 28.42 4.74 -5.13
O4 PO4 E . 26.01 4.45 -5.84
P PO4 F . -1.71 -4.72 -25.21
O1 PO4 F . -0.46 -4.67 -26.05
O2 PO4 F . -2.88 -5.34 -26.00
O3 PO4 F . -1.44 -5.58 -23.97
O4 PO4 F . -2.08 -3.30 -24.78
P PO4 G . -35.29 -4.47 8.44
O1 PO4 G . -34.28 -5.40 7.78
O2 PO4 G . -34.66 -3.09 8.65
O3 PO4 G . -35.71 -5.05 9.77
O4 PO4 G . -36.52 -4.32 7.54
P PO4 H . -9.49 -31.78 -20.46
O1 PO4 H . -9.03 -33.18 -20.80
O2 PO4 H . -10.34 -31.23 -21.63
O3 PO4 H . -8.30 -30.86 -20.26
O4 PO4 H . -10.30 -31.85 -19.15
P PO4 I . 43.26 14.43 -26.09
O1 PO4 I . 43.49 13.66 -27.40
O2 PO4 I . 41.79 14.75 -25.98
O3 PO4 I . 44.03 15.74 -26.11
O4 PO4 I . 43.71 13.56 -24.90
P PO4 J . 30.62 34.17 3.56
O1 PO4 J . 31.92 33.68 2.89
O2 PO4 J . 29.76 35.00 2.57
O3 PO4 J . 29.84 32.96 4.05
O4 PO4 J . 30.98 35.03 4.77
P PO4 K . -12.94 -26.31 4.85
O1 PO4 K . -12.38 -27.24 3.78
O2 PO4 K . -13.00 -24.88 4.30
O3 PO4 K . -12.03 -26.35 6.08
O4 PO4 K . -14.33 -26.76 5.24
P PO4 L . -40.82 -21.36 6.69
O1 PO4 L . -39.75 -21.71 5.68
O2 PO4 L . -40.94 -22.52 7.68
O3 PO4 L . -40.43 -20.08 7.44
O4 PO4 L . -42.14 -21.15 5.97
P PO4 M . -17.58 -48.05 -4.37
O1 PO4 M . -17.28 -48.99 -5.54
O2 PO4 M . -17.45 -46.61 -4.86
O3 PO4 M . -16.61 -48.31 -3.22
O4 PO4 M . -19.01 -48.27 -3.89
#